data_9GY2
#
_entry.id   9GY2
#
_cell.length_a   61.270
_cell.length_b   110.432
_cell.length_c   98.619
_cell.angle_alpha   90.000
_cell.angle_beta   101.030
_cell.angle_gamma   90.000
#
_symmetry.space_group_name_H-M   'P 1 21 1'
#
loop_
_entity.id
_entity.type
_entity.pdbx_description
1 polymer 'phospholipase C'
2 non-polymer 'CALCIUM ION'
3 water water
#
_entity_poly.entity_id   1
_entity_poly.type   'polypeptide(L)'
_entity_poly.pdbx_seq_one_letter_code
;MGSSHHHHHHSQDPMISKSRRSFIRLAAGTVGATVATSMLPSSIQAALAIPAHRRHGNLKDVEHVVILMQENRSFDHYFG
TLKGVRGFGDRMAIPLPDGQRVWHQKGSKGEILPYHFDTSTTSAQRVDGTPHTWPDAQQAWNEGRMDKWLPAKTERSLGY
YKEQDIAFQFAMANAFTICDAYHCSFQGG(TPO)NPNRLFLWTGTNDPLGQHGGPVTTNDHDSNGPVEQGYTWTTYPERL
QAAGITWRVYQDMADNFSDNPLIGFRQYRAAAPDSPLIVNGLSTWKLDALKRDVLANSLPQVSWIVAPAKYSEHPGPSSP
IWGAEYTSWVLDALTANPEVWSKTALLVMFDENDGFFDHIAPPAAPSLNKDGTLRGKTTADATLEWHTKGDIRYRNQPYG
LGPRVPMYVISPWSKGGWVNSQVFDHTSVIRFLEQRFGVMEPNISPWRRAVCGDLTSAFNFANPNNEPFPELPDTSQADA
IVASQIKLPKPKPPAVAAMPKQEMGIRPARALPYELGVHARYRSGGDALSLTFANTGKAGAVFQVFDLLDSENPPKRYTV
GARKRLHDSFQGDASGDYHLEVHGPNGFLRVFRGNLARDLAERKAPLPEVRIDYEPLFGNLRVQLINRGRHPVKLTVKDN
VYRQGERRTVNVPPGQRREVRYSLRSSGNWYDFSVSAQGSDSFLRRFSGRMEDGRSGFSDPGMGLGTLTF
;
_entity_poly.pdbx_strand_id   A,B
#
loop_
_chem_comp.id
_chem_comp.type
_chem_comp.name
_chem_comp.formula
CA non-polymer 'CALCIUM ION' 'Ca 2'
#
# COMPACT_ATOMS: atom_id res chain seq x y z
N GLY A 57 15.05 28.73 35.84
CA GLY A 57 14.12 27.91 35.10
C GLY A 57 14.57 27.74 33.66
N ASN A 58 14.66 26.50 33.20
CA ASN A 58 15.15 26.27 31.84
C ASN A 58 14.68 24.90 31.37
N LEU A 59 15.12 24.56 30.15
CA LEU A 59 14.68 23.34 29.49
C LEU A 59 14.93 22.10 30.33
N LYS A 60 15.96 22.12 31.17
CA LYS A 60 16.28 20.92 31.94
C LYS A 60 15.21 20.61 33.00
N ASP A 61 14.30 21.56 33.27
CA ASP A 61 13.22 21.31 34.20
C ASP A 61 12.17 20.36 33.63
N VAL A 62 12.16 20.19 32.31
CA VAL A 62 11.31 19.17 31.70
C VAL A 62 11.86 17.80 32.05
N GLU A 63 11.02 16.97 32.67
CA GLU A 63 11.42 15.60 32.95
C GLU A 63 10.68 14.58 32.09
N HIS A 64 9.58 14.96 31.47
CA HIS A 64 8.78 14.05 30.67
C HIS A 64 8.29 14.81 29.45
N VAL A 65 8.49 14.23 28.28
CA VAL A 65 7.90 14.74 27.05
C VAL A 65 6.88 13.71 26.58
N VAL A 66 5.67 14.17 26.28
CA VAL A 66 4.58 13.32 25.81
C VAL A 66 4.16 13.84 24.45
N ILE A 67 4.05 12.94 23.48
CA ILE A 67 3.82 13.28 22.08
C ILE A 67 2.55 12.58 21.61
N LEU A 68 1.50 13.36 21.36
CA LEU A 68 0.24 12.82 20.85
C LEU A 68 0.05 13.33 19.42
N MET A 69 0.26 12.45 18.44
CA MET A 69 0.02 12.79 17.03
C MET A 69 -1.34 12.22 16.63
N GLN A 70 -2.28 13.13 16.37
CA GLN A 70 -3.60 12.84 15.83
C GLN A 70 -3.49 12.85 14.31
N GLU A 71 -4.64 12.74 13.62
CA GLU A 71 -4.69 12.45 12.20
C GLU A 71 -5.49 13.48 11.41
N ASN A 72 -4.89 13.97 10.32
CA ASN A 72 -5.61 14.45 9.14
C ASN A 72 -6.46 15.71 9.34
N ARG A 73 -5.82 16.81 9.77
CA ARG A 73 -6.52 18.10 9.86
C ARG A 73 -5.54 19.20 9.51
N SER A 74 -5.94 20.14 8.65
CA SER A 74 -5.05 21.25 8.33
C SER A 74 -5.25 22.39 9.32
N PHE A 75 -4.26 23.29 9.35
CA PHE A 75 -4.32 24.40 10.30
C PHE A 75 -5.55 25.29 10.02
N ASP A 76 -5.69 25.79 8.77
CA ASP A 76 -6.83 26.69 8.49
C ASP A 76 -8.17 26.00 8.69
N HIS A 77 -8.22 24.69 8.43
CA HIS A 77 -9.46 23.92 8.60
C HIS A 77 -10.01 24.01 10.01
N TYR A 78 -9.14 24.09 11.02
CA TYR A 78 -9.54 24.31 12.40
C TYR A 78 -9.50 25.78 12.79
N PHE A 79 -8.46 26.49 12.42
CA PHE A 79 -8.12 27.74 13.09
C PHE A 79 -7.98 28.92 12.14
N GLY A 80 -8.48 28.81 10.92
CA GLY A 80 -8.49 29.96 10.04
C GLY A 80 -9.22 31.15 10.61
N THR A 81 -10.19 30.92 11.51
CA THR A 81 -10.93 32.01 12.13
C THR A 81 -10.49 32.31 13.56
N LEU A 82 -9.48 31.61 14.08
CA LEU A 82 -9.02 31.83 15.44
C LEU A 82 -8.28 33.16 15.52
N LYS A 83 -8.68 34.04 16.44
CA LYS A 83 -8.03 35.34 16.55
C LYS A 83 -6.55 35.19 16.83
N GLY A 84 -5.73 35.97 16.16
CA GLY A 84 -4.33 36.07 16.55
C GLY A 84 -3.38 35.06 15.96
N VAL A 85 -3.87 34.10 15.18
CA VAL A 85 -3.00 33.23 14.40
C VAL A 85 -3.10 33.68 12.96
N ARG A 86 -2.18 33.18 12.13
CA ARG A 86 -2.15 33.57 10.72
C ARG A 86 -3.15 32.70 9.98
N GLY A 87 -4.37 33.23 9.88
CA GLY A 87 -5.52 32.55 9.32
C GLY A 87 -6.09 33.26 8.12
N PHE A 88 -7.42 33.25 8.00
CA PHE A 88 -8.06 33.77 6.81
C PHE A 88 -7.91 35.29 6.66
N GLY A 89 -7.56 35.98 7.75
CA GLY A 89 -7.31 37.41 7.73
C GLY A 89 -5.86 37.78 7.51
N ASP A 90 -5.02 36.81 7.16
CA ASP A 90 -3.61 37.03 6.87
C ASP A 90 -3.43 38.20 5.91
N ARG A 91 -2.64 39.20 6.32
CA ARG A 91 -2.37 40.34 5.43
C ARG A 91 -1.34 40.01 4.36
N MET A 92 -0.69 38.85 4.44
CA MET A 92 0.48 38.52 3.64
C MET A 92 0.30 37.20 2.89
N ALA A 93 -0.95 36.88 2.53
CA ALA A 93 -1.17 35.69 1.73
C ALA A 93 -0.50 35.82 0.37
N ILE A 94 -0.10 34.66 -0.18
CA ILE A 94 0.59 34.63 -1.46
C ILE A 94 -0.36 34.77 -2.65
N PRO A 95 0.17 35.12 -3.83
CA PRO A 95 -0.65 35.19 -5.04
C PRO A 95 -0.68 33.89 -5.80
N LEU A 96 -1.81 33.68 -6.47
CA LEU A 96 -1.98 32.64 -7.47
C LEU A 96 -1.49 33.12 -8.82
N PRO A 97 -1.40 32.21 -9.79
CA PRO A 97 -0.96 32.62 -11.13
C PRO A 97 -1.84 33.68 -11.79
N ASP A 98 -3.12 33.81 -11.43
CA ASP A 98 -3.97 34.84 -12.01
C ASP A 98 -3.85 36.18 -11.28
N GLY A 99 -2.98 36.27 -10.28
CA GLY A 99 -2.76 37.52 -9.58
C GLY A 99 -3.66 37.76 -8.38
N GLN A 100 -4.68 36.93 -8.18
CA GLN A 100 -5.47 37.02 -6.97
C GLN A 100 -4.76 36.29 -5.82
N ARG A 101 -5.18 36.57 -4.60
CA ARG A 101 -4.65 35.85 -3.45
C ARG A 101 -5.09 34.39 -3.48
N VAL A 102 -4.30 33.57 -2.77
CA VAL A 102 -4.40 32.12 -2.73
C VAL A 102 -5.79 31.57 -2.38
N TRP A 103 -6.65 32.38 -1.76
CA TRP A 103 -7.99 31.91 -1.42
C TRP A 103 -8.79 31.53 -2.65
N HIS A 104 -8.49 32.16 -3.79
CA HIS A 104 -9.36 32.14 -4.96
C HIS A 104 -9.11 30.90 -5.82
N GLN A 105 -9.30 29.75 -5.18
CA GLN A 105 -9.11 28.46 -5.84
C GLN A 105 -10.16 28.23 -6.91
N LYS A 106 -9.73 27.66 -8.03
CA LYS A 106 -10.65 27.41 -9.13
C LYS A 106 -10.65 25.94 -9.53
N GLY A 107 -11.82 25.48 -9.98
CA GLY A 107 -12.00 24.14 -10.43
C GLY A 107 -13.01 24.04 -11.55
N SER A 108 -13.50 22.82 -11.78
CA SER A 108 -14.40 22.56 -12.90
C SER A 108 -15.73 23.29 -12.76
N LYS A 109 -16.07 23.77 -11.58
CA LYS A 109 -17.30 24.52 -11.36
C LYS A 109 -17.03 26.00 -11.13
N GLY A 110 -15.83 26.46 -11.43
CA GLY A 110 -15.47 27.84 -11.16
C GLY A 110 -14.76 27.98 -9.82
N GLU A 111 -14.82 29.19 -9.29
CA GLU A 111 -14.14 29.50 -8.05
C GLU A 111 -14.95 28.98 -6.86
N ILE A 112 -14.25 28.35 -5.92
CA ILE A 112 -14.77 27.97 -4.61
C ILE A 112 -13.79 28.52 -3.57
N LEU A 113 -14.23 29.51 -2.82
CA LEU A 113 -13.47 30.07 -1.71
C LEU A 113 -13.64 29.21 -0.47
N PRO A 114 -12.75 29.35 0.52
CA PRO A 114 -12.99 28.68 1.81
C PRO A 114 -14.39 28.97 2.31
N TYR A 115 -15.03 27.93 2.87
CA TYR A 115 -16.41 28.07 3.30
C TYR A 115 -16.62 27.27 4.59
N HIS A 116 -17.60 27.72 5.37
CA HIS A 116 -17.85 27.16 6.69
C HIS A 116 -18.52 25.79 6.61
N PHE A 117 -17.95 24.82 7.34
CA PHE A 117 -18.56 23.53 7.66
C PHE A 117 -19.39 23.74 8.94
N ASP A 118 -20.71 23.91 8.80
CA ASP A 118 -21.58 24.25 9.92
C ASP A 118 -22.11 22.96 10.54
N THR A 119 -21.57 22.60 11.71
CA THR A 119 -21.98 21.35 12.33
C THR A 119 -23.38 21.40 12.93
N SER A 120 -24.01 22.57 12.99
CA SER A 120 -25.38 22.67 13.51
C SER A 120 -26.43 22.40 12.46
N THR A 121 -26.07 22.44 11.17
CA THR A 121 -27.05 22.26 10.10
C THR A 121 -26.66 21.20 9.08
N THR A 122 -25.45 20.66 9.16
CA THR A 122 -24.95 19.66 8.25
C THR A 122 -24.22 18.60 9.06
N SER A 123 -23.86 17.51 8.41
CA SER A 123 -23.13 16.41 9.03
C SER A 123 -21.63 16.59 8.96
N ALA A 124 -21.17 17.83 8.95
CA ALA A 124 -19.74 18.09 8.77
C ALA A 124 -18.90 17.59 9.94
N GLN A 125 -19.49 17.32 11.11
CA GLN A 125 -18.74 16.63 12.16
C GLN A 125 -18.14 15.34 11.64
N ARG A 126 -18.80 14.70 10.69
CA ARG A 126 -18.35 13.49 10.03
C ARG A 126 -18.22 13.74 8.52
N VAL A 127 -17.51 14.81 8.16
CA VAL A 127 -17.32 15.12 6.75
C VAL A 127 -16.57 13.99 6.06
N ASP A 128 -16.92 13.72 4.82
CA ASP A 128 -16.19 12.73 4.03
C ASP A 128 -14.76 13.19 3.79
N GLY A 129 -13.81 12.32 4.07
CA GLY A 129 -12.42 12.70 3.95
C GLY A 129 -11.99 12.95 2.51
N THR A 130 -10.87 13.65 2.37
CA THR A 130 -10.38 14.05 1.07
C THR A 130 -9.03 13.39 0.77
N PRO A 131 -8.63 13.38 -0.51
CA PRO A 131 -7.39 12.68 -0.89
C PRO A 131 -6.18 13.17 -0.12
N HIS A 132 -5.30 12.23 0.25
CA HIS A 132 -4.12 12.61 0.99
C HIS A 132 -3.01 11.59 0.71
N THR A 133 -2.52 11.56 -0.54
CA THR A 133 -1.36 10.75 -0.91
C THR A 133 -0.36 11.61 -1.67
N TRP A 134 0.85 11.07 -1.85
CA TRP A 134 1.89 11.82 -2.53
C TRP A 134 1.44 12.50 -3.82
N PRO A 135 0.81 11.80 -4.77
CA PRO A 135 0.48 12.47 -6.02
C PRO A 135 -0.52 13.58 -5.86
N ASP A 136 -1.56 13.41 -5.03
CA ASP A 136 -2.55 14.47 -4.97
C ASP A 136 -2.10 15.63 -4.08
N ALA A 137 -1.24 15.37 -3.08
CA ALA A 137 -0.67 16.49 -2.35
C ALA A 137 0.24 17.31 -3.25
N GLN A 138 1.12 16.64 -4.02
CA GLN A 138 1.94 17.35 -4.99
C GLN A 138 1.09 18.05 -6.06
N GLN A 139 0.00 17.41 -6.49
CA GLN A 139 -0.84 18.07 -7.49
C GLN A 139 -1.40 19.39 -6.97
N ALA A 140 -1.92 19.40 -5.73
CA ALA A 140 -2.50 20.61 -5.16
C ALA A 140 -1.44 21.70 -4.99
N TRP A 141 -0.28 21.32 -4.46
CA TRP A 141 0.78 22.29 -4.21
C TRP A 141 1.37 22.84 -5.49
N ASN A 142 1.47 21.98 -6.52
CA ASN A 142 1.84 22.35 -7.88
C ASN A 142 3.11 23.21 -7.92
N GLU A 143 4.19 22.63 -7.38
CA GLU A 143 5.52 23.24 -7.38
C GLU A 143 5.55 24.57 -6.65
N GLY A 144 4.60 24.76 -5.73
CA GLY A 144 4.55 25.95 -4.94
C GLY A 144 3.60 27.01 -5.46
N ARG A 145 2.95 26.76 -6.62
CA ARG A 145 1.93 27.69 -7.12
C ARG A 145 0.67 27.66 -6.27
N MET A 146 0.40 26.55 -5.59
CA MET A 146 -0.69 26.45 -4.61
C MET A 146 -2.05 26.70 -5.24
N ASP A 147 -2.22 26.27 -6.51
CA ASP A 147 -3.39 26.66 -7.29
C ASP A 147 -4.26 25.50 -7.77
N LYS A 148 -4.05 24.27 -7.28
CA LYS A 148 -4.81 23.14 -7.80
C LYS A 148 -5.50 22.36 -6.69
N TRP A 149 -5.88 23.03 -5.60
CA TRP A 149 -6.51 22.33 -4.50
C TRP A 149 -7.81 21.64 -4.92
N LEU A 150 -8.63 22.29 -5.77
CA LEU A 150 -9.95 21.71 -6.03
C LEU A 150 -9.87 20.47 -6.92
N PRO A 151 -9.17 20.49 -8.05
CA PRO A 151 -9.08 19.22 -8.81
C PRO A 151 -8.35 18.12 -8.07
N ALA A 152 -7.41 18.46 -7.18
CA ALA A 152 -6.64 17.44 -6.50
C ALA A 152 -7.38 16.88 -5.28
N LYS A 153 -8.15 17.70 -4.57
CA LYS A 153 -8.62 17.38 -3.24
C LYS A 153 -10.14 17.40 -3.07
N THR A 154 -10.87 17.78 -4.12
CA THR A 154 -12.34 17.96 -4.15
C THR A 154 -12.77 19.25 -3.48
N GLU A 155 -14.04 19.62 -3.68
CA GLU A 155 -14.57 20.84 -3.08
C GLU A 155 -14.65 20.73 -1.56
N ARG A 156 -14.56 19.53 -0.98
CA ARG A 156 -14.59 19.44 0.48
C ARG A 156 -13.28 19.93 1.09
N SER A 157 -12.22 20.05 0.29
CA SER A 157 -10.95 20.54 0.79
C SER A 157 -11.07 21.94 1.38
N LEU A 158 -11.99 22.74 0.87
CA LEU A 158 -12.06 24.15 1.20
C LEU A 158 -12.93 24.46 2.42
N GLY A 159 -13.53 23.44 3.05
CA GLY A 159 -14.37 23.70 4.22
C GLY A 159 -13.57 23.81 5.50
N TYR A 160 -14.05 24.67 6.39
CA TYR A 160 -13.40 24.91 7.67
C TYR A 160 -14.46 25.00 8.77
N TYR A 161 -14.04 24.63 9.98
CA TYR A 161 -14.87 24.79 11.16
C TYR A 161 -14.64 26.16 11.79
N LYS A 162 -15.59 26.57 12.63
CA LYS A 162 -15.51 27.74 13.50
C LYS A 162 -15.54 27.31 14.96
N GLU A 163 -15.39 28.30 15.85
CA GLU A 163 -15.29 28.01 17.28
C GLU A 163 -16.47 27.19 17.77
N GLN A 164 -17.69 27.55 17.35
CA GLN A 164 -18.84 26.82 17.86
C GLN A 164 -18.85 25.36 17.42
N ASP A 165 -18.14 25.00 16.35
CA ASP A 165 -18.10 23.62 15.89
C ASP A 165 -17.05 22.79 16.61
N ILE A 166 -15.96 23.42 17.06
CA ILE A 166 -14.84 22.69 17.65
C ILE A 166 -14.37 23.46 18.89
N ALA A 167 -15.27 23.62 19.85
CA ALA A 167 -14.98 24.46 21.01
C ALA A 167 -13.78 23.94 21.80
N PHE A 168 -13.66 22.63 21.97
CA PHE A 168 -12.55 22.11 22.77
C PHE A 168 -11.21 22.48 22.15
N GLN A 169 -11.08 22.32 20.83
CA GLN A 169 -9.83 22.67 20.17
C GLN A 169 -9.49 24.14 20.35
N PHE A 170 -10.49 25.01 20.16
CA PHE A 170 -10.24 26.43 20.38
C PHE A 170 -9.81 26.69 21.82
N ALA A 171 -10.45 26.02 22.77
CA ALA A 171 -10.15 26.28 24.17
C ALA A 171 -8.74 25.83 24.49
N MET A 172 -8.30 24.72 23.90
CA MET A 172 -6.92 24.27 24.13
C MET A 172 -5.94 25.30 23.61
N ALA A 173 -6.17 25.79 22.40
CA ALA A 173 -5.29 26.80 21.84
C ALA A 173 -5.28 28.06 22.69
N ASN A 174 -6.44 28.47 23.19
CA ASN A 174 -6.51 29.70 23.95
C ASN A 174 -5.95 29.56 25.35
N ALA A 175 -5.89 28.34 25.89
CA ALA A 175 -5.34 28.12 27.22
C ALA A 175 -3.82 27.95 27.20
N PHE A 176 -3.27 27.42 26.12
CA PHE A 176 -1.86 27.07 26.10
C PHE A 176 -1.15 27.85 25.00
N THR A 177 -0.39 27.18 24.14
CA THR A 177 0.34 27.81 23.05
C THR A 177 0.00 27.08 21.77
N ILE A 178 -0.29 27.84 20.72
CA ILE A 178 -0.61 27.29 19.41
C ILE A 178 0.49 27.71 18.45
N CYS A 179 0.98 26.76 17.67
CA CYS A 179 2.02 27.04 16.69
C CYS A 179 1.34 27.18 15.32
N ASP A 180 1.51 28.34 14.68
CA ASP A 180 0.86 28.61 13.41
C ASP A 180 1.84 28.60 12.24
N ALA A 181 3.02 27.97 12.43
CA ALA A 181 3.96 27.69 11.34
C ALA A 181 4.50 26.30 11.49
N TYR A 182 3.67 25.38 12.02
CA TYR A 182 4.04 23.98 12.16
C TYR A 182 3.50 23.21 10.96
N HIS A 183 4.40 22.62 10.19
CA HIS A 183 4.05 21.94 8.96
C HIS A 183 4.22 20.45 9.12
N CYS A 184 3.35 19.68 8.47
CA CYS A 184 3.71 18.27 8.37
C CYS A 184 4.97 18.11 7.51
N SER A 185 5.64 16.97 7.67
CA SER A 185 6.94 16.81 7.06
C SER A 185 6.89 16.43 5.60
N PHE A 186 5.80 15.79 5.18
CA PHE A 186 5.71 15.10 3.89
C PHE A 186 4.40 15.44 3.20
N GLN A 187 4.47 15.74 1.90
CA GLN A 187 3.31 16.03 1.05
C GLN A 187 2.61 14.72 0.70
N GLY A 188 1.58 14.38 1.45
CA GLY A 188 0.87 13.14 1.22
C GLY A 188 0.27 12.58 2.49
N GLY A 189 0.51 11.31 2.73
CA GLY A 189 -0.21 10.61 3.77
C GLY A 189 0.52 10.17 5.03
N TPO A 190 -0.06 9.16 5.63
CA TPO A 190 0.19 8.83 7.04
CB TPO A 190 -0.87 7.84 7.51
CG2 TPO A 190 -0.66 7.47 8.99
OG1 TPO A 190 -2.12 8.53 7.50
P TPO A 190 -3.22 7.98 6.44
O1P TPO A 190 -2.70 7.95 5.05
O2P TPO A 190 -3.73 6.51 6.87
O3P TPO A 190 -4.41 9.00 6.67
C TPO A 190 1.56 8.26 7.34
O TPO A 190 2.34 8.85 8.11
N ASN A 191 1.88 7.12 6.79
CA ASN A 191 3.11 6.50 7.27
C ASN A 191 4.35 7.29 6.87
N PRO A 192 4.41 7.89 5.67
CA PRO A 192 5.58 8.75 5.42
C PRO A 192 5.74 9.81 6.48
N ASN A 193 4.66 10.51 6.86
CA ASN A 193 4.78 11.54 7.87
C ASN A 193 5.14 10.97 9.23
N ARG A 194 4.57 9.82 9.60
CA ARG A 194 4.92 9.26 10.90
C ARG A 194 6.36 8.74 10.94
N LEU A 195 6.91 8.34 9.79
CA LEU A 195 8.32 7.96 9.74
C LEU A 195 9.23 9.13 10.07
N PHE A 196 8.82 10.35 9.64
CA PHE A 196 9.62 11.51 10.00
C PHE A 196 9.56 11.76 11.50
N LEU A 197 8.39 11.58 12.12
CA LEU A 197 8.25 11.80 13.56
C LEU A 197 9.11 10.84 14.37
N TRP A 198 9.11 9.55 14.02
CA TRP A 198 9.79 8.55 14.83
C TRP A 198 11.22 8.28 14.38
N THR A 199 11.63 8.71 13.18
CA THR A 199 12.98 8.40 12.69
C THR A 199 13.67 9.56 11.98
N GLY A 200 12.98 10.66 11.68
CA GLY A 200 13.60 11.80 11.04
C GLY A 200 13.70 11.73 9.53
N THR A 201 13.22 10.66 8.90
CA THR A 201 13.44 10.48 7.47
C THR A 201 12.45 9.47 6.90
N ASN A 202 12.27 9.54 5.57
CA ASN A 202 11.60 8.53 4.77
C ASN A 202 12.54 7.78 3.83
N ASP A 203 13.84 7.77 4.14
CA ASP A 203 14.86 7.07 3.37
C ASP A 203 14.84 7.50 1.89
N PRO A 204 15.08 8.77 1.61
CA PRO A 204 15.04 9.26 0.23
C PRO A 204 16.07 8.65 -0.68
N LEU A 205 17.21 8.21 -0.15
CA LEU A 205 18.18 7.60 -1.03
C LEU A 205 17.85 6.16 -1.40
N GLY A 206 16.88 5.55 -0.72
CA GLY A 206 16.31 4.30 -1.17
C GLY A 206 17.19 3.08 -1.05
N GLN A 207 18.16 3.07 -0.13
CA GLN A 207 19.00 1.90 0.06
C GLN A 207 18.74 1.18 1.38
N HIS A 208 17.75 1.64 2.16
CA HIS A 208 17.37 0.96 3.39
C HIS A 208 15.89 0.63 3.39
N GLY A 209 15.29 0.49 2.21
CA GLY A 209 13.90 0.10 2.09
C GLY A 209 13.00 1.17 1.54
N GLY A 210 13.46 2.42 1.47
CA GLY A 210 12.68 3.50 0.92
C GLY A 210 12.90 3.64 -0.58
N PRO A 211 12.54 4.80 -1.14
CA PRO A 211 11.96 5.96 -0.46
C PRO A 211 10.53 5.66 -0.12
N VAL A 212 10.02 6.19 0.98
CA VAL A 212 8.67 5.86 1.41
C VAL A 212 7.74 6.99 1.01
N THR A 213 6.73 6.66 0.17
CA THR A 213 5.68 7.58 -0.22
C THR A 213 4.29 6.99 -0.01
N THR A 214 4.19 5.77 0.53
CA THR A 214 2.94 5.06 0.73
C THR A 214 2.83 4.52 2.15
N ASN A 215 1.70 3.90 2.45
CA ASN A 215 1.46 3.27 3.76
C ASN A 215 1.78 1.78 3.77
N ASP A 216 2.56 1.27 2.80
CA ASP A 216 2.66 -0.17 2.67
C ASP A 216 3.49 -0.85 3.74
N HIS A 217 4.13 -0.12 4.66
CA HIS A 217 4.78 -0.73 5.81
C HIS A 217 4.14 -0.29 7.14
N ASP A 218 2.87 0.13 7.12
CA ASP A 218 2.25 0.52 8.38
C ASP A 218 1.70 -0.67 9.15
N SER A 219 2.00 -1.90 8.71
CA SER A 219 1.60 -3.10 9.41
C SER A 219 2.77 -4.08 9.41
N ASN A 220 2.57 -5.18 10.12
CA ASN A 220 3.56 -6.22 10.20
C ASN A 220 3.73 -6.86 8.83
N GLY A 221 4.89 -7.47 8.62
CA GLY A 221 5.19 -8.13 7.38
C GLY A 221 6.47 -8.91 7.54
N PRO A 222 6.92 -9.55 6.45
CA PRO A 222 8.11 -10.39 6.52
C PRO A 222 9.34 -9.61 6.98
N VAL A 223 10.16 -10.27 7.80
CA VAL A 223 11.33 -9.61 8.38
C VAL A 223 12.20 -9.02 7.28
N GLU A 224 12.46 -9.79 6.23
CA GLU A 224 13.39 -9.38 5.20
C GLU A 224 12.86 -8.23 4.35
N GLN A 225 11.58 -7.88 4.45
CA GLN A 225 11.08 -6.72 3.74
C GLN A 225 10.99 -5.50 4.66
N GLY A 226 11.36 -5.62 5.93
CA GLY A 226 11.30 -4.45 6.80
C GLY A 226 12.32 -3.40 6.41
N TYR A 227 11.99 -2.15 6.74
CA TYR A 227 12.95 -1.07 6.63
C TYR A 227 14.15 -1.32 7.53
N THR A 228 15.31 -0.78 7.13
CA THR A 228 16.54 -1.08 7.84
C THR A 228 17.31 0.13 8.33
N TRP A 229 16.78 1.35 8.21
CA TRP A 229 17.44 2.44 8.89
C TRP A 229 17.06 2.42 10.35
N THR A 230 17.80 3.19 11.15
CA THR A 230 17.64 3.19 12.60
C THR A 230 16.53 4.14 13.03
N THR A 231 15.76 3.73 14.04
CA THR A 231 14.66 4.50 14.61
C THR A 231 15.14 5.24 15.85
N TYR A 232 14.45 6.37 16.15
CA TYR A 232 14.91 7.18 17.26
C TYR A 232 14.77 6.42 18.58
N PRO A 233 13.71 5.65 18.82
CA PRO A 233 13.66 4.90 20.09
C PRO A 233 14.85 4.01 20.34
N GLU A 234 15.45 3.44 19.29
CA GLU A 234 16.64 2.61 19.49
C GLU A 234 17.79 3.42 20.05
N ARG A 235 17.90 4.68 19.62
CA ARG A 235 18.98 5.52 20.11
C ARG A 235 18.73 5.94 21.56
N LEU A 236 17.47 6.24 21.89
CA LEU A 236 17.10 6.49 23.29
C LEU A 236 17.40 5.27 24.14
N GLN A 237 16.98 4.09 23.67
CA GLN A 237 17.22 2.86 24.42
C GLN A 237 18.69 2.72 24.78
N ALA A 238 19.56 2.93 23.81
CA ALA A 238 20.99 2.69 24.02
C ALA A 238 21.58 3.71 24.98
N ALA A 239 21.02 4.91 25.03
CA ALA A 239 21.48 5.97 25.92
C ALA A 239 20.90 5.85 27.34
N GLY A 240 20.01 4.90 27.59
CA GLY A 240 19.41 4.80 28.90
C GLY A 240 18.26 5.78 29.14
N ILE A 241 17.75 6.42 28.10
CA ILE A 241 16.59 7.30 28.25
C ILE A 241 15.35 6.42 28.21
N THR A 242 14.45 6.60 29.19
CA THR A 242 13.26 5.76 29.20
C THR A 242 12.20 6.27 28.23
N TRP A 243 11.50 5.33 27.60
CA TRP A 243 10.57 5.70 26.55
C TRP A 243 9.52 4.62 26.44
N ARG A 244 8.35 5.02 25.92
CA ARG A 244 7.26 4.07 25.69
C ARG A 244 6.27 4.65 24.70
N VAL A 245 5.65 3.75 23.93
CA VAL A 245 4.51 4.06 23.08
C VAL A 245 3.26 3.50 23.76
N TYR A 246 2.35 4.40 24.12
CA TYR A 246 1.06 4.07 24.69
C TYR A 246 0.07 3.90 23.54
N GLN A 247 -0.57 2.74 23.47
CA GLN A 247 -1.44 2.36 22.36
C GLN A 247 -2.13 1.06 22.75
N ASP A 248 -3.15 0.72 21.97
CA ASP A 248 -3.79 -0.59 21.97
C ASP A 248 -3.34 -1.31 20.71
N MET A 249 -2.52 -2.36 20.84
CA MET A 249 -2.05 -3.03 19.63
C MET A 249 -3.17 -3.65 18.84
N ALA A 250 -4.35 -3.84 19.43
CA ALA A 250 -5.53 -4.32 18.71
C ALA A 250 -6.32 -3.18 18.06
N ASP A 251 -6.00 -1.93 18.36
CA ASP A 251 -6.67 -0.79 17.73
C ASP A 251 -5.79 0.44 17.89
N ASN A 252 -4.80 0.57 17.01
CA ASN A 252 -3.98 1.76 16.94
C ASN A 252 -3.99 2.36 15.54
N PHE A 253 -4.97 1.96 14.71
CA PHE A 253 -5.20 2.54 13.39
C PHE A 253 -3.94 2.48 12.53
N SER A 254 -3.10 1.46 12.75
CA SER A 254 -1.87 1.29 11.98
C SER A 254 -1.03 2.56 11.98
N ASP A 255 -1.05 3.27 13.10
CA ASP A 255 -0.41 4.58 13.24
C ASP A 255 0.90 4.49 13.99
N ASN A 256 1.49 3.30 14.07
CA ASN A 256 2.80 3.11 14.70
C ASN A 256 3.77 2.62 13.63
N PRO A 257 4.66 3.48 13.14
CA PRO A 257 5.53 3.10 12.03
C PRO A 257 6.65 2.14 12.42
N LEU A 258 6.87 1.90 13.72
CA LEU A 258 7.98 1.02 14.14
C LEU A 258 7.77 -0.40 13.62
N ILE A 259 6.52 -0.80 13.43
CA ILE A 259 6.19 -2.15 12.96
C ILE A 259 6.71 -2.43 11.57
N GLY A 260 7.08 -1.41 10.81
CA GLY A 260 7.60 -1.59 9.47
C GLY A 260 9.09 -1.96 9.40
N PHE A 261 9.79 -1.93 10.52
CA PHE A 261 11.24 -2.03 10.55
C PHE A 261 11.69 -3.46 10.84
N ARG A 262 12.69 -3.90 10.08
CA ARG A 262 13.27 -5.23 10.27
C ARG A 262 13.62 -5.52 11.72
N GLN A 263 14.31 -4.58 12.37
CA GLN A 263 14.78 -4.83 13.73
C GLN A 263 13.65 -4.97 14.75
N TYR A 264 12.46 -4.42 14.49
CA TYR A 264 11.31 -4.69 15.35
C TYR A 264 10.61 -6.00 14.97
N ARG A 265 10.47 -6.25 13.67
CA ARG A 265 9.82 -7.47 13.20
C ARG A 265 10.59 -8.70 13.63
N ALA A 266 11.91 -8.59 13.75
CA ALA A 266 12.75 -9.72 14.11
C ALA A 266 12.97 -9.85 15.61
N ALA A 267 12.50 -8.88 16.38
CA ALA A 267 12.84 -8.82 17.80
C ALA A 267 12.09 -9.89 18.59
N ALA A 268 12.73 -10.34 19.67
CA ALA A 268 12.07 -11.27 20.60
C ALA A 268 10.97 -10.54 21.35
N PRO A 269 9.96 -11.28 21.83
CA PRO A 269 8.83 -10.62 22.49
C PRO A 269 9.23 -9.88 23.78
N ASP A 270 10.34 -10.23 24.41
CA ASP A 270 10.84 -9.54 25.61
C ASP A 270 11.90 -8.51 25.28
N SER A 271 12.10 -8.21 24.00
CA SER A 271 13.00 -7.14 23.64
C SER A 271 12.43 -5.82 24.16
N PRO A 272 13.28 -4.91 24.66
CA PRO A 272 12.77 -3.58 25.02
C PRO A 272 12.09 -2.88 23.85
N LEU A 273 12.51 -3.16 22.62
CA LEU A 273 11.86 -2.55 21.47
C LEU A 273 10.41 -2.97 21.39
N ILE A 274 10.11 -4.23 21.69
CA ILE A 274 8.74 -4.71 21.63
C ILE A 274 7.97 -4.28 22.88
N VAL A 275 8.55 -4.51 24.06
CA VAL A 275 7.90 -4.15 25.32
C VAL A 275 7.51 -2.67 25.32
N ASN A 276 8.40 -1.79 24.87
CA ASN A 276 8.13 -0.36 24.92
C ASN A 276 7.55 0.21 23.64
N GLY A 277 7.80 -0.41 22.49
CA GLY A 277 7.36 0.16 21.24
C GLY A 277 6.11 -0.47 20.61
N LEU A 278 5.87 -1.77 20.84
CA LEU A 278 4.83 -2.51 20.12
C LEU A 278 4.04 -3.40 21.06
N SER A 279 3.71 -2.87 22.24
CA SER A 279 2.88 -3.54 23.23
C SER A 279 1.69 -2.67 23.59
N THR A 280 0.71 -3.27 24.23
CA THR A 280 -0.51 -2.56 24.61
C THR A 280 -0.34 -1.92 25.97
N TRP A 281 -0.38 -0.60 26.00
CA TRP A 281 -0.40 0.18 27.23
C TRP A 281 -1.41 1.30 26.96
N LYS A 282 -2.63 1.15 27.46
CA LYS A 282 -3.68 2.10 27.14
C LYS A 282 -3.65 3.29 28.09
N LEU A 283 -4.63 4.17 27.98
CA LEU A 283 -4.60 5.37 28.82
C LEU A 283 -4.78 5.03 30.29
N ASP A 284 -5.41 3.91 30.62
CA ASP A 284 -5.46 3.49 32.02
C ASP A 284 -4.06 3.23 32.55
N ALA A 285 -3.21 2.60 31.74
CA ALA A 285 -1.82 2.38 32.12
C ALA A 285 -1.04 3.68 32.22
N LEU A 286 -1.27 4.61 31.26
CA LEU A 286 -0.65 5.92 31.34
C LEU A 286 -0.97 6.61 32.66
N LYS A 287 -2.25 6.63 33.05
CA LYS A 287 -2.63 7.29 34.28
C LYS A 287 -2.02 6.60 35.49
N ARG A 288 -1.99 5.27 35.49
CA ARG A 288 -1.32 4.56 36.58
C ARG A 288 0.15 4.95 36.66
N ASP A 289 0.83 5.05 35.52
CA ASP A 289 2.24 5.46 35.54
C ASP A 289 2.40 6.87 36.09
N VAL A 290 1.50 7.78 35.72
CA VAL A 290 1.58 9.14 36.23
C VAL A 290 1.37 9.12 37.74
N LEU A 291 0.36 8.39 38.22
CA LEU A 291 0.09 8.38 39.66
C LEU A 291 1.27 7.80 40.43
N ALA A 292 1.95 6.82 39.84
CA ALA A 292 3.08 6.14 40.45
C ALA A 292 4.40 6.88 40.28
N ASN A 293 4.40 8.02 39.61
CA ASN A 293 5.63 8.73 39.28
C ASN A 293 6.61 7.80 38.59
N SER A 294 6.08 7.05 37.62
CA SER A 294 6.87 6.17 36.77
C SER A 294 6.57 6.46 35.29
N LEU A 295 6.29 7.70 34.95
CA LEU A 295 6.12 8.08 33.56
C LEU A 295 7.48 8.12 32.85
N PRO A 296 7.58 7.59 31.64
CA PRO A 296 8.88 7.62 30.95
C PRO A 296 9.34 9.05 30.67
N GLN A 297 10.61 9.17 30.32
CA GLN A 297 11.13 10.45 29.87
C GLN A 297 10.55 10.86 28.52
N VAL A 298 10.29 9.90 27.63
CA VAL A 298 9.73 10.19 26.31
C VAL A 298 8.58 9.23 26.07
N SER A 299 7.39 9.75 25.87
CA SER A 299 6.23 8.94 25.60
C SER A 299 5.57 9.40 24.31
N TRP A 300 5.19 8.44 23.47
CA TRP A 300 4.29 8.67 22.37
C TRP A 300 2.95 8.06 22.69
N ILE A 301 1.87 8.70 22.26
CA ILE A 301 0.52 8.15 22.40
C ILE A 301 -0.08 7.98 21.01
N VAL A 302 -0.67 6.79 20.75
CA VAL A 302 -1.24 6.45 19.45
C VAL A 302 -2.69 6.05 19.68
N ALA A 303 -3.62 6.90 19.26
CA ALA A 303 -5.03 6.67 19.57
C ALA A 303 -5.64 5.54 18.74
N PRO A 304 -6.68 4.91 19.26
CA PRO A 304 -7.53 4.04 18.43
C PRO A 304 -8.17 4.81 17.29
N ALA A 305 -8.65 4.06 16.30
CA ALA A 305 -9.16 4.67 15.07
C ALA A 305 -10.28 5.68 15.35
N LYS A 306 -11.26 5.29 16.16
CA LYS A 306 -12.41 6.16 16.45
C LYS A 306 -12.00 7.47 17.10
N TYR A 307 -10.85 7.49 17.77
CA TYR A 307 -10.43 8.62 18.59
C TYR A 307 -9.26 9.37 18.00
N SER A 308 -8.86 9.05 16.76
CA SER A 308 -7.69 9.57 16.12
C SER A 308 -7.89 10.94 15.49
N GLU A 309 -9.13 11.40 15.35
CA GLU A 309 -9.52 12.69 14.75
C GLU A 309 -9.49 12.60 13.22
N HIS A 310 -9.11 11.45 12.66
CA HIS A 310 -9.15 11.22 11.22
C HIS A 310 -10.59 11.24 10.71
N PRO A 311 -10.87 11.89 9.57
CA PRO A 311 -12.25 11.88 9.05
C PRO A 311 -12.80 10.51 8.73
N GLY A 312 -11.97 9.54 8.38
CA GLY A 312 -12.49 8.23 8.06
C GLY A 312 -13.26 7.61 9.20
N PRO A 313 -12.58 7.29 10.29
CA PRO A 313 -13.24 6.62 11.42
C PRO A 313 -13.65 7.52 12.58
N SER A 314 -13.28 8.80 12.53
CA SER A 314 -13.32 9.64 13.73
C SER A 314 -14.01 10.97 13.42
N SER A 315 -13.76 11.96 14.25
CA SER A 315 -14.39 13.27 14.15
C SER A 315 -13.61 14.23 15.04
N PRO A 316 -13.82 15.54 14.92
CA PRO A 316 -13.16 16.42 15.88
C PRO A 316 -13.62 16.17 17.31
N ILE A 317 -14.90 15.85 17.53
CA ILE A 317 -15.34 15.75 18.92
C ILE A 317 -14.80 14.47 19.57
N TRP A 318 -14.65 13.38 18.79
CA TRP A 318 -14.05 12.17 19.36
C TRP A 318 -12.56 12.38 19.62
N GLY A 319 -11.85 13.07 18.71
CA GLY A 319 -10.46 13.39 18.97
C GLY A 319 -10.30 14.26 20.20
N ALA A 320 -11.18 15.24 20.37
CA ALA A 320 -11.16 16.06 21.57
C ALA A 320 -11.41 15.23 22.82
N GLU A 321 -12.37 14.32 22.76
CA GLU A 321 -12.68 13.49 23.92
C GLU A 321 -11.44 12.68 24.33
N TYR A 322 -10.76 12.06 23.37
CA TYR A 322 -9.57 11.29 23.68
C TYR A 322 -8.46 12.19 24.22
N THR A 323 -8.29 13.37 23.62
CA THR A 323 -7.29 14.32 24.10
C THR A 323 -7.62 14.72 25.54
N SER A 324 -8.91 14.92 25.85
CA SER A 324 -9.30 15.20 27.23
C SER A 324 -8.90 14.05 28.16
N TRP A 325 -9.06 12.81 27.71
CA TRP A 325 -8.66 11.67 28.53
C TRP A 325 -7.15 11.64 28.75
N VAL A 326 -6.37 12.01 27.73
CA VAL A 326 -4.93 12.12 27.91
C VAL A 326 -4.60 13.18 28.95
N LEU A 327 -5.29 14.31 28.88
CA LEU A 327 -5.03 15.37 29.84
C LEU A 327 -5.38 14.90 31.25
N ASP A 328 -6.47 14.14 31.38
CA ASP A 328 -6.86 13.63 32.69
C ASP A 328 -5.80 12.70 33.25
N ALA A 329 -5.19 11.88 32.39
CA ALA A 329 -4.14 10.97 32.81
C ALA A 329 -2.89 11.75 33.25
N LEU A 330 -2.46 12.72 32.44
CA LEU A 330 -1.18 13.38 32.70
C LEU A 330 -1.27 14.34 33.89
N THR A 331 -2.46 14.89 34.18
CA THR A 331 -2.60 15.79 35.30
C THR A 331 -2.94 15.07 36.60
N ALA A 332 -3.03 13.74 36.57
CA ALA A 332 -3.47 13.00 37.76
C ALA A 332 -2.52 13.18 38.93
N ASN A 333 -1.24 13.39 38.65
CA ASN A 333 -0.23 13.61 39.69
C ASN A 333 0.38 14.99 39.47
N PRO A 334 0.07 15.99 40.31
CA PRO A 334 0.56 17.36 40.04
C PRO A 334 2.07 17.49 40.01
N GLU A 335 2.78 16.69 40.78
CA GLU A 335 4.24 16.77 40.76
C GLU A 335 4.75 16.34 39.39
N VAL A 336 4.22 15.24 38.86
CA VAL A 336 4.63 14.77 37.54
C VAL A 336 4.23 15.77 36.47
N TRP A 337 2.99 16.27 36.53
CA TRP A 337 2.55 17.23 35.52
C TRP A 337 3.41 18.48 35.54
N SER A 338 3.87 18.92 36.72
CA SER A 338 4.68 20.13 36.80
C SER A 338 6.02 19.99 36.08
N LYS A 339 6.37 18.76 35.67
CA LYS A 339 7.63 18.48 34.97
C LYS A 339 7.38 17.92 33.57
N THR A 340 6.16 18.06 33.04
CA THR A 340 5.76 17.44 31.79
C THR A 340 5.45 18.48 30.71
N ALA A 341 5.87 18.19 29.48
CA ALA A 341 5.47 18.95 28.30
C ALA A 341 4.74 18.01 27.36
N LEU A 342 3.50 18.36 27.03
CA LEU A 342 2.68 17.63 26.08
C LEU A 342 2.64 18.36 24.76
N LEU A 343 2.93 17.64 23.69
CA LEU A 343 2.87 18.12 22.31
C LEU A 343 1.76 17.38 21.60
N VAL A 344 0.79 18.11 21.05
CA VAL A 344 -0.33 17.54 20.30
C VAL A 344 -0.27 18.12 18.89
N MET A 345 -0.17 17.25 17.90
CA MET A 345 -0.12 17.72 16.52
C MET A 345 -0.79 16.67 15.65
N PHE A 346 -0.73 16.89 14.34
CA PHE A 346 -1.39 16.02 13.37
C PHE A 346 -0.36 15.51 12.37
N ASP A 347 -0.59 14.30 11.87
CA ASP A 347 0.40 13.68 10.98
C ASP A 347 0.42 14.37 9.61
N GLU A 348 -0.74 14.78 9.12
CA GLU A 348 -0.83 15.60 7.91
C GLU A 348 -2.21 16.23 7.88
N ASN A 349 -2.49 16.92 6.79
CA ASN A 349 -3.66 17.78 6.67
C ASN A 349 -4.89 17.13 6.07
N ASP A 350 -4.94 15.79 5.97
CA ASP A 350 -5.91 15.18 5.08
C ASP A 350 -5.67 15.80 3.70
N GLY A 351 -6.72 16.10 2.97
CA GLY A 351 -6.60 16.93 1.80
C GLY A 351 -7.16 18.32 2.01
N PHE A 352 -7.30 18.73 3.27
CA PHE A 352 -7.88 20.02 3.57
C PHE A 352 -6.91 21.15 3.29
N PHE A 353 -7.46 22.20 2.67
CA PHE A 353 -6.69 23.37 2.27
C PHE A 353 -6.07 24.13 3.43
N ASP A 354 -4.80 24.49 3.29
CA ASP A 354 -4.20 25.50 4.15
C ASP A 354 -3.48 26.47 3.23
N HIS A 355 -3.55 27.76 3.55
CA HIS A 355 -3.12 28.77 2.60
C HIS A 355 -1.65 29.14 2.64
N ILE A 356 -0.90 28.71 3.67
CA ILE A 356 0.49 29.12 3.82
C ILE A 356 1.34 28.31 2.85
N ALA A 357 2.12 28.99 2.03
CA ALA A 357 3.01 28.29 1.11
C ALA A 357 4.09 27.56 1.90
N PRO A 358 4.20 26.24 1.82
CA PRO A 358 5.17 25.54 2.68
C PRO A 358 6.62 25.83 2.34
N PRO A 359 7.46 26.03 3.34
CA PRO A 359 8.90 26.06 3.09
C PRO A 359 9.33 24.76 2.43
N ALA A 360 10.17 24.88 1.41
CA ALA A 360 10.64 23.71 0.67
C ALA A 360 11.92 24.03 -0.06
N ALA A 361 12.79 23.02 -0.21
CA ALA A 361 14.02 23.16 -0.97
C ALA A 361 13.69 23.51 -2.42
N PRO A 362 14.67 24.03 -3.16
CA PRO A 362 14.44 24.27 -4.58
C PRO A 362 14.19 22.96 -5.31
N SER A 363 13.45 23.03 -6.40
CA SER A 363 13.30 21.81 -7.16
C SER A 363 14.57 21.53 -7.97
N LEU A 364 14.73 20.27 -8.33
CA LEU A 364 15.89 19.79 -9.05
C LEU A 364 15.57 19.76 -10.53
N ASN A 365 16.37 20.46 -11.32
CA ASN A 365 16.16 20.47 -12.75
C ASN A 365 16.77 19.23 -13.38
N LYS A 366 16.36 18.99 -14.62
CA LYS A 366 16.74 17.79 -15.34
C LYS A 366 18.25 17.77 -15.55
N ASP A 367 18.87 18.93 -15.63
CA ASP A 367 20.31 19.07 -15.90
C ASP A 367 21.14 19.18 -14.63
N GLY A 368 20.55 18.90 -13.46
CA GLY A 368 21.29 18.95 -12.22
C GLY A 368 21.34 20.31 -11.58
N THR A 369 20.97 21.36 -12.30
CA THR A 369 20.83 22.68 -11.71
C THR A 369 19.56 22.71 -10.87
N LEU A 370 19.44 23.73 -10.02
CA LEU A 370 18.30 23.95 -9.15
C LEU A 370 17.47 25.14 -9.60
N ARG A 371 16.17 25.08 -9.32
CA ARG A 371 15.27 26.23 -9.54
C ARG A 371 15.14 26.93 -8.19
N GLY A 372 15.97 27.95 -7.97
CA GLY A 372 16.23 28.49 -6.66
C GLY A 372 17.63 28.12 -6.21
N LYS A 373 17.94 28.45 -4.97
CA LYS A 373 19.24 28.14 -4.40
C LYS A 373 19.06 27.78 -2.92
N THR A 374 20.06 27.10 -2.38
CA THR A 374 20.02 26.72 -0.98
C THR A 374 21.44 26.69 -0.43
N THR A 375 21.60 27.24 0.77
CA THR A 375 22.87 27.14 1.47
C THR A 375 23.05 25.78 2.14
N ALA A 376 21.97 25.06 2.35
CA ALA A 376 21.96 23.76 3.00
C ALA A 376 21.79 22.67 1.95
N ASP A 377 22.56 21.59 2.09
CA ASP A 377 22.48 20.49 1.15
C ASP A 377 21.05 19.95 1.11
N ALA A 378 20.48 19.89 -0.08
CA ALA A 378 19.10 19.43 -0.23
C ALA A 378 18.97 18.08 -0.92
N THR A 379 20.08 17.33 -1.07
CA THR A 379 20.04 16.02 -1.72
C THR A 379 18.96 15.12 -1.16
N LEU A 380 18.81 15.13 0.16
CA LEU A 380 17.87 14.22 0.81
C LEU A 380 16.43 14.68 0.72
N GLU A 381 16.19 15.87 0.18
CA GLU A 381 14.82 16.38 0.07
C GLU A 381 14.12 15.96 -1.20
N TRP A 382 14.85 15.52 -2.23
CA TRP A 382 14.24 15.32 -3.54
C TRP A 382 13.76 13.89 -3.75
N HIS A 383 12.60 13.78 -4.39
CA HIS A 383 12.07 12.47 -4.79
C HIS A 383 12.72 12.03 -6.09
N THR A 384 13.66 11.07 -6.02
CA THR A 384 14.37 10.64 -7.23
C THR A 384 14.21 9.17 -7.56
N LYS A 385 13.59 8.37 -6.71
CA LYS A 385 13.39 6.95 -6.88
C LYS A 385 11.94 6.60 -6.56
N GLY A 386 11.57 5.35 -6.79
CA GLY A 386 10.21 4.90 -6.44
C GLY A 386 9.15 5.38 -7.43
N ASP A 387 8.05 5.88 -6.88
CA ASP A 387 6.95 6.37 -7.69
C ASP A 387 7.47 7.26 -8.81
N ILE A 388 7.04 6.97 -10.04
CA ILE A 388 7.50 7.78 -11.18
C ILE A 388 6.92 9.19 -11.20
N ARG A 389 5.91 9.47 -10.38
CA ARG A 389 5.24 10.76 -10.40
C ARG A 389 5.96 11.76 -9.50
N TYR A 390 6.08 13.00 -10.01
CA TYR A 390 6.64 14.13 -9.26
C TYR A 390 8.11 13.89 -8.88
N ARG A 391 8.84 13.15 -9.72
CA ARG A 391 10.28 13.10 -9.57
C ARG A 391 10.88 14.50 -9.61
N ASN A 392 11.90 14.70 -8.79
CA ASN A 392 12.69 15.91 -8.63
C ASN A 392 11.96 17.02 -7.87
N GLN A 393 10.74 16.75 -7.37
CA GLN A 393 10.08 17.65 -6.43
C GLN A 393 10.55 17.35 -5.02
N PRO A 394 10.56 18.35 -4.13
CA PRO A 394 10.86 18.09 -2.72
C PRO A 394 9.74 17.33 -2.01
N TYR A 395 10.14 16.53 -1.02
CA TYR A 395 9.18 15.72 -0.28
C TYR A 395 8.33 16.56 0.64
N GLY A 396 8.88 17.66 1.11
CA GLY A 396 8.16 18.58 1.97
C GLY A 396 8.80 19.95 1.96
N LEU A 397 8.40 20.79 2.91
CA LEU A 397 7.43 20.52 3.94
C LEU A 397 6.03 20.48 3.36
N GLY A 398 5.14 19.81 4.05
CA GLY A 398 3.77 19.76 3.63
C GLY A 398 2.98 20.89 4.25
N PRO A 399 1.66 20.85 4.10
CA PRO A 399 0.83 21.93 4.63
C PRO A 399 0.89 22.04 6.16
N ARG A 400 0.55 23.23 6.64
CA ARG A 400 0.43 23.44 8.09
C ARG A 400 -0.63 22.54 8.69
N VAL A 401 -0.34 22.07 9.91
CA VAL A 401 -1.32 21.38 10.75
C VAL A 401 -1.29 22.03 12.13
N PRO A 402 -2.33 21.81 12.92
CA PRO A 402 -2.29 22.30 14.30
C PRO A 402 -1.17 21.64 15.10
N MET A 403 -0.47 22.45 15.91
CA MET A 403 0.44 21.97 16.94
C MET A 403 0.14 22.77 18.19
N TYR A 404 -0.22 22.07 19.25
CA TYR A 404 -0.47 22.66 20.54
C TYR A 404 0.65 22.26 21.49
N VAL A 405 1.17 23.23 22.25
CA VAL A 405 2.24 23.01 23.22
C VAL A 405 1.63 23.26 24.59
N ILE A 406 1.49 22.20 25.37
CA ILE A 406 0.68 22.17 26.59
C ILE A 406 1.58 21.76 27.73
N SER A 407 1.87 22.70 28.63
CA SER A 407 2.84 22.46 29.68
C SER A 407 2.76 23.60 30.69
N PRO A 408 3.42 23.46 31.85
CA PRO A 408 3.48 24.59 32.78
C PRO A 408 4.26 25.77 32.25
N TRP A 409 4.97 25.64 31.13
CA TRP A 409 5.79 26.70 30.58
C TRP A 409 5.22 27.25 29.28
N SER A 410 3.94 26.94 28.97
CA SER A 410 3.38 27.36 27.70
C SER A 410 1.92 27.79 27.86
N LYS A 411 1.50 28.16 29.06
CA LYS A 411 0.17 28.66 29.30
C LYS A 411 0.06 30.12 28.89
N GLY A 412 -1.16 30.51 28.52
CA GLY A 412 -1.50 31.90 28.36
C GLY A 412 -2.13 32.30 27.04
N GLY A 413 -2.35 31.35 26.14
CA GLY A 413 -2.88 31.66 24.83
C GLY A 413 -1.87 32.30 23.90
N TRP A 414 -0.62 31.83 23.94
CA TRP A 414 0.43 32.35 23.09
C TRP A 414 0.32 31.78 21.68
N VAL A 415 0.85 32.53 20.72
CA VAL A 415 1.13 31.97 19.39
C VAL A 415 2.65 31.93 19.22
N ASN A 416 3.12 30.91 18.49
CA ASN A 416 4.52 30.82 18.08
C ASN A 416 4.53 30.59 16.57
N SER A 417 5.26 31.43 15.83
CA SER A 417 5.29 31.41 14.38
C SER A 417 6.64 30.98 13.79
N GLN A 418 7.44 30.23 14.56
CA GLN A 418 8.66 29.66 14.01
C GLN A 418 8.33 28.44 13.16
N VAL A 419 9.03 28.30 12.02
CA VAL A 419 8.79 27.13 11.16
C VAL A 419 9.28 25.86 11.85
N PHE A 420 8.40 24.88 11.97
CA PHE A 420 8.65 23.56 12.53
C PHE A 420 8.08 22.50 11.59
N ASP A 421 8.57 21.27 11.71
CA ASP A 421 7.90 20.12 11.12
C ASP A 421 8.02 18.96 12.11
N HIS A 422 7.68 17.74 11.68
CA HIS A 422 7.71 16.63 12.62
C HIS A 422 9.14 16.32 13.12
N THR A 423 10.17 16.61 12.32
CA THR A 423 11.54 16.43 12.82
C THR A 423 11.85 17.40 13.96
N SER A 424 11.12 18.52 14.07
CA SER A 424 11.30 19.43 15.18
C SER A 424 10.99 18.77 16.50
N VAL A 425 10.10 17.77 16.51
CA VAL A 425 9.83 17.05 17.76
C VAL A 425 11.07 16.30 18.20
N ILE A 426 11.72 15.60 17.26
CA ILE A 426 12.98 14.94 17.57
C ILE A 426 14.04 15.96 18.00
N ARG A 427 14.11 17.09 17.31
CA ARG A 427 15.09 18.12 17.65
C ARG A 427 14.90 18.62 19.08
N PHE A 428 13.64 18.74 19.53
CA PHE A 428 13.35 19.11 20.92
C PHE A 428 13.94 18.09 21.87
N LEU A 429 13.75 16.81 21.56
CA LEU A 429 14.34 15.75 22.36
C LEU A 429 15.86 15.77 22.31
N GLU A 430 16.46 16.08 21.15
CA GLU A 430 17.91 16.23 21.08
C GLU A 430 18.37 17.32 22.07
N GLN A 431 17.69 18.46 22.05
CA GLN A 431 18.09 19.57 22.91
C GLN A 431 17.99 19.19 24.37
N ARG A 432 16.93 18.44 24.74
CA ARG A 432 16.70 18.15 26.15
C ARG A 432 17.60 17.00 26.64
N PHE A 433 17.60 15.86 25.94
CA PHE A 433 18.25 14.66 26.43
C PHE A 433 19.57 14.34 25.73
N GLY A 434 19.88 15.02 24.64
CA GLY A 434 21.21 14.92 24.05
C GLY A 434 21.42 13.78 23.09
N VAL A 435 20.38 13.02 22.75
CA VAL A 435 20.51 11.89 21.85
C VAL A 435 20.23 12.39 20.44
N MET A 436 21.26 12.41 19.61
CA MET A 436 21.17 12.98 18.27
C MET A 436 20.56 11.99 17.29
N GLU A 437 19.88 12.55 16.29
CA GLU A 437 19.23 11.80 15.21
C GLU A 437 19.91 12.16 13.89
N PRO A 438 20.92 11.41 13.46
CA PRO A 438 21.62 11.73 12.21
C PRO A 438 20.78 11.52 10.96
N ASN A 439 19.59 10.91 11.05
CA ASN A 439 18.77 10.75 9.85
C ASN A 439 18.21 12.07 9.33
N ILE A 440 18.12 13.09 10.18
CA ILE A 440 17.50 14.36 9.77
C ILE A 440 18.40 15.04 8.74
N SER A 441 17.80 15.47 7.64
CA SER A 441 18.61 16.07 6.58
C SER A 441 19.16 17.44 7.00
N PRO A 442 20.27 17.86 6.40
CA PRO A 442 20.79 19.20 6.71
C PRO A 442 19.82 20.30 6.37
N TRP A 443 19.03 20.12 5.31
CA TRP A 443 18.02 21.12 4.95
C TRP A 443 17.00 21.26 6.08
N ARG A 444 16.50 20.13 6.61
CA ARG A 444 15.54 20.22 7.71
C ARG A 444 16.16 20.81 8.97
N ARG A 445 17.45 20.53 9.24
CA ARG A 445 18.06 21.17 10.41
C ARG A 445 18.18 22.67 10.23
N ALA A 446 18.35 23.13 8.98
CA ALA A 446 18.50 24.55 8.73
C ALA A 446 17.18 25.27 8.83
N VAL A 447 16.11 24.67 8.32
CA VAL A 447 14.85 25.38 8.10
C VAL A 447 13.85 25.17 9.23
N CYS A 448 13.88 24.00 9.86
CA CYS A 448 12.92 23.65 10.91
C CYS A 448 13.59 23.80 12.27
N GLY A 449 12.82 24.30 13.24
CA GLY A 449 13.33 24.62 14.55
C GLY A 449 13.27 23.44 15.50
N ASP A 450 13.57 23.70 16.78
CA ASP A 450 13.66 22.66 17.79
C ASP A 450 12.59 22.75 18.89
N LEU A 451 11.56 23.56 18.66
CA LEU A 451 10.39 23.77 19.51
C LEU A 451 10.68 24.56 20.79
N THR A 452 11.94 24.82 21.13
CA THR A 452 12.19 25.49 22.40
C THR A 452 11.61 26.89 22.43
N SER A 453 11.48 27.54 21.27
CA SER A 453 10.93 28.88 21.24
C SER A 453 9.45 28.92 21.57
N ALA A 454 8.79 27.76 21.63
CA ALA A 454 7.37 27.73 21.96
C ALA A 454 7.10 27.81 23.45
N PHE A 455 8.13 27.73 24.27
CA PHE A 455 8.02 27.73 25.73
C PHE A 455 8.66 29.00 26.30
N ASN A 456 8.25 29.34 27.51
CA ASN A 456 9.02 30.25 28.38
C ASN A 456 9.33 29.50 29.66
N PHE A 457 10.51 28.88 29.73
CA PHE A 457 10.89 28.05 30.88
C PHE A 457 11.20 28.87 32.12
N ALA A 458 11.40 30.18 31.98
CA ALA A 458 11.69 31.04 33.12
C ALA A 458 10.44 31.42 33.92
N ASN A 459 9.24 31.15 33.41
CA ASN A 459 7.99 31.56 34.06
C ASN A 459 6.99 30.41 34.14
N PRO A 460 7.34 29.35 34.87
CA PRO A 460 6.39 28.25 35.06
C PRO A 460 5.13 28.71 35.78
N ASN A 461 4.03 28.04 35.46
CA ASN A 461 2.74 28.30 36.07
C ASN A 461 2.10 26.97 36.45
N ASN A 462 1.93 26.73 37.75
CA ASN A 462 1.41 25.46 38.22
C ASN A 462 0.00 25.59 38.82
N GLU A 463 -0.74 26.62 38.45
CA GLU A 463 -2.15 26.72 38.80
C GLU A 463 -2.94 25.59 38.12
N PRO A 464 -4.16 25.30 38.58
CA PRO A 464 -5.02 24.36 37.84
C PRO A 464 -5.32 24.85 36.42
N PHE A 465 -5.73 23.91 35.52
CA PHE A 465 -6.01 24.28 34.11
C PHE A 465 -7.24 25.14 34.05
N PRO A 466 -7.35 26.04 33.10
CA PRO A 466 -8.67 26.66 32.88
C PRO A 466 -9.66 25.53 32.69
N GLU A 467 -10.94 25.85 32.80
CA GLU A 467 -11.93 24.88 32.39
C GLU A 467 -11.80 24.67 30.89
N LEU A 468 -11.88 23.41 30.47
CA LEU A 468 -11.99 23.14 29.05
C LEU A 468 -13.39 22.60 28.77
N PRO A 469 -13.91 22.78 27.55
CA PRO A 469 -15.24 22.27 27.24
C PRO A 469 -15.38 20.79 27.53
N ASP A 470 -16.58 20.39 27.93
CA ASP A 470 -16.90 18.99 28.16
C ASP A 470 -16.95 18.23 26.84
N THR A 471 -16.39 17.03 26.83
CA THR A 471 -16.44 16.15 25.66
C THR A 471 -17.22 14.86 25.91
N SER A 472 -17.88 14.74 27.08
CA SER A 472 -18.53 13.50 27.48
C SER A 472 -19.70 13.12 26.58
N GLN A 473 -20.30 14.08 25.88
CA GLN A 473 -21.46 13.81 25.02
C GLN A 473 -21.05 13.57 23.58
N ALA A 474 -19.78 13.26 23.33
CA ALA A 474 -19.31 13.10 21.96
C ALA A 474 -20.15 12.10 21.16
N ASP A 475 -20.41 10.91 21.72
CA ASP A 475 -21.20 9.90 21.00
C ASP A 475 -22.59 10.44 20.64
N ALA A 476 -23.24 11.14 21.57
CA ALA A 476 -24.57 11.67 21.30
C ALA A 476 -24.52 12.79 20.27
N ILE A 477 -23.48 13.60 20.32
CA ILE A 477 -23.29 14.69 19.35
C ILE A 477 -23.18 14.13 17.95
N VAL A 478 -22.32 13.13 17.75
CA VAL A 478 -22.16 12.57 16.42
C VAL A 478 -23.46 11.92 15.97
N ALA A 479 -24.11 11.17 16.86
CA ALA A 479 -25.30 10.43 16.48
C ALA A 479 -26.41 11.36 16.03
N SER A 480 -26.50 12.53 16.67
CA SER A 480 -27.47 13.53 16.26
C SER A 480 -27.06 14.20 14.94
N GLN A 481 -25.79 14.54 14.80
CA GLN A 481 -25.42 15.36 13.65
C GLN A 481 -25.32 14.56 12.34
N ILE A 482 -25.14 13.25 12.38
CA ILE A 482 -25.09 12.49 11.13
C ILE A 482 -26.47 12.38 10.50
N LYS A 483 -27.51 12.82 11.21
CA LYS A 483 -28.86 12.86 10.66
C LYS A 483 -29.08 14.11 9.83
N LEU A 484 -28.14 15.02 9.83
CA LEU A 484 -28.21 16.26 9.07
C LEU A 484 -27.66 16.06 7.67
N PRO A 485 -27.99 16.93 6.72
CA PRO A 485 -27.51 16.73 5.35
C PRO A 485 -26.01 16.94 5.22
N LYS A 486 -25.43 16.38 4.13
CA LYS A 486 -23.99 16.54 3.91
C LYS A 486 -23.67 18.01 3.64
N PRO A 487 -22.55 18.49 4.13
CA PRO A 487 -22.15 19.87 3.84
C PRO A 487 -21.74 20.06 2.39
N LYS A 488 -22.07 21.22 1.85
CA LYS A 488 -21.77 21.58 0.48
C LYS A 488 -21.24 23.01 0.44
N PRO A 489 -20.47 23.37 -0.59
CA PRO A 489 -20.06 24.76 -0.73
C PRO A 489 -21.31 25.63 -0.89
N PRO A 490 -21.25 26.88 -0.44
CA PRO A 490 -22.39 27.78 -0.67
C PRO A 490 -22.58 28.08 -2.16
N ALA A 491 -23.83 28.37 -2.51
CA ALA A 491 -24.18 28.67 -3.88
C ALA A 491 -23.40 29.86 -4.42
N VAL A 492 -23.18 30.85 -3.58
CA VAL A 492 -22.38 32.02 -3.91
C VAL A 492 -21.12 31.98 -3.04
N ALA A 493 -19.96 31.92 -3.68
CA ALA A 493 -18.70 31.92 -2.93
C ALA A 493 -18.47 33.29 -2.32
N ALA A 494 -17.95 33.30 -1.09
CA ALA A 494 -17.66 34.52 -0.37
C ALA A 494 -16.38 34.34 0.44
N MET A 495 -15.61 35.42 0.55
CA MET A 495 -14.35 35.35 1.28
C MET A 495 -14.61 35.02 2.75
N PRO A 496 -13.81 34.14 3.34
CA PRO A 496 -13.89 33.92 4.79
C PRO A 496 -13.40 35.13 5.55
N LYS A 497 -13.78 35.20 6.82
CA LYS A 497 -13.42 36.33 7.66
C LYS A 497 -12.75 35.82 8.93
N GLN A 498 -11.74 36.54 9.38
CA GLN A 498 -11.09 36.28 10.66
C GLN A 498 -11.21 37.56 11.47
N GLU A 499 -11.70 37.43 12.70
CA GLU A 499 -11.85 38.60 13.58
C GLU A 499 -10.50 39.16 13.98
N MET A 500 -10.44 40.49 14.11
CA MET A 500 -9.25 41.14 14.63
C MET A 500 -9.06 40.80 16.11
N GLY A 501 -7.82 40.94 16.57
CA GLY A 501 -7.48 40.65 17.94
C GLY A 501 -6.05 40.16 18.01
N ILE A 502 -5.33 40.54 19.05
CA ILE A 502 -3.92 40.21 19.17
C ILE A 502 -3.74 39.14 20.23
N ARG A 503 -2.72 38.35 20.04
CA ARG A 503 -2.32 37.27 20.88
C ARG A 503 -0.88 37.51 21.28
N PRO A 504 -0.47 37.24 22.53
CA PRO A 504 0.97 37.33 22.84
C PRO A 504 1.72 36.33 21.98
N ALA A 505 2.88 36.76 21.50
CA ALA A 505 3.67 36.00 20.54
C ALA A 505 5.07 35.76 21.05
N ARG A 506 5.54 34.53 20.88
CA ARG A 506 6.89 34.21 21.29
C ARG A 506 7.92 34.92 20.42
N ALA A 507 9.06 35.24 21.03
CA ALA A 507 10.21 35.73 20.31
C ALA A 507 10.71 34.67 19.34
N LEU A 508 11.07 35.12 18.14
CA LEU A 508 11.52 34.21 17.09
C LEU A 508 12.95 34.49 16.67
N PRO A 509 13.68 33.44 16.26
CA PRO A 509 15.09 33.59 15.89
C PRO A 509 15.28 34.01 14.44
N TYR A 510 14.51 34.98 13.97
CA TYR A 510 14.53 35.40 12.58
C TYR A 510 14.98 36.85 12.45
N GLU A 511 15.95 37.09 11.56
CA GLU A 511 16.30 38.45 11.14
C GLU A 511 16.69 38.35 9.69
N LEU A 512 15.86 38.90 8.81
CA LEU A 512 15.93 38.62 7.39
C LEU A 512 15.87 39.90 6.59
N GLY A 513 16.50 39.89 5.42
CA GLY A 513 16.41 41.00 4.50
C GLY A 513 16.49 40.50 3.08
N VAL A 514 15.95 41.31 2.18
CA VAL A 514 16.10 41.11 0.74
C VAL A 514 16.44 42.46 0.15
N HIS A 515 17.67 42.58 -0.36
CA HIS A 515 18.24 43.85 -0.80
C HIS A 515 18.42 43.81 -2.31
N ALA A 516 17.87 44.81 -2.99
CA ALA A 516 17.89 44.86 -4.45
C ALA A 516 18.99 45.79 -4.94
N ARG A 517 19.49 45.46 -6.13
CA ARG A 517 20.40 46.34 -6.87
C ARG A 517 20.12 46.14 -8.36
N TYR A 518 19.95 47.23 -9.10
CA TYR A 518 19.85 47.17 -10.55
C TYR A 518 20.78 48.23 -11.15
N ARG A 519 21.06 48.08 -12.43
CA ARG A 519 21.91 49.01 -13.16
C ARG A 519 21.16 49.58 -14.36
N SER A 520 21.58 50.77 -14.77
CA SER A 520 20.86 51.51 -15.81
C SER A 520 20.80 50.72 -17.12
N GLY A 521 21.96 50.38 -17.67
CA GLY A 521 22.01 49.61 -18.90
C GLY A 521 21.88 48.13 -18.65
N GLY A 522 21.40 47.76 -17.46
CA GLY A 522 21.30 46.38 -17.08
C GLY A 522 20.03 45.69 -17.58
N ASP A 523 20.09 44.37 -17.52
CA ASP A 523 19.02 43.48 -17.96
C ASP A 523 18.25 42.86 -16.82
N ALA A 524 18.69 43.03 -15.58
CA ALA A 524 18.14 42.25 -14.49
C ALA A 524 18.27 42.99 -13.18
N LEU A 525 17.41 42.59 -12.25
CA LEU A 525 17.45 43.01 -10.86
C LEU A 525 18.22 41.95 -10.07
N SER A 526 19.24 42.38 -9.35
CA SER A 526 19.95 41.51 -8.42
C SER A 526 19.30 41.60 -7.04
N LEU A 527 19.00 40.44 -6.44
CA LEU A 527 18.50 40.38 -5.07
C LEU A 527 19.48 39.62 -4.21
N THR A 528 19.76 40.16 -3.03
CA THR A 528 20.50 39.47 -1.99
C THR A 528 19.56 39.08 -0.87
N PHE A 529 19.48 37.78 -0.61
CA PHE A 529 18.67 37.21 0.46
C PHE A 529 19.60 37.04 1.65
N ALA A 530 19.41 37.86 2.67
CA ALA A 530 20.35 37.96 3.78
C ALA A 530 19.71 37.44 5.05
N ASN A 531 20.38 36.50 5.70
CA ASN A 531 19.91 35.96 6.97
C ASN A 531 20.93 36.29 8.05
N THR A 532 20.60 37.27 8.88
CA THR A 532 21.50 37.70 9.94
C THR A 532 21.04 37.21 11.30
N GLY A 533 20.03 36.34 11.36
CA GLY A 533 19.51 35.80 12.60
C GLY A 533 20.10 34.45 12.93
N LYS A 534 19.43 33.75 13.84
CA LYS A 534 19.98 32.52 14.41
C LYS A 534 19.34 31.25 13.87
N ALA A 535 18.27 31.36 13.07
CA ALA A 535 17.64 30.22 12.42
C ALA A 535 17.57 30.45 10.92
N GLY A 536 17.69 29.35 10.14
CA GLY A 536 17.54 29.41 8.70
C GLY A 536 16.12 29.70 8.27
N ALA A 537 15.97 30.09 7.00
CA ALA A 537 14.65 30.49 6.50
C ALA A 537 14.57 30.28 5.01
N VAL A 538 13.34 30.16 4.51
CA VAL A 538 13.05 30.05 3.10
C VAL A 538 12.37 31.32 2.65
N PHE A 539 12.91 31.93 1.59
CA PHE A 539 12.28 33.03 0.89
C PHE A 539 11.60 32.47 -0.37
N GLN A 540 10.32 32.81 -0.57
CA GLN A 540 9.62 32.41 -1.77
C GLN A 540 9.44 33.63 -2.65
N VAL A 541 9.83 33.51 -3.91
CA VAL A 541 9.83 34.63 -4.84
C VAL A 541 8.77 34.39 -5.90
N PHE A 542 7.71 35.19 -5.85
CA PHE A 542 6.64 35.14 -6.84
C PHE A 542 6.91 36.21 -7.88
N ASP A 543 6.90 35.82 -9.14
CA ASP A 543 7.03 36.74 -10.27
C ASP A 543 5.62 37.05 -10.77
N LEU A 544 5.14 38.25 -10.44
CA LEU A 544 3.78 38.59 -10.78
C LEU A 544 3.60 38.87 -12.28
N LEU A 545 4.69 38.88 -13.05
CA LEU A 545 4.63 39.05 -14.50
C LEU A 545 4.74 37.73 -15.25
N ASP A 546 4.90 36.61 -14.54
CA ASP A 546 5.06 35.29 -15.13
C ASP A 546 4.01 34.40 -14.49
N SER A 547 2.92 34.13 -15.21
CA SER A 547 1.84 33.29 -14.70
C SER A 547 2.04 31.81 -15.02
N GLU A 548 3.12 31.45 -15.71
CA GLU A 548 3.35 30.08 -16.11
C GLU A 548 4.31 29.34 -15.20
N ASN A 549 5.44 29.95 -14.86
CA ASN A 549 6.46 29.17 -14.16
C ASN A 549 6.21 29.22 -12.66
N PRO A 550 6.77 28.27 -11.92
CA PRO A 550 6.51 28.24 -10.48
C PRO A 550 7.39 29.24 -9.75
N PRO A 551 7.00 29.63 -8.54
CA PRO A 551 7.85 30.53 -7.75
C PRO A 551 9.16 29.86 -7.40
N LYS A 552 10.22 30.68 -7.34
CA LYS A 552 11.52 30.18 -6.93
C LYS A 552 11.65 30.25 -5.41
N ARG A 553 12.39 29.30 -4.84
CA ARG A 553 12.57 29.21 -3.39
C ARG A 553 14.04 29.28 -3.04
N TYR A 554 14.37 30.10 -2.05
CA TYR A 554 15.73 30.34 -1.61
C TYR A 554 15.87 29.99 -0.13
N THR A 555 16.65 28.94 0.16
CA THR A 555 16.93 28.56 1.54
C THR A 555 18.24 29.22 1.98
N VAL A 556 18.16 30.05 3.01
CA VAL A 556 19.32 30.77 3.51
C VAL A 556 19.47 30.43 4.99
N GLY A 557 20.55 29.74 5.33
CA GLY A 557 20.79 29.38 6.71
C GLY A 557 21.17 30.58 7.54
N ALA A 558 21.13 30.38 8.85
CA ALA A 558 21.52 31.43 9.77
C ALA A 558 22.90 31.99 9.45
N ARG A 559 23.00 33.31 9.46
CA ARG A 559 24.27 34.02 9.29
C ARG A 559 24.88 33.73 7.91
N LYS A 560 24.03 33.68 6.89
CA LYS A 560 24.45 33.47 5.52
C LYS A 560 23.66 34.39 4.60
N ARG A 561 24.08 34.41 3.34
CA ARG A 561 23.42 35.16 2.28
C ARG A 561 23.48 34.36 0.98
N LEU A 562 22.47 34.54 0.15
CA LEU A 562 22.45 34.09 -1.23
C LEU A 562 22.16 35.28 -2.13
N HIS A 563 22.55 35.16 -3.40
CA HIS A 563 22.26 36.19 -4.40
C HIS A 563 21.69 35.52 -5.65
N ASP A 564 20.76 36.20 -6.31
CA ASP A 564 20.33 35.76 -7.63
C ASP A 564 19.90 36.96 -8.44
N SER A 565 19.76 36.73 -9.75
CA SER A 565 19.38 37.74 -10.72
C SER A 565 18.01 37.42 -11.27
N PHE A 566 17.24 38.47 -11.54
CA PHE A 566 15.86 38.35 -12.01
C PHE A 566 15.69 39.26 -13.22
N GLN A 567 15.30 38.67 -14.36
CA GLN A 567 15.28 39.42 -15.61
C GLN A 567 14.05 40.31 -15.71
N GLY A 568 14.23 41.46 -16.33
CA GLY A 568 13.09 42.23 -16.77
C GLY A 568 12.38 41.53 -17.91
N ASP A 569 11.13 41.90 -18.13
CA ASP A 569 10.39 41.34 -19.27
C ASP A 569 10.77 42.09 -20.54
N ALA A 570 9.95 41.99 -21.59
CA ALA A 570 10.32 42.57 -22.88
C ALA A 570 10.56 44.07 -22.76
N SER A 571 9.81 44.73 -21.87
CA SER A 571 9.90 46.17 -21.68
C SER A 571 10.93 46.58 -20.64
N GLY A 572 11.57 45.63 -19.96
CA GLY A 572 12.40 45.96 -18.83
C GLY A 572 11.64 46.06 -17.51
N ASP A 573 10.36 45.70 -17.48
CA ASP A 573 9.54 45.73 -16.26
C ASP A 573 9.84 44.52 -15.38
N TYR A 574 9.73 44.71 -14.07
CA TYR A 574 9.77 43.63 -13.10
C TYR A 574 8.74 43.88 -12.01
N HIS A 575 8.24 42.79 -11.42
CA HIS A 575 7.33 42.88 -10.28
C HIS A 575 7.46 41.57 -9.51
N LEU A 576 8.16 41.62 -8.38
CA LEU A 576 8.44 40.45 -7.56
C LEU A 576 7.87 40.64 -6.16
N GLU A 577 7.22 39.61 -5.64
CA GLU A 577 6.75 39.53 -4.26
C GLU A 577 7.53 38.44 -3.53
N VAL A 578 8.31 38.82 -2.53
CA VAL A 578 9.14 37.86 -1.78
C VAL A 578 8.54 37.69 -0.39
N HIS A 579 8.19 36.45 -0.05
CA HIS A 579 7.60 36.09 1.22
C HIS A 579 8.57 35.28 2.06
N GLY A 580 8.54 35.52 3.37
CA GLY A 580 9.26 34.71 4.34
C GLY A 580 8.42 34.43 5.57
N PRO A 581 9.03 33.93 6.63
CA PRO A 581 8.25 33.55 7.82
C PRO A 581 7.57 34.73 8.51
N ASN A 582 6.48 34.40 9.20
CA ASN A 582 5.67 35.33 10.02
C ASN A 582 5.43 36.68 9.32
N GLY A 583 4.91 36.60 8.11
CA GLY A 583 4.48 37.80 7.41
C GLY A 583 5.58 38.61 6.77
N PHE A 584 6.80 38.09 6.71
CA PHE A 584 7.87 38.84 6.06
C PHE A 584 7.56 39.04 4.59
N LEU A 585 7.69 40.29 4.13
CA LEU A 585 7.38 40.64 2.75
C LEU A 585 8.38 41.65 2.25
N ARG A 586 8.89 41.44 1.03
CA ARG A 586 9.62 42.46 0.30
C ARG A 586 9.09 42.46 -1.13
N VAL A 587 8.61 43.62 -1.59
CA VAL A 587 8.07 43.76 -2.94
C VAL A 587 9.00 44.65 -3.74
N PHE A 588 9.23 44.27 -5.00
CA PHE A 588 10.10 45.00 -5.90
C PHE A 588 9.35 45.19 -7.20
N ARG A 589 9.07 46.44 -7.55
CA ARG A 589 8.44 46.75 -8.83
C ARG A 589 9.18 47.92 -9.46
N GLY A 590 9.25 47.90 -10.79
CA GLY A 590 9.95 48.95 -11.50
C GLY A 590 10.23 48.56 -12.94
N ASN A 591 11.06 49.37 -13.58
CA ASN A 591 11.50 49.19 -14.96
C ASN A 591 13.01 49.40 -15.02
N LEU A 592 13.69 48.59 -15.83
CA LEU A 592 15.15 48.58 -15.87
C LEU A 592 15.75 49.31 -17.07
N ALA A 593 14.93 49.79 -18.00
CA ALA A 593 15.45 50.35 -19.25
C ALA A 593 15.52 51.88 -19.17
N ALA A 601 18.33 60.70 -15.41
CA ALA A 601 17.19 60.52 -14.52
C ALA A 601 17.58 59.73 -13.26
N PRO A 602 16.77 59.84 -12.20
CA PRO A 602 17.14 59.17 -10.95
C PRO A 602 17.03 57.65 -11.05
N LEU A 603 17.85 56.98 -10.22
CA LEU A 603 17.87 55.52 -10.11
C LEU A 603 17.67 55.20 -8.63
N PRO A 604 16.43 55.24 -8.15
CA PRO A 604 16.20 55.03 -6.70
C PRO A 604 16.30 53.58 -6.27
N GLU A 605 16.63 53.42 -4.99
CA GLU A 605 16.70 52.10 -4.36
C GLU A 605 16.51 52.31 -2.87
N VAL A 606 16.19 51.23 -2.16
CA VAL A 606 16.09 51.30 -0.70
C VAL A 606 16.91 50.18 -0.09
N ARG A 607 17.34 50.40 1.14
CA ARG A 607 17.92 49.33 1.96
C ARG A 607 17.36 49.46 3.36
N ILE A 608 16.77 48.37 3.83
CA ILE A 608 16.12 48.29 5.12
C ILE A 608 17.03 47.56 6.08
N ASP A 609 17.29 48.16 7.26
CA ASP A 609 18.03 47.47 8.31
C ASP A 609 17.34 47.64 9.64
N TYR A 610 17.55 46.66 10.51
CA TYR A 610 16.99 46.63 11.84
C TYR A 610 17.99 47.18 12.83
N GLU A 611 17.49 47.97 13.78
CA GLU A 611 18.26 48.42 14.95
C GLU A 611 17.48 47.99 16.20
N PRO A 612 17.42 46.69 16.48
CA PRO A 612 16.51 46.20 17.52
C PRO A 612 16.89 46.67 18.91
N LEU A 613 18.17 46.90 19.19
CA LEU A 613 18.56 47.36 20.52
C LEU A 613 17.93 48.70 20.84
N PHE A 614 17.64 49.52 19.83
CA PHE A 614 17.02 50.82 20.01
C PHE A 614 15.56 50.84 19.60
N GLY A 615 15.02 49.71 19.13
CA GLY A 615 13.64 49.65 18.72
C GLY A 615 13.34 50.39 17.43
N ASN A 616 14.34 50.55 16.56
CA ASN A 616 14.18 51.34 15.35
C ASN A 616 14.36 50.51 14.08
N LEU A 617 13.68 50.96 13.04
CA LEU A 617 13.92 50.52 11.67
C LEU A 617 14.65 51.63 10.91
N ARG A 618 15.74 51.27 10.24
CA ARG A 618 16.53 52.21 9.45
C ARG A 618 16.21 52.02 7.97
N VAL A 619 15.74 53.08 7.33
CA VAL A 619 15.35 53.04 5.92
C VAL A 619 16.31 53.95 5.17
N GLN A 620 17.20 53.34 4.38
CA GLN A 620 18.13 54.10 3.56
C GLN A 620 17.49 54.31 2.20
N LEU A 621 17.47 55.56 1.76
CA LEU A 621 16.94 55.95 0.47
C LEU A 621 18.10 56.36 -0.42
N ILE A 622 18.29 55.63 -1.53
CA ILE A 622 19.49 55.69 -2.37
C ILE A 622 19.10 56.23 -3.73
N ASN A 623 19.95 57.08 -4.31
CA ASN A 623 19.74 57.60 -5.66
C ASN A 623 21.04 57.47 -6.43
N ARG A 624 21.10 56.51 -7.35
CA ARG A 624 22.30 56.32 -8.13
C ARG A 624 22.26 57.05 -9.47
N GLY A 625 21.22 57.86 -9.69
CA GLY A 625 21.03 58.55 -10.95
C GLY A 625 21.66 59.93 -10.95
N ARG A 626 21.41 60.64 -12.05
CA ARG A 626 22.05 61.91 -12.34
C ARG A 626 21.22 63.10 -11.90
N HIS A 627 19.93 62.89 -11.63
CA HIS A 627 19.03 63.94 -11.18
C HIS A 627 18.52 63.59 -9.79
N PRO A 628 18.14 64.57 -9.00
CA PRO A 628 17.58 64.29 -7.67
C PRO A 628 16.20 63.63 -7.80
N VAL A 629 15.75 63.02 -6.71
CA VAL A 629 14.45 62.37 -6.70
C VAL A 629 13.79 62.55 -5.34
N LYS A 630 12.48 62.80 -5.38
CA LYS A 630 11.62 62.87 -4.19
C LYS A 630 11.05 61.48 -3.92
N LEU A 631 11.50 60.85 -2.85
CA LEU A 631 11.01 59.52 -2.47
C LEU A 631 10.06 59.66 -1.30
N THR A 632 8.92 59.00 -1.39
CA THR A 632 7.91 59.04 -0.34
C THR A 632 7.84 57.68 0.34
N VAL A 633 7.91 57.69 1.67
CA VAL A 633 7.74 56.48 2.48
C VAL A 633 6.37 56.57 3.13
N LYS A 634 5.49 55.64 2.79
CA LYS A 634 4.09 55.64 3.23
CA LYS A 634 4.11 55.66 3.26
C LYS A 634 3.80 54.39 4.05
N ASP A 635 3.24 54.58 5.25
CA ASP A 635 2.74 53.46 6.03
C ASP A 635 1.50 52.88 5.37
N ASN A 636 1.40 51.55 5.39
CA ASN A 636 0.26 50.89 4.80
C ASN A 636 -0.78 50.42 5.80
N VAL A 637 -0.47 50.30 7.09
CA VAL A 637 -1.48 49.77 8.00
C VAL A 637 -1.32 50.10 9.47
N TYR A 638 -0.12 50.44 9.95
CA TYR A 638 0.09 50.52 11.40
C TYR A 638 0.06 51.93 11.96
N ARG A 639 0.11 52.93 11.11
CA ARG A 639 0.29 54.33 11.51
C ARG A 639 -0.68 55.20 10.75
N GLN A 640 -1.85 54.65 10.43
CA GLN A 640 -2.90 55.40 9.79
C GLN A 640 -2.44 56.06 8.49
N GLY A 641 -1.51 55.45 7.76
CA GLY A 641 -1.11 55.97 6.46
C GLY A 641 -0.12 57.12 6.52
N GLU A 642 0.52 57.33 7.67
CA GLU A 642 1.56 58.34 7.81
C GLU A 642 2.56 58.29 6.65
N ARG A 643 2.95 59.45 6.15
CA ARG A 643 3.86 59.53 5.03
C ARG A 643 4.98 60.51 5.35
N ARG A 644 6.16 60.22 4.80
CA ARG A 644 7.33 61.09 4.86
C ARG A 644 7.95 61.17 3.48
N THR A 645 8.43 62.37 3.12
CA THR A 645 9.01 62.59 1.79
C THR A 645 10.42 63.09 1.93
N VAL A 646 11.35 62.53 1.16
CA VAL A 646 12.77 62.85 1.25
C VAL A 646 13.30 63.13 -0.15
N ASN A 647 13.96 64.27 -0.33
CA ASN A 647 14.65 64.57 -1.58
C ASN A 647 16.06 63.99 -1.48
N VAL A 648 16.41 63.12 -2.41
CA VAL A 648 17.70 62.44 -2.39
C VAL A 648 18.54 62.96 -3.56
N PRO A 649 19.66 63.62 -3.31
CA PRO A 649 20.47 64.15 -4.41
C PRO A 649 21.04 63.04 -5.27
N PRO A 650 21.46 63.39 -6.50
CA PRO A 650 22.13 62.41 -7.37
C PRO A 650 23.38 61.83 -6.73
N GLY A 651 23.55 60.52 -6.86
CA GLY A 651 24.73 59.84 -6.36
C GLY A 651 24.88 59.85 -4.87
N GLN A 652 23.79 60.04 -4.12
CA GLN A 652 23.83 60.08 -2.67
C GLN A 652 22.74 59.20 -2.10
N ARG A 653 22.73 59.10 -0.76
CA ARG A 653 21.65 58.44 -0.06
C ARG A 653 21.28 59.29 1.16
N ARG A 654 20.07 59.06 1.64
CA ARG A 654 19.57 59.72 2.83
C ARG A 654 18.83 58.67 3.66
N GLU A 655 18.75 58.90 4.97
CA GLU A 655 18.20 57.94 5.92
C GLU A 655 16.97 58.47 6.62
N VAL A 656 16.01 57.57 6.86
CA VAL A 656 14.87 57.82 7.73
C VAL A 656 14.83 56.70 8.76
N ARG A 657 14.58 57.05 10.02
CA ARG A 657 14.43 56.05 11.07
C ARG A 657 13.02 56.12 11.64
N TYR A 658 12.47 54.94 11.93
CA TYR A 658 11.16 54.80 12.55
C TYR A 658 11.33 54.06 13.85
N SER A 659 10.77 54.60 14.92
CA SER A 659 10.59 53.82 16.13
C SER A 659 9.34 52.98 15.96
N LEU A 660 9.48 51.66 16.12
CA LEU A 660 8.34 50.74 15.95
C LEU A 660 7.67 50.39 17.28
N ARG A 661 7.93 51.16 18.34
CA ARG A 661 7.31 50.88 19.65
C ARG A 661 5.79 50.84 19.54
N SER A 662 5.20 51.79 18.84
CA SER A 662 3.74 51.92 18.82
C SER A 662 3.06 50.76 18.12
N SER A 663 3.78 50.02 17.27
CA SER A 663 3.19 48.90 16.54
C SER A 663 3.77 47.56 16.97
N GLY A 664 4.39 47.51 18.14
CA GLY A 664 4.93 46.24 18.62
C GLY A 664 5.95 45.65 17.68
N ASN A 665 6.75 46.50 17.04
CA ASN A 665 7.83 46.13 16.13
C ASN A 665 7.33 45.63 14.78
N TRP A 666 6.02 45.69 14.52
CA TRP A 666 5.48 45.44 13.18
C TRP A 666 5.66 46.67 12.29
N TYR A 667 5.91 46.42 11.02
CA TYR A 667 6.05 47.50 10.04
C TYR A 667 5.45 47.07 8.72
N ASP A 668 4.97 48.05 7.96
CA ASP A 668 4.49 47.82 6.59
C ASP A 668 4.54 49.19 5.90
N PHE A 669 5.56 49.39 5.07
CA PHE A 669 5.80 50.67 4.40
C PHE A 669 6.02 50.42 2.92
N SER A 670 5.62 51.39 2.11
CA SER A 670 5.87 51.41 0.67
C SER A 670 6.63 52.68 0.29
N VAL A 671 7.67 52.51 -0.52
CA VAL A 671 8.47 53.62 -1.02
C VAL A 671 8.17 53.80 -2.51
N SER A 672 7.83 55.04 -2.89
CA SER A 672 7.54 55.38 -4.27
C SER A 672 8.34 56.63 -4.63
N ALA A 673 8.45 56.88 -5.94
CA ALA A 673 9.25 57.98 -6.48
C ALA A 673 8.36 58.93 -7.28
N GLN A 674 8.45 60.22 -6.98
CA GLN A 674 7.72 61.20 -7.78
C GLN A 674 8.16 61.08 -9.24
N GLY A 675 7.19 61.02 -10.14
CA GLY A 675 7.49 60.90 -11.56
C GLY A 675 7.61 59.48 -12.06
N SER A 676 7.35 58.48 -11.22
CA SER A 676 7.31 57.08 -11.64
C SER A 676 5.99 56.47 -11.20
N ASP A 677 5.26 55.91 -12.15
CA ASP A 677 4.03 55.19 -11.82
C ASP A 677 4.30 53.73 -11.47
N SER A 678 5.52 53.24 -11.68
CA SER A 678 5.84 51.83 -11.53
C SER A 678 6.76 51.52 -10.35
N PHE A 679 7.76 52.35 -10.08
CA PHE A 679 8.75 52.01 -9.06
C PHE A 679 8.09 51.81 -7.71
N LEU A 680 8.45 50.71 -7.05
CA LEU A 680 7.90 50.42 -5.73
C LEU A 680 8.89 49.56 -4.95
N ARG A 681 9.05 49.90 -3.68
CA ARG A 681 9.70 49.01 -2.73
C ARG A 681 8.79 48.93 -1.51
N ARG A 682 8.21 47.76 -1.26
CA ARG A 682 7.38 47.57 -0.07
C ARG A 682 8.09 46.62 0.87
N PHE A 683 7.97 46.89 2.16
CA PHE A 683 8.61 46.04 3.15
C PHE A 683 7.70 45.89 4.34
N SER A 684 7.41 44.65 4.73
CA SER A 684 6.60 44.38 5.90
C SER A 684 7.18 43.19 6.65
N GLY A 685 6.84 43.16 7.93
CA GLY A 685 7.20 42.05 8.79
C GLY A 685 7.24 42.54 10.23
N ARG A 686 7.85 41.70 11.06
CA ARG A 686 8.07 42.08 12.47
C ARG A 686 9.58 42.06 12.76
N MET A 687 10.08 43.12 13.36
CA MET A 687 11.48 43.19 13.77
C MET A 687 11.62 42.45 15.10
N GLU A 688 12.33 41.33 15.08
CA GLU A 688 12.55 40.59 16.31
C GLU A 688 13.68 41.23 17.11
N ASP A 689 13.54 41.17 18.44
CA ASP A 689 14.56 41.75 19.32
C ASP A 689 14.89 40.85 20.51
N GLY A 690 14.53 39.57 20.46
CA GLY A 690 14.80 38.64 21.54
C GLY A 690 13.77 38.65 22.64
N ARG A 691 12.88 39.62 22.67
CA ARG A 691 11.82 39.65 23.67
C ARG A 691 10.51 39.23 23.03
N SER A 692 9.59 38.81 23.89
CA SER A 692 8.28 38.41 23.38
C SER A 692 7.59 39.63 22.78
N GLY A 693 6.58 39.35 21.96
CA GLY A 693 5.87 40.40 21.29
C GLY A 693 4.42 40.03 21.17
N PHE A 694 3.81 40.41 20.04
CA PHE A 694 2.40 40.11 19.78
C PHE A 694 2.25 39.69 18.33
N SER A 695 1.15 39.01 18.06
CA SER A 695 0.80 38.71 16.69
C SER A 695 0.49 40.00 15.93
N ASP A 696 0.44 39.90 14.60
CA ASP A 696 0.19 41.05 13.74
C ASP A 696 -1.05 41.79 14.20
N PRO A 697 -0.92 43.03 14.69
CA PRO A 697 -2.12 43.76 15.13
C PRO A 697 -3.14 43.96 14.02
N GLY A 698 -2.72 43.88 12.75
CA GLY A 698 -3.60 43.96 11.60
C GLY A 698 -4.21 42.66 11.11
N MET A 699 -3.93 41.53 11.79
CA MET A 699 -4.55 40.27 11.40
C MET A 699 -6.04 40.46 11.34
N GLY A 700 -6.66 39.97 10.26
CA GLY A 700 -8.07 40.18 10.00
C GLY A 700 -8.31 41.13 8.84
N LEU A 701 -7.35 42.03 8.57
CA LEU A 701 -7.56 43.05 7.55
C LEU A 701 -7.33 42.56 6.13
N GLY A 702 -6.77 41.37 5.94
CA GLY A 702 -6.51 40.93 4.58
C GLY A 702 -5.62 41.93 3.86
N THR A 703 -5.97 42.27 2.62
CA THR A 703 -5.15 43.19 1.83
C THR A 703 -5.52 44.66 2.03
N LEU A 704 -6.37 44.98 3.00
CA LEU A 704 -6.68 46.37 3.25
C LEU A 704 -5.42 47.16 3.61
N THR A 705 -5.20 48.25 2.89
CA THR A 705 -4.06 49.13 3.12
C THR A 705 -4.51 50.57 2.95
N PHE A 706 -3.86 51.47 3.68
CA PHE A 706 -4.19 52.90 3.57
C PHE A 706 -3.81 53.48 2.21
N ARG B 55 -33.20 -34.23 -3.46
CA ARG B 55 -34.44 -33.88 -4.17
C ARG B 55 -34.23 -33.96 -5.68
N HIS B 56 -33.60 -32.94 -6.26
CA HIS B 56 -33.31 -32.96 -7.69
C HIS B 56 -32.23 -33.97 -8.04
N GLY B 57 -31.29 -34.20 -7.12
CA GLY B 57 -30.13 -34.98 -7.47
C GLY B 57 -29.18 -34.25 -8.39
N ASN B 58 -29.08 -32.92 -8.27
CA ASN B 58 -28.23 -32.11 -9.13
C ASN B 58 -27.91 -30.80 -8.42
N LEU B 59 -27.22 -29.89 -9.13
CA LEU B 59 -26.75 -28.63 -8.57
C LEU B 59 -27.84 -27.80 -7.91
N LYS B 60 -29.09 -27.92 -8.38
CA LYS B 60 -30.15 -27.11 -7.80
C LYS B 60 -30.45 -27.46 -6.35
N ASP B 61 -29.97 -28.61 -5.86
CA ASP B 61 -30.17 -28.95 -4.46
C ASP B 61 -29.35 -28.09 -3.52
N VAL B 62 -28.33 -27.40 -4.03
CA VAL B 62 -27.62 -26.42 -3.22
C VAL B 62 -28.52 -25.19 -3.01
N GLU B 63 -28.79 -24.86 -1.75
CA GLU B 63 -29.51 -23.63 -1.44
C GLU B 63 -28.61 -22.57 -0.82
N HIS B 64 -27.45 -22.94 -0.30
CA HIS B 64 -26.55 -22.02 0.38
C HIS B 64 -25.12 -22.35 -0.01
N VAL B 65 -24.37 -21.36 -0.46
CA VAL B 65 -22.94 -21.50 -0.69
C VAL B 65 -22.24 -20.62 0.33
N VAL B 66 -21.26 -21.18 1.03
CA VAL B 66 -20.50 -20.47 2.05
C VAL B 66 -19.04 -20.52 1.64
N ILE B 67 -18.39 -19.35 1.66
CA ILE B 67 -17.05 -19.18 1.13
C ILE B 67 -16.17 -18.66 2.25
N LEU B 68 -15.23 -19.50 2.71
CA LEU B 68 -14.30 -19.10 3.76
C LEU B 68 -12.92 -19.05 3.12
N MET B 69 -12.42 -17.84 2.84
CA MET B 69 -11.08 -17.66 2.31
C MET B 69 -10.13 -17.31 3.46
N GLN B 70 -9.25 -18.25 3.77
CA GLN B 70 -8.18 -18.07 4.74
C GLN B 70 -6.99 -17.46 4.01
N GLU B 71 -5.84 -17.36 4.69
CA GLU B 71 -4.72 -16.56 4.23
C GLU B 71 -3.43 -17.37 4.16
N ASN B 72 -2.75 -17.29 3.03
CA ASN B 72 -1.30 -17.45 2.96
C ASN B 72 -0.74 -18.84 3.27
N ARG B 73 -1.17 -19.84 2.51
CA ARG B 73 -0.60 -21.18 2.61
C ARG B 73 -0.61 -21.81 1.23
N SER B 74 0.52 -22.44 0.84
CA SER B 74 0.56 -23.14 -0.43
C SER B 74 0.08 -24.57 -0.27
N PHE B 75 -0.26 -25.20 -1.39
CA PHE B 75 -0.76 -26.57 -1.34
C PHE B 75 0.31 -27.53 -0.81
N ASP B 76 1.51 -27.52 -1.40
CA ASP B 76 2.53 -28.48 -0.94
C ASP B 76 2.90 -28.24 0.53
N HIS B 77 2.87 -26.97 0.97
CA HIS B 77 3.23 -26.62 2.34
C HIS B 77 2.36 -27.35 3.33
N TYR B 78 1.09 -27.60 2.98
CA TYR B 78 0.22 -28.39 3.84
C TYR B 78 0.18 -29.86 3.45
N PHE B 79 0.10 -30.15 2.16
CA PHE B 79 -0.35 -31.45 1.70
C PHE B 79 0.60 -32.15 0.74
N GLY B 80 1.85 -31.69 0.64
CA GLY B 80 2.82 -32.38 -0.18
C GLY B 80 3.02 -33.84 0.21
N THR B 81 2.76 -34.17 1.48
CA THR B 81 2.86 -35.54 1.96
C THR B 81 1.51 -36.24 2.09
N LEU B 82 0.40 -35.58 1.75
CA LEU B 82 -0.91 -36.22 1.85
C LEU B 82 -1.07 -37.28 0.78
N LYS B 83 -1.41 -38.50 1.18
CA LYS B 83 -1.56 -39.58 0.20
C LYS B 83 -2.62 -39.23 -0.83
N GLY B 84 -2.33 -39.51 -2.10
CA GLY B 84 -3.34 -39.47 -3.14
C GLY B 84 -3.57 -38.12 -3.80
N VAL B 85 -2.92 -37.06 -3.34
CA VAL B 85 -2.90 -35.80 -4.04
C VAL B 85 -1.57 -35.65 -4.75
N ARG B 86 -1.47 -34.70 -5.68
CA ARG B 86 -0.23 -34.52 -6.43
C ARG B 86 0.72 -33.68 -5.59
N GLY B 87 1.57 -34.38 -4.81
CA GLY B 87 2.48 -33.78 -3.86
C GLY B 87 3.93 -34.10 -4.17
N PHE B 88 4.71 -34.34 -3.13
CA PHE B 88 6.16 -34.51 -3.29
C PHE B 88 6.50 -35.79 -4.03
N GLY B 89 5.55 -36.72 -4.14
CA GLY B 89 5.72 -37.95 -4.89
C GLY B 89 5.25 -37.89 -6.34
N ASP B 90 4.90 -36.70 -6.81
CA ASP B 90 4.45 -36.48 -8.18
C ASP B 90 5.41 -37.13 -9.18
N ARG B 91 4.90 -38.00 -10.02
CA ARG B 91 5.74 -38.60 -11.05
C ARG B 91 6.01 -37.65 -12.23
N MET B 92 5.36 -36.48 -12.28
CA MET B 92 5.33 -35.62 -13.45
C MET B 92 5.78 -34.21 -13.11
N ALA B 93 6.63 -34.05 -12.11
CA ALA B 93 7.18 -32.74 -11.79
C ALA B 93 7.98 -32.20 -12.98
N ILE B 94 7.99 -30.88 -13.11
CA ILE B 94 8.64 -30.20 -14.23
C ILE B 94 10.14 -30.10 -14.01
N PRO B 95 10.90 -29.84 -15.08
CA PRO B 95 12.34 -29.63 -14.96
C PRO B 95 12.74 -28.18 -14.73
N LEU B 96 13.84 -28.02 -14.02
CA LEU B 96 14.50 -26.72 -13.90
C LEU B 96 15.42 -26.50 -15.08
N PRO B 97 15.98 -25.29 -15.21
CA PRO B 97 16.90 -25.05 -16.32
C PRO B 97 18.11 -25.95 -16.33
N ASP B 98 18.53 -26.47 -15.17
CA ASP B 98 19.69 -27.36 -15.13
C ASP B 98 19.34 -28.81 -15.42
N GLY B 99 18.08 -29.10 -15.73
CA GLY B 99 17.64 -30.43 -16.10
C GLY B 99 17.20 -31.30 -14.95
N GLN B 100 17.41 -30.88 -13.71
CA GLN B 100 16.88 -31.59 -12.56
C GLN B 100 15.42 -31.20 -12.36
N ARG B 101 14.69 -32.02 -11.60
CA ARG B 101 13.32 -31.66 -11.26
C ARG B 101 13.25 -30.44 -10.35
N VAL B 102 12.07 -29.82 -10.36
CA VAL B 102 11.74 -28.56 -9.71
C VAL B 102 12.09 -28.53 -8.22
N TRP B 103 12.22 -29.69 -7.58
CA TRP B 103 12.56 -29.70 -6.16
C TRP B 103 13.92 -29.07 -5.86
N HIS B 104 14.84 -29.10 -6.83
CA HIS B 104 16.26 -28.81 -6.61
C HIS B 104 16.53 -27.31 -6.72
N GLN B 105 15.84 -26.57 -5.86
CA GLN B 105 16.00 -25.12 -5.81
C GLN B 105 17.38 -24.75 -5.32
N LYS B 106 17.94 -23.73 -5.93
CA LYS B 106 19.27 -23.27 -5.57
C LYS B 106 19.24 -21.81 -5.15
N GLY B 107 20.13 -21.50 -4.20
CA GLY B 107 20.29 -20.14 -3.73
C GLY B 107 21.72 -19.87 -3.31
N SER B 108 21.93 -18.80 -2.56
CA SER B 108 23.28 -18.39 -2.18
C SER B 108 23.97 -19.39 -1.27
N LYS B 109 23.23 -20.34 -0.70
CA LYS B 109 23.77 -21.39 0.18
C LYS B 109 23.81 -22.75 -0.51
N GLY B 110 23.73 -22.78 -1.84
CA GLY B 110 23.57 -24.04 -2.55
C GLY B 110 22.11 -24.48 -2.61
N GLU B 111 21.94 -25.78 -2.84
CA GLU B 111 20.61 -26.36 -3.02
C GLU B 111 19.91 -26.53 -1.69
N ILE B 112 18.64 -26.14 -1.63
CA ILE B 112 17.77 -26.43 -0.51
C ILE B 112 16.53 -27.11 -1.08
N LEU B 113 16.35 -28.38 -0.74
CA LEU B 113 15.19 -29.16 -1.11
C LEU B 113 14.07 -28.90 -0.12
N PRO B 114 12.82 -29.19 -0.48
CA PRO B 114 11.74 -29.10 0.49
C PRO B 114 12.10 -29.87 1.76
N TYR B 115 11.74 -29.31 2.90
CA TYR B 115 12.11 -29.89 4.18
C TYR B 115 11.00 -29.69 5.21
N HIS B 116 10.99 -30.57 6.20
CA HIS B 116 9.91 -30.61 7.17
C HIS B 116 10.03 -29.51 8.22
N PHE B 117 8.92 -28.77 8.39
CA PHE B 117 8.67 -27.86 9.51
C PHE B 117 8.11 -28.70 10.66
N ASP B 118 8.96 -29.08 11.60
CA ASP B 118 8.59 -29.99 12.68
C ASP B 118 8.11 -29.19 13.88
N THR B 119 6.78 -29.19 14.11
CA THR B 119 6.23 -28.41 15.22
C THR B 119 6.52 -29.05 16.59
N SER B 120 7.08 -30.27 16.63
CA SER B 120 7.41 -30.88 17.90
C SER B 120 8.78 -30.46 18.41
N THR B 121 9.63 -29.90 17.54
CA THR B 121 10.98 -29.52 17.90
C THR B 121 11.34 -28.09 17.54
N THR B 122 10.46 -27.35 16.85
CA THR B 122 10.73 -25.99 16.43
C THR B 122 9.45 -25.20 16.62
N SER B 123 9.58 -23.87 16.46
CA SER B 123 8.44 -22.95 16.54
C SER B 123 7.75 -22.77 15.19
N ALA B 124 7.77 -23.79 14.32
CA ALA B 124 7.23 -23.68 12.98
C ALA B 124 5.72 -23.46 12.97
N GLN B 125 5.03 -23.78 14.07
CA GLN B 125 3.62 -23.43 14.18
C GLN B 125 3.43 -21.93 13.97
N ARG B 126 4.44 -21.15 14.36
CA ARG B 126 4.45 -19.70 14.15
C ARG B 126 5.69 -19.33 13.32
N VAL B 127 5.88 -20.01 12.18
CA VAL B 127 7.00 -19.69 11.30
C VAL B 127 6.92 -18.24 10.84
N ASP B 128 8.07 -17.59 10.75
CA ASP B 128 8.11 -16.23 10.18
C ASP B 128 7.66 -16.25 8.73
N GLY B 129 6.70 -15.38 8.40
CA GLY B 129 6.17 -15.36 7.06
C GLY B 129 7.20 -14.94 6.03
N THR B 130 6.88 -15.26 4.78
CA THR B 130 7.76 -15.02 3.65
C THR B 130 7.13 -14.02 2.68
N PRO B 131 7.97 -13.43 1.81
CA PRO B 131 7.49 -12.40 0.86
C PRO B 131 6.32 -12.88 0.01
N HIS B 132 5.34 -11.98 -0.19
CA HIS B 132 4.18 -12.33 -1.00
C HIS B 132 3.61 -11.06 -1.66
N THR B 133 4.39 -10.47 -2.57
CA THR B 133 3.94 -9.33 -3.37
C THR B 133 4.23 -9.62 -4.82
N TRP B 134 3.63 -8.81 -5.70
CA TRP B 134 3.80 -8.97 -7.15
C TRP B 134 5.26 -9.19 -7.54
N PRO B 135 6.20 -8.32 -7.18
CA PRO B 135 7.57 -8.56 -7.67
C PRO B 135 8.22 -9.83 -7.17
N ASP B 136 8.03 -10.23 -5.90
CA ASP B 136 8.74 -11.43 -5.45
C ASP B 136 8.03 -12.71 -5.91
N ALA B 137 6.72 -12.67 -6.11
CA ALA B 137 6.05 -13.82 -6.70
C ALA B 137 6.50 -14.00 -8.14
N GLN B 138 6.52 -12.91 -8.92
CA GLN B 138 7.04 -13.00 -10.27
C GLN B 138 8.50 -13.42 -10.28
N GLN B 139 9.29 -12.94 -9.33
CA GLN B 139 10.69 -13.32 -9.28
C GLN B 139 10.84 -14.85 -9.12
N ALA B 140 10.10 -15.43 -8.17
CA ALA B 140 10.20 -16.87 -7.91
C ALA B 140 9.78 -17.68 -9.13
N TRP B 141 8.66 -17.28 -9.74
CA TRP B 141 8.10 -17.99 -10.87
C TRP B 141 8.97 -17.85 -12.10
N ASN B 142 9.58 -16.68 -12.28
CA ASN B 142 10.60 -16.43 -13.30
C ASN B 142 10.17 -16.90 -14.69
N GLU B 143 9.06 -16.33 -15.14
CA GLU B 143 8.48 -16.57 -16.47
C GLU B 143 8.11 -18.02 -16.67
N GLY B 144 7.86 -18.75 -15.60
CA GLY B 144 7.53 -20.15 -15.68
C GLY B 144 8.69 -21.11 -15.52
N ARG B 145 9.92 -20.62 -15.33
CA ARG B 145 11.06 -21.49 -15.07
C ARG B 145 11.01 -22.08 -13.67
N MET B 146 10.33 -21.39 -12.73
CA MET B 146 10.08 -21.94 -11.40
C MET B 146 11.37 -22.22 -10.64
N ASP B 147 12.39 -21.40 -10.85
CA ASP B 147 13.75 -21.70 -10.40
C ASP B 147 14.35 -20.65 -9.46
N LYS B 148 13.57 -19.71 -8.94
CA LYS B 148 14.13 -18.65 -8.09
C LYS B 148 13.41 -18.51 -6.75
N TRP B 149 12.84 -19.62 -6.25
CA TRP B 149 12.12 -19.57 -4.98
C TRP B 149 13.00 -19.08 -3.84
N LEU B 150 14.26 -19.52 -3.79
CA LEU B 150 15.07 -19.20 -2.62
C LEU B 150 15.50 -17.73 -2.59
N PRO B 151 16.03 -17.15 -3.66
CA PRO B 151 16.37 -15.73 -3.57
C PRO B 151 15.14 -14.84 -3.42
N ALA B 152 14.00 -15.26 -3.95
CA ALA B 152 12.80 -14.43 -3.92
C ALA B 152 12.07 -14.53 -2.59
N LYS B 153 12.09 -15.69 -1.97
CA LYS B 153 11.16 -16.00 -0.90
C LYS B 153 11.83 -16.43 0.40
N THR B 154 13.16 -16.55 0.44
CA THR B 154 13.97 -17.05 1.56
C THR B 154 13.92 -18.56 1.72
N GLU B 155 14.84 -19.09 2.52
CA GLU B 155 14.84 -20.54 2.74
C GLU B 155 13.61 -21.05 3.49
N ARG B 156 12.84 -20.16 4.15
CA ARG B 156 11.61 -20.63 4.79
C ARG B 156 10.54 -21.03 3.78
N SER B 157 10.68 -20.59 2.52
CA SER B 157 9.71 -20.94 1.50
C SER B 157 9.61 -22.43 1.32
N LEU B 158 10.69 -23.16 1.56
CA LEU B 158 10.74 -24.58 1.22
C LEU B 158 10.26 -25.50 2.34
N GLY B 159 9.81 -24.97 3.47
CA GLY B 159 9.34 -25.81 4.55
C GLY B 159 7.89 -26.22 4.39
N TYR B 160 7.61 -27.45 4.81
CA TYR B 160 6.27 -28.03 4.75
C TYR B 160 5.95 -28.74 6.07
N TYR B 161 4.66 -28.79 6.38
CA TYR B 161 4.15 -29.54 7.52
C TYR B 161 3.82 -30.96 7.11
N LYS B 162 3.72 -31.84 8.10
CA LYS B 162 3.21 -33.19 7.94
C LYS B 162 1.93 -33.40 8.73
N GLU B 163 1.34 -34.59 8.57
CA GLU B 163 0.05 -34.88 9.19
C GLU B 163 0.09 -34.58 10.68
N GLN B 164 1.16 -34.98 11.36
CA GLN B 164 1.26 -34.80 12.79
CA GLN B 164 1.25 -34.80 12.79
C GLN B 164 1.25 -33.32 13.20
N ASP B 165 1.61 -32.41 12.30
CA ASP B 165 1.68 -30.99 12.61
C ASP B 165 0.35 -30.29 12.39
N ILE B 166 -0.46 -30.79 11.46
CA ILE B 166 -1.71 -30.14 11.07
C ILE B 166 -2.79 -31.20 10.93
N ALA B 167 -3.05 -31.91 12.03
CA ALA B 167 -3.97 -33.05 11.97
C ALA B 167 -5.37 -32.63 11.54
N PHE B 168 -5.85 -31.49 12.01
CA PHE B 168 -7.20 -31.07 11.65
C PHE B 168 -7.35 -30.89 10.14
N GLN B 169 -6.36 -30.21 9.54
CA GLN B 169 -6.36 -29.99 8.10
C GLN B 169 -6.36 -31.30 7.33
N PHE B 170 -5.51 -32.26 7.75
CA PHE B 170 -5.51 -33.57 7.10
C PHE B 170 -6.86 -34.25 7.29
N ALA B 171 -7.46 -34.12 8.48
CA ALA B 171 -8.73 -34.78 8.72
C ALA B 171 -9.84 -34.18 7.86
N MET B 172 -9.82 -32.86 7.67
CA MET B 172 -10.80 -32.23 6.80
C MET B 172 -10.66 -32.72 5.37
N ALA B 173 -9.43 -32.79 4.86
CA ALA B 173 -9.23 -33.30 3.51
C ALA B 173 -9.68 -34.75 3.39
N ASN B 174 -9.39 -35.57 4.40
CA ASN B 174 -9.74 -36.98 4.31
C ASN B 174 -11.23 -37.24 4.47
N ALA B 175 -11.96 -36.34 5.13
CA ALA B 175 -13.40 -36.51 5.30
C ALA B 175 -14.20 -36.03 4.10
N PHE B 176 -13.68 -35.03 3.39
CA PHE B 176 -14.44 -34.38 2.34
C PHE B 176 -13.71 -34.51 0.99
N THR B 177 -13.53 -33.40 0.27
CA THR B 177 -12.91 -33.40 -1.04
C THR B 177 -11.84 -32.34 -1.03
N ILE B 178 -10.65 -32.69 -1.51
CA ILE B 178 -9.52 -31.78 -1.61
C ILE B 178 -9.24 -31.55 -3.10
N CYS B 179 -9.07 -30.29 -3.47
CA CYS B 179 -8.73 -29.94 -4.86
C CYS B 179 -7.23 -29.70 -4.92
N ASP B 180 -6.52 -30.48 -5.77
CA ASP B 180 -5.07 -30.38 -5.86
C ASP B 180 -4.63 -29.73 -7.18
N ALA B 181 -5.53 -28.99 -7.81
CA ALA B 181 -5.19 -28.11 -8.93
C ALA B 181 -5.92 -26.78 -8.79
N TYR B 182 -6.13 -26.35 -7.55
CA TYR B 182 -6.74 -25.06 -7.28
C TYR B 182 -5.62 -24.04 -7.06
N HIS B 183 -5.61 -23.02 -7.91
CA HIS B 183 -4.56 -22.00 -7.90
C HIS B 183 -5.09 -20.68 -7.39
N CYS B 184 -4.26 -19.92 -6.69
CA CYS B 184 -4.67 -18.53 -6.50
C CYS B 184 -4.66 -17.82 -7.83
N SER B 185 -5.41 -16.70 -7.89
CA SER B 185 -5.62 -16.01 -9.15
C SER B 185 -4.47 -15.12 -9.55
N PHE B 186 -3.67 -14.66 -8.60
CA PHE B 186 -2.73 -13.58 -8.82
C PHE B 186 -1.39 -13.92 -8.15
N GLN B 187 -0.33 -13.68 -8.88
CA GLN B 187 1.04 -13.86 -8.41
C GLN B 187 1.40 -12.72 -7.48
N GLY B 188 1.23 -12.92 -6.18
CA GLY B 188 1.47 -11.83 -5.26
C GLY B 188 0.67 -11.94 -3.98
N GLY B 189 0.06 -10.83 -3.59
CA GLY B 189 -0.51 -10.72 -2.27
C GLY B 189 -2.01 -10.64 -2.20
N TPO B 190 -2.48 -10.14 -1.07
CA TPO B 190 -3.83 -10.33 -0.61
CB TPO B 190 -3.89 -9.88 0.89
CG2 TPO B 190 -5.31 -10.05 1.39
OG1 TPO B 190 -3.09 -10.73 1.67
P TPO B 190 -1.73 -10.07 2.30
O1P TPO B 190 -0.93 -9.42 1.23
O2P TPO B 190 -2.07 -9.01 3.45
O3P TPO B 190 -1.06 -11.36 2.93
C TPO B 190 -4.92 -9.61 -1.40
O TPO B 190 -5.87 -10.25 -1.88
N ASN B 191 -4.87 -8.29 -1.49
CA ASN B 191 -6.03 -7.63 -2.06
C ASN B 191 -6.20 -7.92 -3.55
N PRO B 192 -5.11 -8.02 -4.33
CA PRO B 192 -5.31 -8.43 -5.73
C PRO B 192 -6.03 -9.77 -5.83
N ASN B 193 -5.63 -10.73 -5.01
CA ASN B 193 -6.30 -12.02 -5.06
C ASN B 193 -7.75 -11.94 -4.60
N ARG B 194 -8.02 -11.18 -3.53
CA ARG B 194 -9.39 -11.08 -3.05
C ARG B 194 -10.27 -10.31 -4.02
N LEU B 195 -9.71 -9.38 -4.79
CA LEU B 195 -10.47 -8.72 -5.85
C LEU B 195 -10.92 -9.73 -6.90
N PHE B 196 -10.10 -10.72 -7.19
CA PHE B 196 -10.55 -11.76 -8.12
C PHE B 196 -11.69 -12.57 -7.52
N LEU B 197 -11.63 -12.88 -6.21
CA LEU B 197 -12.70 -13.66 -5.61
C LEU B 197 -14.03 -12.92 -5.65
N TRP B 198 -14.03 -11.65 -5.30
CA TRP B 198 -15.27 -10.89 -5.16
C TRP B 198 -15.70 -10.18 -6.43
N THR B 199 -14.84 -10.04 -7.43
CA THR B 199 -15.22 -9.27 -8.61
C THR B 199 -14.75 -9.89 -9.90
N GLY B 200 -13.90 -10.92 -9.88
CA GLY B 200 -13.42 -11.55 -11.09
C GLY B 200 -12.29 -10.86 -11.81
N THR B 201 -11.77 -9.74 -11.31
CA THR B 201 -10.77 -8.96 -12.04
C THR B 201 -9.97 -8.06 -11.08
N ASN B 202 -8.78 -7.67 -11.55
CA ASN B 202 -8.00 -6.60 -10.93
C ASN B 202 -7.88 -5.37 -11.83
N ASP B 203 -8.80 -5.22 -12.81
CA ASP B 203 -8.87 -4.08 -13.74
C ASP B 203 -7.54 -3.90 -14.48
N PRO B 204 -7.13 -4.90 -15.26
CA PRO B 204 -5.81 -4.86 -15.91
C PRO B 204 -5.65 -3.74 -16.91
N LEU B 205 -6.72 -3.26 -17.51
CA LEU B 205 -6.62 -2.18 -18.47
C LEU B 205 -6.63 -0.81 -17.80
N GLY B 206 -6.84 -0.75 -16.50
CA GLY B 206 -6.71 0.52 -15.81
C GLY B 206 -7.80 1.50 -16.19
N GLN B 207 -9.01 1.01 -16.43
CA GLN B 207 -10.16 1.83 -16.81
C GLN B 207 -10.99 2.28 -15.62
N HIS B 208 -10.75 1.69 -14.45
CA HIS B 208 -11.64 1.85 -13.32
C HIS B 208 -10.90 1.91 -12.00
N GLY B 209 -9.64 2.36 -12.02
CA GLY B 209 -8.89 2.52 -10.80
C GLY B 209 -7.72 1.58 -10.69
N GLY B 210 -7.64 0.54 -11.52
CA GLY B 210 -6.50 -0.36 -11.51
C GLY B 210 -5.39 0.11 -12.43
N PRO B 211 -4.47 -0.81 -12.79
CA PRO B 211 -4.45 -2.23 -12.43
C PRO B 211 -4.06 -2.40 -10.98
N VAL B 212 -4.55 -3.44 -10.32
CA VAL B 212 -4.26 -3.64 -8.90
C VAL B 212 -3.20 -4.70 -8.73
N THR B 213 -2.08 -4.31 -8.12
CA THR B 213 -1.00 -5.21 -7.76
C THR B 213 -0.58 -5.06 -6.30
N THR B 214 -1.24 -4.20 -5.53
CA THR B 214 -0.89 -3.91 -4.15
C THR B 214 -2.15 -3.97 -3.27
N ASN B 215 -1.93 -3.77 -1.96
CA ASN B 215 -3.01 -3.74 -0.99
C ASN B 215 -3.53 -2.35 -0.68
N ASP B 216 -3.28 -1.36 -1.53
CA ASP B 216 -3.50 0.02 -1.11
C ASP B 216 -4.96 0.43 -1.07
N HIS B 217 -5.89 -0.43 -1.50
CA HIS B 217 -7.31 -0.20 -1.33
C HIS B 217 -7.97 -1.22 -0.40
N ASP B 218 -7.22 -1.87 0.48
CA ASP B 218 -7.82 -2.82 1.39
C ASP B 218 -8.42 -2.17 2.63
N SER B 219 -8.51 -0.84 2.65
CA SER B 219 -9.12 -0.14 3.77
C SER B 219 -9.94 1.01 3.24
N ASN B 220 -10.63 1.67 4.16
CA ASN B 220 -11.48 2.79 3.80
C ASN B 220 -10.61 3.95 3.30
N GLY B 221 -11.23 4.84 2.52
CA GLY B 221 -10.52 5.97 1.99
C GLY B 221 -11.50 6.90 1.31
N PRO B 222 -10.99 7.97 0.72
CA PRO B 222 -11.87 8.95 0.07
C PRO B 222 -12.71 8.31 -1.03
N VAL B 223 -13.97 8.75 -1.12
CA VAL B 223 -14.90 8.20 -2.10
C VAL B 223 -14.32 8.28 -3.51
N GLU B 224 -13.75 9.44 -3.86
CA GLU B 224 -13.29 9.69 -5.23
C GLU B 224 -12.06 8.89 -5.60
N GLN B 225 -11.41 8.24 -4.63
CA GLN B 225 -10.29 7.36 -4.90
C GLN B 225 -10.70 5.91 -4.93
N GLY B 226 -11.98 5.61 -4.72
CA GLY B 226 -12.41 4.22 -4.77
C GLY B 226 -12.37 3.66 -6.19
N TYR B 227 -12.17 2.34 -6.27
CA TYR B 227 -12.32 1.64 -7.54
C TYR B 227 -13.76 1.76 -8.03
N THR B 228 -13.95 1.67 -9.35
CA THR B 228 -15.27 1.92 -9.91
C THR B 228 -15.80 0.81 -10.81
N TRP B 229 -15.16 -0.34 -10.88
CA TRP B 229 -15.81 -1.46 -11.56
C TRP B 229 -16.82 -2.14 -10.63
N THR B 230 -17.65 -2.98 -11.21
CA THR B 230 -18.74 -3.59 -10.46
C THR B 230 -18.28 -4.85 -9.72
N THR B 231 -18.76 -4.99 -8.49
CA THR B 231 -18.48 -6.14 -7.66
C THR B 231 -19.59 -7.19 -7.78
N TYR B 232 -19.23 -8.45 -7.52
CA TYR B 232 -20.24 -9.49 -7.69
C TYR B 232 -21.41 -9.35 -6.71
N PRO B 233 -21.21 -8.96 -5.45
CA PRO B 233 -22.38 -8.78 -4.58
C PRO B 233 -23.38 -7.76 -5.11
N GLU B 234 -22.92 -6.75 -5.86
CA GLU B 234 -23.87 -5.79 -6.42
C GLU B 234 -24.78 -6.45 -7.44
N ARG B 235 -24.25 -7.40 -8.22
CA ARG B 235 -25.05 -8.11 -9.20
C ARG B 235 -26.03 -9.05 -8.52
N LEU B 236 -25.57 -9.73 -7.45
CA LEU B 236 -26.49 -10.54 -6.66
C LEU B 236 -27.60 -9.67 -6.08
N GLN B 237 -27.22 -8.54 -5.48
CA GLN B 237 -28.21 -7.63 -4.92
C GLN B 237 -29.25 -7.21 -5.95
N ALA B 238 -28.80 -6.83 -7.15
CA ALA B 238 -29.74 -6.32 -8.15
C ALA B 238 -30.67 -7.42 -8.64
N ALA B 239 -30.20 -8.66 -8.66
CA ALA B 239 -30.97 -9.81 -9.11
C ALA B 239 -31.87 -10.39 -8.03
N GLY B 240 -31.77 -9.89 -6.80
CA GLY B 240 -32.56 -10.43 -5.71
C GLY B 240 -32.02 -11.68 -5.05
N ILE B 241 -30.77 -12.05 -5.30
CA ILE B 241 -30.15 -13.18 -4.61
C ILE B 241 -29.65 -12.69 -3.26
N THR B 242 -29.93 -13.44 -2.19
CA THR B 242 -29.53 -13.00 -0.86
C THR B 242 -28.06 -13.32 -0.62
N TRP B 243 -27.38 -12.42 0.10
CA TRP B 243 -25.94 -12.54 0.29
C TRP B 243 -25.56 -11.79 1.55
N ARG B 244 -24.43 -12.18 2.15
CA ARG B 244 -23.89 -11.46 3.30
C ARG B 244 -22.42 -11.84 3.48
N VAL B 245 -21.67 -10.88 3.98
CA VAL B 245 -20.29 -11.10 4.41
C VAL B 245 -20.30 -11.13 5.94
N TYR B 246 -19.90 -12.26 6.49
CA TYR B 246 -19.77 -12.44 7.94
C TYR B 246 -18.35 -12.08 8.33
N GLN B 247 -18.21 -11.14 9.25
CA GLN B 247 -16.92 -10.60 9.63
C GLN B 247 -17.13 -9.73 10.86
N ASP B 248 -16.03 -9.34 11.49
CA ASP B 248 -15.99 -8.30 12.52
C ASP B 248 -15.34 -7.07 11.89
N MET B 249 -16.10 -5.99 11.70
CA MET B 249 -15.49 -4.82 11.06
C MET B 249 -14.37 -4.23 11.91
N ALA B 250 -14.33 -4.55 13.21
CA ALA B 250 -13.24 -4.10 14.08
C ALA B 250 -12.01 -5.01 14.00
N ASP B 251 -12.14 -6.18 13.38
CA ASP B 251 -11.03 -7.13 13.22
C ASP B 251 -11.33 -8.09 12.10
N ASN B 252 -11.13 -7.65 10.85
CA ASN B 252 -11.26 -8.54 9.70
C ASN B 252 -9.97 -8.56 8.88
N PHE B 253 -8.87 -8.10 9.47
CA PHE B 253 -7.53 -8.21 8.88
C PHE B 253 -7.47 -7.56 7.50
N SER B 254 -8.28 -6.53 7.27
CA SER B 254 -8.31 -5.84 5.97
C SER B 254 -8.51 -6.81 4.81
N ASP B 255 -9.28 -7.88 5.06
CA ASP B 255 -9.48 -8.95 4.09
C ASP B 255 -10.83 -8.85 3.38
N ASN B 256 -11.44 -7.68 3.37
CA ASN B 256 -12.68 -7.46 2.64
C ASN B 256 -12.43 -6.42 1.55
N PRO B 257 -12.35 -6.79 0.27
CA PRO B 257 -11.98 -5.82 -0.75
C PRO B 257 -13.09 -4.86 -1.11
N LEU B 258 -14.30 -5.10 -0.64
CA LEU B 258 -15.41 -4.23 -1.05
C LEU B 258 -15.20 -2.79 -0.56
N ILE B 259 -14.48 -2.62 0.55
CA ILE B 259 -14.26 -1.29 1.12
C ILE B 259 -13.42 -0.41 0.23
N GLY B 260 -12.76 -0.95 -0.79
CA GLY B 260 -11.99 -0.16 -1.71
C GLY B 260 -12.76 0.49 -2.82
N PHE B 261 -14.07 0.20 -2.94
CA PHE B 261 -14.86 0.59 -4.10
C PHE B 261 -15.69 1.84 -3.80
N ARG B 262 -15.68 2.76 -4.78
CA ARG B 262 -16.41 4.01 -4.67
C ARG B 262 -17.86 3.80 -4.24
N GLN B 263 -18.55 2.86 -4.86
CA GLN B 263 -19.98 2.68 -4.60
C GLN B 263 -20.24 2.16 -3.19
N TYR B 264 -19.28 1.51 -2.55
CA TYR B 264 -19.44 1.17 -1.14
C TYR B 264 -19.03 2.33 -0.23
N ARG B 265 -17.93 3.02 -0.55
CA ARG B 265 -17.52 4.14 0.28
C ARG B 265 -18.58 5.23 0.31
N ALA B 266 -19.34 5.37 -0.76
CA ALA B 266 -20.36 6.42 -0.87
C ALA B 266 -21.73 5.97 -0.38
N ALA B 267 -21.90 4.70 -0.03
CA ALA B 267 -23.20 4.14 0.30
C ALA B 267 -23.66 4.56 1.69
N ALA B 268 -24.98 4.68 1.84
CA ALA B 268 -25.58 4.98 3.12
C ALA B 268 -25.44 3.82 4.10
N PRO B 269 -25.43 4.11 5.40
CA PRO B 269 -25.23 3.04 6.39
C PRO B 269 -26.35 2.01 6.40
N ASP B 270 -27.56 2.34 5.97
CA ASP B 270 -28.63 1.36 5.92
C ASP B 270 -28.82 0.76 4.53
N SER B 271 -27.90 1.03 3.61
CA SER B 271 -27.98 0.43 2.28
C SER B 271 -27.67 -1.06 2.38
N PRO B 272 -28.33 -1.90 1.59
CA PRO B 272 -27.97 -3.32 1.58
C PRO B 272 -26.50 -3.59 1.29
N LEU B 273 -25.83 -2.76 0.49
CA LEU B 273 -24.39 -3.00 0.27
C LEU B 273 -23.61 -2.91 1.57
N ILE B 274 -23.98 -1.94 2.42
CA ILE B 274 -23.29 -1.79 3.70
C ILE B 274 -23.78 -2.82 4.72
N VAL B 275 -25.11 -2.96 4.84
CA VAL B 275 -25.67 -3.89 5.81
C VAL B 275 -25.13 -5.30 5.57
N ASN B 276 -25.08 -5.72 4.31
CA ASN B 276 -24.68 -7.08 4.00
C ASN B 276 -23.19 -7.21 3.71
N GLY B 277 -22.54 -6.16 3.26
CA GLY B 277 -21.13 -6.25 2.87
C GLY B 277 -20.09 -5.72 3.82
N LEU B 278 -20.44 -4.71 4.61
CA LEU B 278 -19.43 -4.02 5.41
C LEU B 278 -19.97 -3.75 6.81
N SER B 279 -20.65 -4.74 7.38
CA SER B 279 -21.14 -4.68 8.74
C SER B 279 -20.63 -5.86 9.56
N THR B 280 -20.76 -5.74 10.87
CA THR B 280 -20.29 -6.77 11.78
C THR B 280 -21.38 -7.81 12.00
N TRP B 281 -21.09 -9.03 11.52
CA TRP B 281 -21.92 -10.22 11.74
C TRP B 281 -20.92 -11.33 12.03
N LYS B 282 -20.69 -11.64 13.29
CA LYS B 282 -19.65 -12.60 13.65
C LYS B 282 -20.22 -14.01 13.57
N LEU B 283 -19.43 -15.01 13.97
CA LEU B 283 -19.90 -16.39 13.84
C LEU B 283 -21.09 -16.68 14.74
N ASP B 284 -21.27 -15.93 15.82
CA ASP B 284 -22.48 -16.11 16.63
C ASP B 284 -23.72 -15.75 15.81
N ALA B 285 -23.62 -14.70 14.99
CA ALA B 285 -24.72 -14.32 14.10
C ALA B 285 -24.93 -15.36 13.00
N LEU B 286 -23.84 -15.88 12.45
CA LEU B 286 -23.93 -16.94 11.46
C LEU B 286 -24.71 -18.13 11.99
N LYS B 287 -24.39 -18.55 13.22
CA LYS B 287 -25.05 -19.71 13.78
C LYS B 287 -26.53 -19.41 14.04
N ARG B 288 -26.82 -18.20 14.54
CA ARG B 288 -28.23 -17.80 14.72
C ARG B 288 -28.98 -17.82 13.40
N ASP B 289 -28.36 -17.31 12.32
CA ASP B 289 -29.01 -17.33 11.02
C ASP B 289 -29.27 -18.75 10.55
N VAL B 290 -28.31 -19.66 10.76
CA VAL B 290 -28.50 -21.05 10.38
C VAL B 290 -29.66 -21.66 11.16
N LEU B 291 -29.72 -21.41 12.45
CA LEU B 291 -30.80 -21.98 13.25
C LEU B 291 -32.16 -21.44 12.83
N ALA B 292 -32.22 -20.17 12.44
CA ALA B 292 -33.46 -19.52 12.04
C ALA B 292 -33.82 -19.76 10.58
N ASN B 293 -33.12 -20.67 9.92
CA ASN B 293 -33.23 -20.89 8.47
C ASN B 293 -33.23 -19.56 7.74
N SER B 294 -32.32 -18.68 8.16
CA SER B 294 -32.12 -17.38 7.54
C SER B 294 -30.71 -17.22 6.98
N LEU B 295 -30.04 -18.32 6.68
CA LEU B 295 -28.75 -18.24 6.03
C LEU B 295 -28.96 -17.79 4.58
N PRO B 296 -28.19 -16.82 4.10
CA PRO B 296 -28.37 -16.35 2.71
C PRO B 296 -28.02 -17.43 1.69
N GLN B 297 -28.34 -17.11 0.43
CA GLN B 297 -27.93 -17.99 -0.66
C GLN B 297 -26.43 -17.99 -0.85
N VAL B 298 -25.77 -16.83 -0.65
CA VAL B 298 -24.33 -16.69 -0.82
C VAL B 298 -23.75 -15.99 0.39
N SER B 299 -22.82 -16.65 1.08
CA SER B 299 -22.17 -16.08 2.25
C SER B 299 -20.66 -16.14 2.06
N TRP B 300 -19.98 -15.06 2.41
CA TRP B 300 -18.55 -15.03 2.59
C TRP B 300 -18.24 -14.89 4.07
N ILE B 301 -17.16 -15.54 4.52
CA ILE B 301 -16.70 -15.41 5.90
C ILE B 301 -15.29 -14.88 5.87
N VAL B 302 -15.03 -13.85 6.68
CA VAL B 302 -13.73 -13.17 6.77
C VAL B 302 -13.30 -13.19 8.22
N ALA B 303 -12.29 -13.99 8.52
CA ALA B 303 -11.86 -14.22 9.88
C ALA B 303 -11.09 -13.03 10.45
N PRO B 304 -11.10 -12.88 11.76
CA PRO B 304 -10.16 -11.96 12.42
C PRO B 304 -8.72 -12.38 12.17
N ALA B 305 -7.81 -11.43 12.39
CA ALA B 305 -6.41 -11.66 12.05
C ALA B 305 -5.86 -12.92 12.70
N LYS B 306 -6.09 -13.06 14.01
CA LYS B 306 -5.54 -14.19 14.76
C LYS B 306 -6.00 -15.53 14.20
N TYR B 307 -7.15 -15.57 13.54
CA TYR B 307 -7.80 -16.81 13.13
C TYR B 307 -7.76 -17.03 11.61
N SER B 308 -7.06 -16.17 10.89
CA SER B 308 -7.03 -16.17 9.43
C SER B 308 -6.12 -17.22 8.82
N GLU B 309 -5.26 -17.85 9.63
CA GLU B 309 -4.25 -18.85 9.22
C GLU B 309 -3.01 -18.19 8.59
N HIS B 310 -2.99 -16.86 8.43
CA HIS B 310 -1.83 -16.12 7.94
C HIS B 310 -0.65 -16.26 8.90
N PRO B 311 0.57 -16.50 8.41
CA PRO B 311 1.71 -16.57 9.33
C PRO B 311 1.97 -15.33 10.18
N GLY B 312 1.59 -14.15 9.72
CA GLY B 312 1.82 -12.95 10.48
C GLY B 312 1.18 -12.99 11.86
N PRO B 313 -0.18 -12.95 11.91
CA PRO B 313 -0.89 -12.93 13.18
C PRO B 313 -1.44 -14.28 13.65
N SER B 314 -1.31 -15.33 12.84
CA SER B 314 -2.07 -16.56 13.05
C SER B 314 -1.17 -17.78 12.98
N SER B 315 -1.79 -18.93 12.74
CA SER B 315 -1.11 -20.22 12.73
C SER B 315 -2.05 -21.25 12.13
N PRO B 316 -1.54 -22.40 11.74
CA PRO B 316 -2.46 -23.46 11.28
C PRO B 316 -3.45 -23.87 12.36
N ILE B 317 -3.04 -23.94 13.62
CA ILE B 317 -3.97 -24.45 14.64
C ILE B 317 -5.04 -23.41 14.96
N TRP B 318 -4.71 -22.12 14.92
CA TRP B 318 -5.77 -21.12 15.11
C TRP B 318 -6.71 -21.09 13.91
N GLY B 319 -6.18 -21.22 12.69
CA GLY B 319 -7.04 -21.30 11.53
C GLY B 319 -7.97 -22.51 11.61
N ALA B 320 -7.43 -23.64 12.07
CA ALA B 320 -8.24 -24.84 12.28
C ALA B 320 -9.31 -24.62 13.34
N GLU B 321 -8.93 -23.98 14.45
CA GLU B 321 -9.93 -23.73 15.48
C GLU B 321 -11.08 -22.89 14.95
N TYR B 322 -10.77 -21.83 14.19
CA TYR B 322 -11.81 -20.98 13.63
C TYR B 322 -12.66 -21.75 12.63
N THR B 323 -12.02 -22.59 11.82
CA THR B 323 -12.78 -23.41 10.87
C THR B 323 -13.73 -24.36 11.61
N SER B 324 -13.30 -24.92 12.73
CA SER B 324 -14.19 -25.75 13.54
C SER B 324 -15.39 -24.95 14.03
N TRP B 325 -15.19 -23.69 14.41
CA TRP B 325 -16.30 -22.85 14.82
C TRP B 325 -17.26 -22.59 13.66
N VAL B 326 -16.72 -22.40 12.46
CA VAL B 326 -17.57 -22.24 11.28
C VAL B 326 -18.41 -23.50 11.08
N LEU B 327 -17.77 -24.66 11.17
CA LEU B 327 -18.49 -25.92 10.97
C LEU B 327 -19.58 -26.10 12.03
N ASP B 328 -19.28 -25.69 13.27
CA ASP B 328 -20.28 -25.77 14.33
C ASP B 328 -21.48 -24.90 14.01
N ALA B 329 -21.24 -23.72 13.44
CA ALA B 329 -22.34 -22.83 13.08
C ALA B 329 -23.16 -23.40 11.94
N LEU B 330 -22.50 -23.88 10.89
CA LEU B 330 -23.23 -24.28 9.69
C LEU B 330 -24.00 -25.58 9.89
N THR B 331 -23.54 -26.47 10.77
CA THR B 331 -24.20 -27.74 11.01
C THR B 331 -25.24 -27.64 12.11
N ALA B 332 -25.43 -26.47 12.69
CA ALA B 332 -26.31 -26.34 13.86
C ALA B 332 -27.74 -26.72 13.50
N ASN B 333 -28.14 -26.48 12.25
CA ASN B 333 -29.49 -26.79 11.79
C ASN B 333 -29.33 -27.84 10.71
N PRO B 334 -29.62 -29.11 10.99
CA PRO B 334 -29.36 -30.16 9.99
C PRO B 334 -30.06 -29.93 8.67
N GLU B 335 -31.23 -29.32 8.69
CA GLU B 335 -31.96 -29.11 7.45
C GLU B 335 -31.21 -28.13 6.55
N VAL B 336 -30.73 -27.04 7.13
CA VAL B 336 -29.97 -26.06 6.37
C VAL B 336 -28.65 -26.66 5.89
N TRP B 337 -27.94 -27.39 6.76
CA TRP B 337 -26.68 -27.98 6.36
C TRP B 337 -26.85 -28.97 5.19
N SER B 338 -27.97 -29.70 5.13
CA SER B 338 -28.21 -30.66 4.05
C SER B 338 -28.30 -29.98 2.69
N LYS B 339 -28.41 -28.65 2.65
CA LYS B 339 -28.50 -27.88 1.43
C LYS B 339 -27.34 -26.89 1.27
N THR B 340 -26.25 -27.09 2.02
CA THR B 340 -25.16 -26.14 2.09
C THR B 340 -23.89 -26.74 1.49
N ALA B 341 -23.18 -25.93 0.72
CA ALA B 341 -21.83 -26.25 0.25
C ALA B 341 -20.88 -25.21 0.83
N LEU B 342 -19.90 -25.68 1.58
CA LEU B 342 -18.85 -24.84 2.14
C LEU B 342 -17.57 -25.02 1.34
N LEU B 343 -16.99 -23.90 0.92
CA LEU B 343 -15.73 -23.87 0.20
C LEU B 343 -14.71 -23.17 1.09
N VAL B 344 -13.60 -23.86 1.35
CA VAL B 344 -12.52 -23.31 2.17
C VAL B 344 -11.28 -23.26 1.30
N MET B 345 -10.73 -22.07 1.11
CA MET B 345 -9.50 -21.96 0.34
C MET B 345 -8.67 -20.83 0.92
N PHE B 346 -7.56 -20.51 0.24
CA PHE B 346 -6.61 -19.51 0.67
C PHE B 346 -6.45 -18.43 -0.39
N ASP B 347 -6.18 -17.21 0.04
CA ASP B 347 -6.09 -16.11 -0.92
C ASP B 347 -4.85 -16.22 -1.78
N GLU B 348 -3.74 -16.66 -1.20
CA GLU B 348 -2.54 -16.96 -1.93
C GLU B 348 -1.66 -17.85 -1.04
N ASN B 349 -0.45 -18.11 -1.51
CA ASN B 349 0.43 -19.12 -0.95
C ASN B 349 1.46 -18.56 0.04
N ASP B 350 1.26 -17.35 0.56
CA ASP B 350 2.38 -16.63 1.19
C ASP B 350 3.52 -16.61 0.17
N GLY B 351 4.76 -16.80 0.62
CA GLY B 351 5.83 -17.11 -0.29
C GLY B 351 6.26 -18.57 -0.25
N PHE B 352 5.37 -19.44 0.23
CA PHE B 352 5.71 -20.86 0.37
C PHE B 352 5.70 -21.55 -0.97
N PHE B 353 6.70 -22.37 -1.16
CA PHE B 353 6.90 -23.11 -2.41
C PHE B 353 5.76 -24.07 -2.73
N ASP B 354 5.32 -24.10 -3.96
CA ASP B 354 4.51 -25.19 -4.45
C ASP B 354 5.06 -25.56 -5.81
N HIS B 355 5.14 -26.85 -6.09
CA HIS B 355 5.94 -27.32 -7.22
C HIS B 355 5.21 -27.32 -8.56
N ILE B 356 3.87 -27.17 -8.59
CA ILE B 356 3.14 -27.30 -9.84
C ILE B 356 3.29 -26.02 -10.66
N ALA B 357 3.64 -26.18 -11.93
CA ALA B 357 3.79 -25.03 -12.81
C ALA B 357 2.42 -24.39 -13.05
N PRO B 358 2.19 -23.14 -12.65
CA PRO B 358 0.83 -22.60 -12.78
C PRO B 358 0.45 -22.40 -14.24
N PRO B 359 -0.78 -22.77 -14.60
CA PRO B 359 -1.32 -22.38 -15.91
C PRO B 359 -1.30 -20.86 -16.05
N ALA B 360 -0.92 -20.39 -17.24
CA ALA B 360 -0.79 -18.96 -17.48
C ALA B 360 -0.79 -18.72 -18.98
N ALA B 361 -1.29 -17.55 -19.35
CA ALA B 361 -1.31 -17.12 -20.74
C ALA B 361 0.11 -17.01 -21.29
N PRO B 362 0.27 -16.98 -22.61
CA PRO B 362 1.63 -16.79 -23.15
C PRO B 362 2.15 -15.42 -22.73
N SER B 363 3.46 -15.32 -22.59
CA SER B 363 4.01 -14.02 -22.26
C SER B 363 3.99 -13.12 -23.49
N LEU B 364 3.99 -11.83 -23.22
CA LEU B 364 3.94 -10.81 -24.27
C LEU B 364 5.36 -10.33 -24.52
N ASN B 365 5.79 -10.35 -25.78
CA ASN B 365 7.10 -9.84 -26.11
C ASN B 365 7.05 -8.33 -26.27
N LYS B 366 8.21 -7.69 -26.06
CA LYS B 366 8.27 -6.23 -26.17
C LYS B 366 7.77 -5.75 -27.52
N ASP B 367 7.90 -6.58 -28.55
CA ASP B 367 7.53 -6.19 -29.90
C ASP B 367 6.08 -6.52 -30.25
N GLY B 368 5.27 -6.91 -29.26
CA GLY B 368 3.87 -7.22 -29.46
C GLY B 368 3.56 -8.65 -29.85
N THR B 369 4.56 -9.44 -30.21
CA THR B 369 4.34 -10.86 -30.49
C THR B 369 4.15 -11.64 -29.17
N LEU B 370 3.65 -12.86 -29.30
CA LEU B 370 3.46 -13.76 -28.17
C LEU B 370 4.49 -14.86 -28.20
N ARG B 371 4.90 -15.29 -27.00
CA ARG B 371 5.73 -16.47 -26.80
C ARG B 371 4.82 -17.63 -26.36
N GLY B 372 4.39 -18.41 -27.31
CA GLY B 372 3.30 -19.35 -27.14
C GLY B 372 2.07 -18.84 -27.89
N LYS B 373 0.96 -19.55 -27.73
CA LYS B 373 -0.28 -19.18 -28.40
C LYS B 373 -1.46 -19.46 -27.47
N THR B 374 -2.59 -18.81 -27.76
CA THR B 374 -3.80 -19.05 -26.99
C THR B 374 -5.01 -18.94 -27.90
N THR B 375 -5.95 -19.89 -27.79
CA THR B 375 -7.22 -19.78 -28.50
C THR B 375 -8.17 -18.81 -27.83
N ALA B 376 -7.93 -18.48 -26.56
CA ALA B 376 -8.74 -17.56 -25.78
C ALA B 376 -8.06 -16.22 -25.68
N ASP B 377 -8.83 -15.16 -25.84
CA ASP B 377 -8.29 -13.80 -25.76
C ASP B 377 -7.67 -13.58 -24.40
N ALA B 378 -6.37 -13.27 -24.37
CA ALA B 378 -5.64 -13.10 -23.14
C ALA B 378 -5.29 -11.64 -22.88
N THR B 379 -5.91 -10.70 -23.61
CA THR B 379 -5.62 -9.29 -23.40
C THR B 379 -5.61 -8.91 -21.92
N LEU B 380 -6.59 -9.40 -21.15
CA LEU B 380 -6.78 -9.00 -19.77
C LEU B 380 -5.82 -9.68 -18.81
N GLU B 381 -5.01 -10.60 -19.31
CA GLU B 381 -4.12 -11.33 -18.43
C GLU B 381 -2.78 -10.64 -18.22
N TRP B 382 -2.39 -9.69 -19.07
CA TRP B 382 -1.04 -9.15 -19.04
C TRP B 382 -0.93 -7.88 -18.20
N HIS B 383 0.18 -7.77 -17.48
CA HIS B 383 0.51 -6.56 -16.72
C HIS B 383 1.16 -5.55 -17.68
N THR B 384 0.42 -4.51 -18.06
CA THR B 384 0.95 -3.52 -18.99
C THR B 384 0.97 -2.08 -18.46
N LYS B 385 0.42 -1.82 -17.28
CA LYS B 385 0.34 -0.48 -16.70
C LYS B 385 0.74 -0.59 -15.24
N GLY B 386 0.81 0.56 -14.55
CA GLY B 386 1.12 0.53 -13.13
C GLY B 386 2.58 0.26 -12.85
N ASP B 387 2.84 -0.60 -11.85
CA ASP B 387 4.19 -0.99 -11.46
C ASP B 387 5.03 -1.28 -12.69
N ILE B 388 6.20 -0.64 -12.77
CA ILE B 388 7.06 -0.84 -13.94
CA ILE B 388 7.06 -0.84 -13.93
C ILE B 388 7.71 -2.22 -13.94
N ARG B 389 7.67 -2.95 -12.83
CA ARG B 389 8.30 -4.26 -12.76
C ARG B 389 7.40 -5.34 -13.33
N TYR B 390 8.02 -6.25 -14.10
CA TYR B 390 7.38 -7.42 -14.69
C TYR B 390 6.28 -7.04 -15.66
N ARG B 391 6.44 -5.89 -16.34
CA ARG B 391 5.57 -5.61 -17.47
C ARG B 391 5.63 -6.75 -18.47
N ASN B 392 4.49 -7.07 -19.05
CA ASN B 392 4.24 -8.04 -20.10
C ASN B 392 4.19 -9.46 -19.54
N GLN B 393 4.30 -9.64 -18.24
CA GLN B 393 4.06 -10.95 -17.66
C GLN B 393 2.57 -11.12 -17.36
N PRO B 394 2.06 -12.35 -17.36
CA PRO B 394 0.67 -12.57 -16.95
C PRO B 394 0.51 -12.40 -15.45
N TYR B 395 -0.70 -11.98 -15.06
CA TYR B 395 -0.98 -11.77 -13.65
C TYR B 395 -1.10 -13.07 -12.88
N GLY B 396 -1.54 -14.14 -13.56
CA GLY B 396 -1.71 -15.43 -12.95
C GLY B 396 -1.74 -16.52 -14.02
N LEU B 397 -2.14 -17.72 -13.61
CA LEU B 397 -2.50 -18.11 -12.26
C LEU B 397 -1.30 -18.15 -11.34
N GLY B 398 -1.56 -18.03 -10.06
CA GLY B 398 -0.51 -18.09 -9.07
C GLY B 398 -0.33 -19.52 -8.59
N PRO B 399 0.45 -19.70 -7.54
CA PRO B 399 0.71 -21.06 -7.02
C PRO B 399 -0.56 -21.72 -6.47
N ARG B 400 -0.51 -23.06 -6.44
CA ARG B 400 -1.58 -23.83 -5.83
C ARG B 400 -1.71 -23.48 -4.36
N VAL B 401 -2.97 -23.44 -3.91
CA VAL B 401 -3.31 -23.34 -2.50
C VAL B 401 -4.33 -24.43 -2.17
N PRO B 402 -4.49 -24.79 -0.90
CA PRO B 402 -5.53 -25.75 -0.54
C PRO B 402 -6.91 -25.20 -0.84
N MET B 403 -7.79 -26.08 -1.36
CA MET B 403 -9.21 -25.82 -1.49
C MET B 403 -9.91 -27.07 -1.00
N TYR B 404 -10.75 -26.91 0.02
CA TYR B 404 -11.56 -28.00 0.52
C TYR B 404 -13.01 -27.75 0.14
N VAL B 405 -13.69 -28.80 -0.31
CA VAL B 405 -15.10 -28.74 -0.69
C VAL B 405 -15.86 -29.60 0.30
N ILE B 406 -16.64 -28.95 1.15
CA ILE B 406 -17.23 -29.55 2.34
C ILE B 406 -18.74 -29.42 2.24
N SER B 407 -19.42 -30.55 2.03
CA SER B 407 -20.84 -30.53 1.74
C SER B 407 -21.39 -31.94 1.80
N PRO B 408 -22.72 -32.11 1.80
CA PRO B 408 -23.30 -33.45 1.70
C PRO B 408 -22.99 -34.17 0.41
N TRP B 409 -22.49 -33.46 -0.60
CA TRP B 409 -22.23 -34.07 -1.91
C TRP B 409 -20.75 -34.22 -2.19
N SER B 410 -19.89 -34.03 -1.18
CA SER B 410 -18.46 -34.10 -1.40
C SER B 410 -17.75 -34.87 -0.28
N LYS B 411 -18.45 -35.75 0.43
CA LYS B 411 -17.81 -36.57 1.44
C LYS B 411 -17.11 -37.78 0.83
N GLY B 412 -16.07 -38.24 1.53
CA GLY B 412 -15.48 -39.54 1.22
C GLY B 412 -13.99 -39.56 1.01
N GLY B 413 -13.35 -38.40 1.14
CA GLY B 413 -11.91 -38.33 0.90
C GLY B 413 -11.53 -38.32 -0.57
N TRP B 414 -12.29 -37.62 -1.38
CA TRP B 414 -12.04 -37.48 -2.81
C TRP B 414 -10.95 -36.45 -3.09
N VAL B 415 -10.26 -36.64 -4.21
CA VAL B 415 -9.46 -35.57 -4.81
C VAL B 415 -10.10 -35.16 -6.12
N ASN B 416 -9.96 -33.88 -6.45
CA ASN B 416 -10.36 -33.35 -7.74
C ASN B 416 -9.18 -32.57 -8.30
N SER B 417 -8.79 -32.89 -9.54
CA SER B 417 -7.59 -32.31 -10.15
C SER B 417 -7.93 -31.40 -11.33
N GLN B 418 -9.14 -30.82 -11.38
CA GLN B 418 -9.44 -29.84 -12.42
C GLN B 418 -8.83 -28.49 -12.05
N VAL B 419 -8.29 -27.78 -13.04
CA VAL B 419 -7.72 -26.45 -12.78
C VAL B 419 -8.82 -25.47 -12.42
N PHE B 420 -8.64 -24.80 -11.28
CA PHE B 420 -9.54 -23.78 -10.77
C PHE B 420 -8.71 -22.60 -10.29
N ASP B 421 -9.32 -21.41 -10.18
CA ASP B 421 -8.75 -20.29 -9.44
C ASP B 421 -9.90 -19.61 -8.70
N HIS B 422 -9.64 -18.43 -8.12
CA HIS B 422 -10.69 -17.78 -7.35
C HIS B 422 -11.89 -17.40 -8.21
N THR B 423 -11.69 -17.14 -9.53
CA THR B 423 -12.84 -16.86 -10.37
C THR B 423 -13.74 -18.08 -10.50
N SER B 424 -13.19 -19.28 -10.28
CA SER B 424 -14.03 -20.49 -10.31
C SER B 424 -15.12 -20.46 -9.24
N VAL B 425 -14.88 -19.77 -8.13
CA VAL B 425 -15.91 -19.65 -7.10
C VAL B 425 -17.08 -18.83 -7.65
N ILE B 426 -16.78 -17.71 -8.31
CA ILE B 426 -17.84 -16.94 -8.96
C ILE B 426 -18.52 -17.79 -10.01
N ARG B 427 -17.74 -18.56 -10.78
CA ARG B 427 -18.31 -19.39 -11.84
C ARG B 427 -19.29 -20.41 -11.29
N PHE B 428 -18.98 -20.97 -10.12
CA PHE B 428 -19.90 -21.87 -9.43
C PHE B 428 -21.22 -21.14 -9.13
N LEU B 429 -21.14 -19.91 -8.64
CA LEU B 429 -22.35 -19.13 -8.36
C LEU B 429 -23.12 -18.81 -9.64
N GLU B 430 -22.40 -18.50 -10.72
CA GLU B 430 -23.05 -18.33 -12.01
C GLU B 430 -23.88 -19.56 -12.39
N GLN B 431 -23.28 -20.75 -12.27
CA GLN B 431 -23.97 -21.97 -12.67
C GLN B 431 -25.20 -22.21 -11.82
N ARG B 432 -25.11 -21.91 -10.52
CA ARG B 432 -26.20 -22.23 -9.62
C ARG B 432 -27.30 -21.19 -9.67
N PHE B 433 -26.96 -19.91 -9.55
CA PHE B 433 -27.96 -18.85 -9.39
C PHE B 433 -28.19 -18.01 -10.63
N GLY B 434 -27.35 -18.13 -11.65
CA GLY B 434 -27.62 -17.49 -12.94
C GLY B 434 -27.17 -16.07 -13.11
N VAL B 435 -26.47 -15.50 -12.14
CA VAL B 435 -26.01 -14.11 -12.20
C VAL B 435 -24.59 -14.12 -12.78
N MET B 436 -24.45 -13.59 -14.01
CA MET B 436 -23.16 -13.66 -14.69
C MET B 436 -22.23 -12.55 -14.21
N GLU B 437 -20.93 -12.86 -14.25
CA GLU B 437 -19.87 -11.90 -13.92
C GLU B 437 -19.08 -11.61 -15.19
N PRO B 438 -19.45 -10.59 -15.95
CA PRO B 438 -18.73 -10.30 -17.20
C PRO B 438 -17.32 -9.78 -16.97
N ASN B 439 -16.93 -9.46 -15.73
CA ASN B 439 -15.55 -9.02 -15.49
C ASN B 439 -14.53 -10.13 -15.73
N ILE B 440 -14.94 -11.40 -15.68
CA ILE B 440 -14.00 -12.50 -15.80
C ILE B 440 -13.45 -12.55 -17.23
N SER B 441 -12.13 -12.67 -17.35
CA SER B 441 -11.54 -12.63 -18.67
C SER B 441 -11.84 -13.91 -19.45
N PRO B 442 -11.87 -13.83 -20.78
CA PRO B 442 -12.08 -15.05 -21.57
C PRO B 442 -11.06 -16.14 -21.30
N TRP B 443 -9.81 -15.73 -21.05
CA TRP B 443 -8.79 -16.73 -20.74
C TRP B 443 -9.13 -17.49 -19.45
N ARG B 444 -9.58 -16.77 -18.40
CA ARG B 444 -9.93 -17.48 -17.18
C ARG B 444 -11.16 -18.36 -17.39
N ARG B 445 -12.10 -17.95 -18.22
CA ARG B 445 -13.24 -18.82 -18.49
C ARG B 445 -12.80 -20.08 -19.23
N ALA B 446 -11.77 -19.98 -20.05
CA ALA B 446 -11.32 -21.14 -20.80
C ALA B 446 -10.53 -22.13 -19.94
N VAL B 447 -9.68 -21.62 -19.03
CA VAL B 447 -8.68 -22.44 -18.35
C VAL B 447 -9.15 -22.86 -16.96
N CYS B 448 -9.94 -22.03 -16.31
CA CYS B 448 -10.39 -22.31 -14.95
C CYS B 448 -11.82 -22.82 -14.98
N GLY B 449 -12.11 -23.81 -14.12
CA GLY B 449 -13.39 -24.49 -14.13
C GLY B 449 -14.43 -23.81 -13.24
N ASP B 450 -15.59 -24.46 -13.09
CA ASP B 450 -16.70 -23.87 -12.35
C ASP B 450 -17.02 -24.60 -11.05
N LEU B 451 -16.13 -25.46 -10.59
CA LEU B 451 -16.20 -26.22 -9.35
C LEU B 451 -17.21 -27.36 -9.35
N THR B 452 -18.09 -27.45 -10.35
CA THR B 452 -19.12 -28.49 -10.28
C THR B 452 -18.51 -29.89 -10.32
N SER B 453 -17.34 -30.05 -10.93
CA SER B 453 -16.75 -31.39 -10.97
C SER B 453 -16.27 -31.86 -9.59
N ALA B 454 -16.21 -30.97 -8.60
CA ALA B 454 -15.76 -31.34 -7.28
C ALA B 454 -16.84 -32.03 -6.46
N PHE B 455 -18.07 -32.07 -6.95
CA PHE B 455 -19.21 -32.63 -6.23
C PHE B 455 -19.74 -33.85 -6.97
N ASN B 456 -20.47 -34.70 -6.25
CA ASN B 456 -21.40 -35.67 -6.84
C ASN B 456 -22.79 -35.38 -6.30
N PHE B 457 -23.57 -34.57 -7.03
CA PHE B 457 -24.89 -34.16 -6.55
C PHE B 457 -25.90 -35.30 -6.62
N ALA B 458 -25.60 -36.37 -7.36
CA ALA B 458 -26.54 -37.50 -7.44
C ALA B 458 -26.49 -38.43 -6.23
N ASN B 459 -25.48 -38.31 -5.36
CA ASN B 459 -25.29 -39.22 -4.23
C ASN B 459 -25.09 -38.44 -2.93
N PRO B 460 -26.11 -37.70 -2.50
CA PRO B 460 -26.01 -36.98 -1.23
C PRO B 460 -25.78 -37.94 -0.06
N ASN B 461 -25.11 -37.44 0.96
CA ASN B 461 -24.83 -38.21 2.18
C ASN B 461 -25.16 -37.31 3.37
N ASN B 462 -26.21 -37.67 4.10
CA ASN B 462 -26.67 -36.89 5.23
C ASN B 462 -26.45 -37.60 6.55
N GLU B 463 -25.49 -38.53 6.60
CA GLU B 463 -25.09 -39.13 7.86
C GLU B 463 -24.54 -38.05 8.78
N PRO B 464 -24.43 -38.36 10.08
CA PRO B 464 -23.91 -37.35 11.02
C PRO B 464 -22.54 -36.85 10.59
N PHE B 465 -22.32 -35.55 10.82
CA PHE B 465 -21.11 -34.93 10.34
C PHE B 465 -19.92 -35.73 10.87
N PRO B 466 -18.88 -35.92 10.08
CA PRO B 466 -17.75 -36.70 10.60
C PRO B 466 -17.09 -35.99 11.78
N GLU B 467 -16.49 -36.79 12.64
CA GLU B 467 -15.71 -36.28 13.77
C GLU B 467 -14.37 -35.75 13.27
N LEU B 468 -13.99 -34.57 13.74
CA LEU B 468 -12.68 -33.99 13.43
C LEU B 468 -11.85 -33.81 14.69
N PRO B 469 -10.51 -33.75 14.56
CA PRO B 469 -9.65 -33.55 15.72
C PRO B 469 -10.00 -32.32 16.54
N ASP B 470 -9.75 -32.40 17.84
CA ASP B 470 -10.02 -31.30 18.76
C ASP B 470 -9.03 -30.15 18.52
N THR B 471 -9.57 -28.93 18.43
CA THR B 471 -8.77 -27.72 18.27
C THR B 471 -8.90 -26.78 19.45
N SER B 472 -9.58 -27.19 20.52
CA SER B 472 -9.90 -26.28 21.62
C SER B 472 -8.67 -25.82 22.40
N GLN B 473 -7.55 -26.54 22.31
CA GLN B 473 -6.33 -26.17 23.01
C GLN B 473 -5.36 -25.34 22.16
N ALA B 474 -5.86 -24.71 21.08
CA ALA B 474 -4.99 -23.97 20.17
C ALA B 474 -4.12 -22.94 20.90
N ASP B 475 -4.73 -22.11 21.77
CA ASP B 475 -3.91 -21.10 22.44
C ASP B 475 -2.76 -21.74 23.22
N ALA B 476 -3.03 -22.82 23.95
CA ALA B 476 -2.01 -23.46 24.76
C ALA B 476 -0.96 -24.14 23.90
N ILE B 477 -1.39 -24.70 22.76
CA ILE B 477 -0.46 -25.32 21.83
C ILE B 477 0.54 -24.28 21.32
N VAL B 478 0.05 -23.13 20.86
CA VAL B 478 0.94 -22.10 20.35
C VAL B 478 1.86 -21.60 21.45
N ALA B 479 1.32 -21.35 22.64
CA ALA B 479 2.15 -20.77 23.71
C ALA B 479 3.31 -21.68 24.07
N SER B 480 3.08 -22.99 24.02
CA SER B 480 4.18 -23.90 24.29
C SER B 480 5.19 -23.91 23.15
N GLN B 481 4.72 -23.88 21.90
CA GLN B 481 5.64 -24.10 20.80
C GLN B 481 6.45 -22.86 20.42
N ILE B 482 6.01 -21.65 20.78
CA ILE B 482 6.79 -20.49 20.40
C ILE B 482 8.09 -20.35 21.19
N LYS B 483 8.26 -21.15 22.22
CA LYS B 483 9.51 -21.16 22.97
C LYS B 483 10.51 -22.16 22.41
N LEU B 484 10.16 -22.91 21.36
CA LEU B 484 11.11 -23.81 20.72
C LEU B 484 11.94 -23.01 19.70
N PRO B 485 13.08 -23.54 19.30
CA PRO B 485 13.92 -22.77 18.35
C PRO B 485 13.26 -22.63 16.99
N LYS B 486 13.66 -21.55 16.31
CA LYS B 486 13.14 -21.26 14.98
C LYS B 486 13.52 -22.40 14.04
N PRO B 487 12.64 -22.77 13.12
CA PRO B 487 12.95 -23.87 12.20
C PRO B 487 13.92 -23.43 11.12
N LYS B 488 14.83 -24.32 10.76
CA LYS B 488 15.85 -24.06 9.77
C LYS B 488 15.93 -25.25 8.82
N PRO B 489 16.43 -25.04 7.60
CA PRO B 489 16.65 -26.18 6.72
C PRO B 489 17.64 -27.15 7.32
N PRO B 490 17.53 -28.44 7.02
CA PRO B 490 18.49 -29.42 7.56
C PRO B 490 19.89 -29.22 7.02
N ALA B 491 20.87 -29.63 7.82
CA ALA B 491 22.26 -29.47 7.41
C ALA B 491 22.52 -30.16 6.08
N VAL B 492 21.92 -31.34 5.89
CA VAL B 492 22.00 -32.08 4.65
C VAL B 492 20.62 -32.10 4.01
N ALA B 493 20.53 -31.57 2.78
CA ALA B 493 19.28 -31.58 2.05
C ALA B 493 18.94 -33.00 1.62
N ALA B 494 17.66 -33.34 1.70
CA ALA B 494 17.18 -34.65 1.29
C ALA B 494 15.83 -34.48 0.62
N MET B 495 15.57 -35.33 -0.37
CA MET B 495 14.31 -35.24 -1.09
C MET B 495 13.15 -35.53 -0.14
N PRO B 496 12.06 -34.75 -0.24
CA PRO B 496 10.87 -35.10 0.52
C PRO B 496 10.25 -36.38 -0.02
N LYS B 497 9.50 -37.04 0.85
CA LYS B 497 8.82 -38.27 0.50
C LYS B 497 7.30 -38.11 0.65
N GLN B 498 6.57 -38.73 -0.25
CA GLN B 498 5.13 -38.88 -0.15
C GLN B 498 4.81 -40.36 -0.22
N GLU B 499 4.06 -40.86 0.74
CA GLU B 499 3.70 -42.30 0.78
C GLU B 499 2.75 -42.66 -0.37
N MET B 500 2.89 -43.87 -0.87
CA MET B 500 1.97 -44.37 -1.87
C MET B 500 0.60 -44.60 -1.25
N GLY B 501 -0.40 -44.60 -2.11
CA GLY B 501 -1.77 -44.79 -1.68
C GLY B 501 -2.69 -44.05 -2.63
N ILE B 502 -3.83 -44.62 -2.93
CA ILE B 502 -4.73 -44.04 -3.91
C ILE B 502 -5.94 -43.46 -3.20
N ARG B 503 -6.50 -42.43 -3.81
CA ARG B 503 -7.64 -41.69 -3.36
C ARG B 503 -8.70 -41.74 -4.46
N PRO B 504 -9.99 -41.86 -4.13
CA PRO B 504 -10.99 -41.72 -5.20
C PRO B 504 -10.85 -40.34 -5.84
N ALA B 505 -11.00 -40.31 -7.16
CA ALA B 505 -10.78 -39.09 -7.94
C ALA B 505 -12.02 -38.76 -8.76
N ARG B 506 -12.36 -37.48 -8.77
CA ARG B 506 -13.51 -37.05 -9.56
C ARG B 506 -13.20 -37.15 -11.05
N ALA B 507 -14.25 -37.45 -11.82
CA ALA B 507 -14.17 -37.36 -13.28
C ALA B 507 -13.86 -35.93 -13.71
N LEU B 508 -12.96 -35.80 -14.69
CA LEU B 508 -12.51 -34.48 -15.14
C LEU B 508 -12.85 -34.26 -16.61
N PRO B 509 -13.12 -33.01 -16.99
CA PRO B 509 -13.49 -32.70 -18.38
C PRO B 509 -12.28 -32.49 -19.29
N TYR B 510 -11.30 -33.38 -19.20
CA TYR B 510 -10.06 -33.25 -19.95
C TYR B 510 -9.90 -34.41 -20.93
N GLU B 511 -9.63 -34.09 -22.18
CA GLU B 511 -9.19 -35.07 -23.17
C GLU B 511 -8.21 -34.35 -24.08
N LEU B 512 -6.93 -34.70 -23.97
CA LEU B 512 -5.84 -33.92 -24.53
C LEU B 512 -4.87 -34.78 -25.30
N GLY B 513 -4.23 -34.17 -26.29
CA GLY B 513 -3.17 -34.85 -27.02
C GLY B 513 -2.16 -33.85 -27.53
N VAL B 514 -0.96 -34.34 -27.81
CA VAL B 514 0.09 -33.59 -28.49
C VAL B 514 0.67 -34.49 -29.56
N HIS B 515 0.52 -34.10 -30.81
CA HIS B 515 0.85 -34.92 -31.97
C HIS B 515 2.00 -34.29 -32.74
N ALA B 516 3.06 -35.06 -32.97
CA ALA B 516 4.25 -34.56 -33.63
C ALA B 516 4.28 -34.95 -35.11
N ARG B 517 4.95 -34.10 -35.89
CA ARG B 517 5.29 -34.39 -37.28
C ARG B 517 6.62 -33.72 -37.61
N TYR B 518 7.53 -34.48 -38.22
CA TYR B 518 8.77 -33.94 -38.77
C TYR B 518 8.92 -34.47 -40.18
N ARG B 519 9.80 -33.84 -40.94
CA ARG B 519 10.10 -34.29 -42.30
C ARG B 519 11.61 -34.53 -42.43
N SER B 520 11.96 -35.43 -43.34
CA SER B 520 13.37 -35.80 -43.49
C SER B 520 14.17 -34.57 -43.91
N GLY B 521 15.24 -34.30 -43.17
CA GLY B 521 16.05 -33.13 -43.44
C GLY B 521 15.35 -31.82 -43.19
N GLY B 522 14.22 -31.83 -42.48
CA GLY B 522 13.52 -30.60 -42.19
C GLY B 522 14.14 -29.91 -41.00
N ASP B 523 13.71 -28.68 -40.78
CA ASP B 523 14.37 -27.82 -39.80
C ASP B 523 13.76 -27.91 -38.41
N ALA B 524 12.55 -28.45 -38.29
CA ALA B 524 11.81 -28.27 -37.06
C ALA B 524 10.81 -29.41 -36.86
N LEU B 525 10.42 -29.61 -35.61
CA LEU B 525 9.36 -30.52 -35.24
C LEU B 525 8.10 -29.69 -35.12
N SER B 526 7.03 -30.13 -35.78
CA SER B 526 5.71 -29.55 -35.60
C SER B 526 4.94 -30.30 -34.51
N LEU B 527 4.33 -29.56 -33.59
CA LEU B 527 3.44 -30.12 -32.58
C LEU B 527 2.05 -29.56 -32.75
N THR B 528 1.05 -30.42 -32.69
CA THR B 528 -0.35 -30.03 -32.61
C THR B 528 -0.83 -30.30 -31.18
N PHE B 529 -1.31 -29.25 -30.52
CA PHE B 529 -1.86 -29.33 -29.17
C PHE B 529 -3.37 -29.46 -29.32
N ALA B 530 -3.89 -30.64 -29.03
CA ALA B 530 -5.28 -30.95 -29.33
C ALA B 530 -6.10 -31.09 -28.06
N ASN B 531 -7.21 -30.38 -27.99
CA ASN B 531 -8.13 -30.47 -26.86
C ASN B 531 -9.50 -30.91 -27.37
N THR B 532 -9.86 -32.17 -27.14
CA THR B 532 -11.14 -32.70 -27.57
C THR B 532 -12.13 -32.88 -26.43
N GLY B 533 -11.82 -32.36 -25.24
CA GLY B 533 -12.69 -32.42 -24.09
C GLY B 533 -13.54 -31.16 -23.93
N LYS B 534 -14.13 -31.01 -22.73
CA LYS B 534 -15.10 -29.97 -22.51
C LYS B 534 -14.56 -28.78 -21.71
N ALA B 535 -13.33 -28.85 -21.21
CA ALA B 535 -12.68 -27.73 -20.54
C ALA B 535 -11.38 -27.40 -21.25
N GLY B 536 -11.03 -26.12 -21.27
CA GLY B 536 -9.75 -25.71 -21.81
C GLY B 536 -8.60 -26.12 -20.93
N ALA B 537 -7.40 -26.03 -21.50
CA ALA B 537 -6.20 -26.47 -20.79
C ALA B 537 -4.97 -25.72 -21.29
N VAL B 538 -3.95 -25.68 -20.45
CA VAL B 538 -2.65 -25.11 -20.81
C VAL B 538 -1.64 -26.24 -20.93
N PHE B 539 -0.94 -26.30 -22.06
CA PHE B 539 0.22 -27.16 -22.27
C PHE B 539 1.48 -26.34 -22.07
N GLN B 540 2.40 -26.83 -21.24
CA GLN B 540 3.65 -26.14 -20.97
C GLN B 540 4.74 -26.94 -21.65
N VAL B 541 5.53 -26.28 -22.49
CA VAL B 541 6.54 -26.95 -23.31
C VAL B 541 7.91 -26.57 -22.78
N PHE B 542 8.60 -27.55 -22.22
CA PHE B 542 9.96 -27.38 -21.73
C PHE B 542 10.92 -27.91 -22.78
N ASP B 543 11.89 -27.07 -23.16
CA ASP B 543 12.96 -27.41 -24.09
C ASP B 543 14.18 -27.81 -23.27
N LEU B 544 14.44 -29.10 -23.18
CA LEU B 544 15.53 -29.57 -22.35
C LEU B 544 16.90 -29.29 -22.98
N LEU B 545 16.94 -28.80 -24.22
CA LEU B 545 18.20 -28.38 -24.83
C LEU B 545 18.45 -26.88 -24.73
N ASP B 546 17.54 -26.11 -24.11
CA ASP B 546 17.68 -24.67 -23.97
C ASP B 546 17.54 -24.33 -22.48
N SER B 547 18.65 -24.05 -21.80
CA SER B 547 18.60 -23.72 -20.39
C SER B 547 18.42 -22.24 -20.13
N GLU B 548 18.33 -21.41 -21.16
CA GLU B 548 18.25 -19.97 -20.99
C GLU B 548 16.83 -19.44 -21.09
N ASN B 549 16.09 -19.89 -22.09
CA ASN B 549 14.79 -19.28 -22.35
C ASN B 549 13.71 -19.94 -21.51
N PRO B 550 12.58 -19.26 -21.30
CA PRO B 550 11.54 -19.82 -20.48
C PRO B 550 10.69 -20.82 -21.26
N PRO B 551 10.00 -21.72 -20.58
CA PRO B 551 9.09 -22.65 -21.27
C PRO B 551 7.96 -21.90 -21.96
N LYS B 552 7.53 -22.42 -23.09
CA LYS B 552 6.39 -21.84 -23.81
C LYS B 552 5.08 -22.44 -23.33
N ARG B 553 4.03 -21.63 -23.35
CA ARG B 553 2.73 -22.03 -22.84
C ARG B 553 1.67 -21.88 -23.92
N TYR B 554 0.87 -22.93 -24.10
CA TYR B 554 -0.15 -23.01 -25.14
C TYR B 554 -1.52 -23.21 -24.48
N THR B 555 -2.40 -22.21 -24.58
CA THR B 555 -3.76 -22.33 -24.08
C THR B 555 -4.67 -22.82 -25.20
N VAL B 556 -5.28 -23.99 -24.99
CA VAL B 556 -6.14 -24.61 -26.00
C VAL B 556 -7.50 -24.80 -25.37
N GLY B 557 -8.48 -24.07 -25.87
CA GLY B 557 -9.82 -24.19 -25.34
C GLY B 557 -10.44 -25.53 -25.67
N ALA B 558 -11.58 -25.78 -25.01
CA ALA B 558 -12.34 -27.00 -25.30
C ALA B 558 -12.65 -27.11 -26.79
N ARG B 559 -12.43 -28.32 -27.33
CA ARG B 559 -12.79 -28.64 -28.72
C ARG B 559 -12.06 -27.74 -29.72
N LYS B 560 -10.76 -27.54 -29.48
CA LYS B 560 -9.90 -26.72 -30.31
C LYS B 560 -8.55 -27.42 -30.42
N ARG B 561 -7.79 -27.07 -31.46
CA ARG B 561 -6.39 -27.46 -31.54
C ARG B 561 -5.56 -26.33 -32.14
N LEU B 562 -4.33 -26.20 -31.62
CA LEU B 562 -3.32 -25.20 -31.96
C LEU B 562 -2.09 -25.94 -32.47
N HIS B 563 -1.23 -25.22 -33.19
CA HIS B 563 0.00 -25.79 -33.76
C HIS B 563 1.17 -24.83 -33.55
N ASP B 564 2.37 -25.39 -33.38
CA ASP B 564 3.56 -24.57 -33.44
C ASP B 564 4.74 -25.41 -33.92
N SER B 565 5.84 -24.73 -34.25
CA SER B 565 7.06 -25.35 -34.75
C SER B 565 8.17 -25.17 -33.73
N PHE B 566 9.03 -26.18 -33.61
CA PHE B 566 10.09 -26.21 -32.60
C PHE B 566 11.37 -26.62 -33.29
N GLN B 567 12.39 -25.77 -33.20
CA GLN B 567 13.58 -25.91 -34.01
C GLN B 567 14.50 -26.97 -33.43
N GLY B 568 15.18 -27.68 -34.32
CA GLY B 568 16.33 -28.46 -33.91
C GLY B 568 17.48 -27.57 -33.51
N ASP B 569 18.39 -28.11 -32.71
CA ASP B 569 19.56 -27.34 -32.33
C ASP B 569 20.63 -27.45 -33.42
N ALA B 570 21.87 -27.09 -33.09
CA ALA B 570 22.92 -27.05 -34.12
C ALA B 570 23.10 -28.40 -34.79
N SER B 571 22.94 -29.49 -34.03
CA SER B 571 23.10 -30.84 -34.54
C SER B 571 21.79 -31.42 -35.08
N GLY B 572 20.70 -30.67 -35.03
CA GLY B 572 19.39 -31.19 -35.40
C GLY B 572 18.65 -31.91 -34.31
N ASP B 573 19.16 -31.88 -33.08
CA ASP B 573 18.54 -32.56 -31.96
C ASP B 573 17.36 -31.77 -31.41
N TYR B 574 16.38 -32.49 -30.89
CA TYR B 574 15.31 -31.87 -30.12
C TYR B 574 14.99 -32.74 -28.92
N HIS B 575 14.54 -32.08 -27.84
CA HIS B 575 14.11 -32.79 -26.65
C HIS B 575 13.13 -31.87 -25.93
N LEU B 576 11.84 -32.20 -26.04
CA LEU B 576 10.75 -31.38 -25.51
C LEU B 576 9.94 -32.19 -24.52
N GLU B 577 9.66 -31.61 -23.36
CA GLU B 577 8.76 -32.17 -22.36
C GLU B 577 7.50 -31.30 -22.31
N VAL B 578 6.35 -31.87 -22.64
CA VAL B 578 5.09 -31.14 -22.64
C VAL B 578 4.22 -31.63 -21.49
N HIS B 579 3.85 -30.73 -20.59
CA HIS B 579 3.04 -31.03 -19.44
C HIS B 579 1.66 -30.40 -19.57
N GLY B 580 0.65 -31.12 -19.10
CA GLY B 580 -0.70 -30.59 -18.96
C GLY B 580 -1.29 -30.99 -17.62
N PRO B 581 -2.59 -30.80 -17.46
CA PRO B 581 -3.22 -31.06 -16.16
C PRO B 581 -3.22 -32.54 -15.77
N ASN B 582 -3.25 -32.76 -14.45
CA ASN B 582 -3.30 -34.07 -13.80
C ASN B 582 -2.34 -35.06 -14.41
N GLY B 583 -1.08 -34.66 -14.47
CA GLY B 583 -0.04 -35.59 -14.85
C GLY B 583 0.08 -35.84 -16.33
N PHE B 584 -0.63 -35.07 -17.15
CA PHE B 584 -0.50 -35.25 -18.61
C PHE B 584 0.92 -34.95 -19.05
N LEU B 585 1.51 -35.85 -19.84
CA LEU B 585 2.88 -35.73 -20.29
C LEU B 585 3.01 -36.24 -21.71
N ARG B 586 3.67 -35.47 -22.56
CA ARG B 586 4.12 -35.94 -23.87
C ARG B 586 5.57 -35.49 -24.04
N VAL B 587 6.46 -36.45 -24.30
CA VAL B 587 7.88 -36.19 -24.48
C VAL B 587 8.24 -36.52 -25.93
N PHE B 588 9.08 -35.67 -26.51
CA PHE B 588 9.53 -35.81 -27.89
C PHE B 588 11.04 -35.65 -27.91
N ARG B 589 11.74 -36.68 -28.33
CA ARG B 589 13.19 -36.58 -28.53
C ARG B 589 13.57 -37.24 -29.83
N GLY B 590 14.60 -36.71 -30.46
CA GLY B 590 15.06 -37.27 -31.72
C GLY B 590 15.99 -36.31 -32.41
N ASN B 591 16.27 -36.62 -33.68
CA ASN B 591 17.15 -35.82 -34.52
C ASN B 591 16.48 -35.63 -35.88
N LEU B 592 16.64 -34.43 -36.45
CA LEU B 592 15.94 -34.07 -37.67
C LEU B 592 16.82 -34.12 -38.91
N ALA B 593 18.11 -34.44 -38.77
CA ALA B 593 19.05 -34.35 -39.89
C ALA B 593 19.29 -35.72 -40.51
N ARG B 599 20.99 -43.41 -47.25
CA ARG B 599 20.21 -42.19 -47.37
C ARG B 599 18.71 -42.48 -47.39
N LYS B 600 18.36 -43.76 -47.21
CA LYS B 600 16.96 -44.22 -47.25
C LYS B 600 16.68 -44.96 -45.95
N ALA B 601 16.28 -44.21 -44.92
CA ALA B 601 16.16 -44.77 -43.58
C ALA B 601 14.75 -44.60 -43.02
N PRO B 602 14.45 -45.16 -41.86
CA PRO B 602 13.09 -45.06 -41.32
C PRO B 602 12.81 -43.69 -40.74
N LEU B 603 11.53 -43.32 -40.77
CA LEU B 603 11.04 -42.06 -40.22
C LEU B 603 9.88 -42.39 -39.29
N PRO B 604 10.16 -42.86 -38.07
CA PRO B 604 9.09 -43.28 -37.18
C PRO B 604 8.35 -42.10 -36.54
N GLU B 605 7.10 -42.34 -36.18
CA GLU B 605 6.27 -41.38 -35.47
C GLU B 605 5.19 -42.13 -34.72
N VAL B 606 4.57 -41.47 -33.73
CA VAL B 606 3.46 -42.08 -33.01
C VAL B 606 2.26 -41.12 -33.01
N ARG B 607 1.08 -41.72 -32.90
CA ARG B 607 -0.13 -40.95 -32.64
C ARG B 607 -0.94 -41.71 -31.59
N ILE B 608 -1.26 -41.05 -30.48
CA ILE B 608 -1.96 -41.64 -29.36
C ILE B 608 -3.41 -41.16 -29.37
N ASP B 609 -4.34 -42.10 -29.29
CA ASP B 609 -5.76 -41.80 -29.23
C ASP B 609 -6.44 -42.60 -28.12
N TYR B 610 -7.55 -42.04 -27.64
CA TYR B 610 -8.34 -42.66 -26.58
C TYR B 610 -9.56 -43.38 -27.14
N GLU B 611 -9.90 -44.51 -26.50
CA GLU B 611 -11.17 -45.20 -26.70
C GLU B 611 -11.85 -45.29 -25.35
N PRO B 612 -12.40 -44.19 -24.83
CA PRO B 612 -12.88 -44.21 -23.45
C PRO B 612 -14.06 -45.13 -23.21
N LEU B 613 -14.98 -45.26 -24.19
CA LEU B 613 -16.11 -46.16 -24.00
C LEU B 613 -15.68 -47.62 -23.93
N PHE B 614 -14.55 -47.96 -24.56
CA PHE B 614 -14.08 -49.32 -24.54
C PHE B 614 -12.96 -49.54 -23.53
N GLY B 615 -12.52 -48.48 -22.85
CA GLY B 615 -11.45 -48.60 -21.88
C GLY B 615 -10.06 -48.82 -22.44
N ASN B 616 -9.80 -48.41 -23.68
CA ASN B 616 -8.53 -48.68 -24.32
C ASN B 616 -7.79 -47.39 -24.66
N LEU B 617 -6.48 -47.52 -24.70
CA LEU B 617 -5.58 -46.58 -25.34
C LEU B 617 -5.16 -47.16 -26.68
N ARG B 618 -5.23 -46.37 -27.74
CA ARG B 618 -4.83 -46.82 -29.07
C ARG B 618 -3.54 -46.13 -29.45
N VAL B 619 -2.51 -46.92 -29.75
CA VAL B 619 -1.17 -46.41 -30.07
C VAL B 619 -0.90 -46.70 -31.54
N GLN B 620 -0.85 -45.66 -32.37
CA GLN B 620 -0.51 -45.81 -33.78
C GLN B 620 0.99 -45.63 -33.96
N LEU B 621 1.62 -46.60 -34.62
CA LEU B 621 3.04 -46.57 -34.90
C LEU B 621 3.23 -46.35 -36.41
N ILE B 622 3.89 -45.25 -36.77
CA ILE B 622 3.95 -44.76 -38.14
C ILE B 622 5.40 -44.80 -38.62
N ASN B 623 5.61 -45.17 -39.88
CA ASN B 623 6.93 -45.14 -40.50
C ASN B 623 6.81 -44.51 -41.89
N ARG B 624 7.31 -43.28 -42.03
CA ARG B 624 7.25 -42.56 -43.29
C ARG B 624 8.52 -42.71 -44.13
N GLY B 625 9.47 -43.51 -43.66
CA GLY B 625 10.74 -43.66 -44.34
C GLY B 625 10.76 -44.81 -45.32
N ARG B 626 11.96 -45.06 -45.85
CA ARG B 626 12.13 -46.03 -46.93
C ARG B 626 12.69 -47.36 -46.44
N HIS B 627 13.15 -47.44 -45.20
CA HIS B 627 13.50 -48.70 -44.56
C HIS B 627 12.50 -49.02 -43.45
N PRO B 628 12.32 -50.30 -43.11
CA PRO B 628 11.43 -50.65 -42.00
C PRO B 628 12.06 -50.23 -40.68
N VAL B 629 11.24 -50.24 -39.64
CA VAL B 629 11.72 -49.91 -38.30
C VAL B 629 10.99 -50.82 -37.32
N LYS B 630 11.72 -51.34 -36.35
CA LYS B 630 11.12 -52.09 -35.26
C LYS B 630 11.00 -51.13 -34.09
N LEU B 631 9.76 -50.86 -33.71
CA LEU B 631 9.42 -49.93 -32.65
C LEU B 631 8.96 -50.71 -31.43
N THR B 632 9.50 -50.35 -30.26
CA THR B 632 9.19 -51.00 -29.01
C THR B 632 8.36 -50.03 -28.16
N VAL B 633 7.22 -50.52 -27.68
CA VAL B 633 6.34 -49.78 -26.77
C VAL B 633 6.57 -50.38 -25.39
N LYS B 634 7.14 -49.60 -24.46
CA LYS B 634 7.49 -50.09 -23.14
C LYS B 634 6.73 -49.34 -22.05
N ASP B 635 6.04 -50.08 -21.19
CA ASP B 635 5.47 -49.48 -19.98
C ASP B 635 6.56 -48.99 -19.03
N ASN B 636 6.30 -47.84 -18.42
CA ASN B 636 7.23 -47.22 -17.51
C ASN B 636 6.87 -47.41 -16.04
N VAL B 637 5.62 -47.74 -15.70
CA VAL B 637 5.30 -47.85 -14.28
C VAL B 637 4.09 -48.69 -13.89
N TYR B 638 3.13 -48.92 -14.81
CA TYR B 638 1.85 -49.51 -14.39
C TYR B 638 1.73 -51.00 -14.67
N ARG B 639 2.63 -51.55 -15.47
CA ARG B 639 2.51 -52.92 -15.97
C ARG B 639 3.85 -53.62 -15.85
N GLN B 640 4.63 -53.26 -14.83
CA GLN B 640 5.90 -53.92 -14.53
C GLN B 640 6.85 -53.95 -15.74
N GLY B 641 6.78 -52.92 -16.59
CA GLY B 641 7.72 -52.78 -17.69
C GLY B 641 7.42 -53.62 -18.91
N GLU B 642 6.21 -54.15 -19.00
CA GLU B 642 5.79 -54.90 -20.17
C GLU B 642 6.17 -54.18 -21.46
N ARG B 643 6.63 -54.96 -22.42
CA ARG B 643 7.16 -54.45 -23.67
C ARG B 643 6.42 -55.12 -24.83
N ARG B 644 6.19 -54.36 -25.91
CA ARG B 644 5.69 -54.93 -27.14
C ARG B 644 6.53 -54.36 -28.28
N THR B 645 6.93 -55.21 -29.21
CA THR B 645 7.78 -54.78 -30.32
C THR B 645 7.03 -55.05 -31.61
N VAL B 646 7.03 -54.05 -32.50
CA VAL B 646 6.27 -54.08 -33.75
C VAL B 646 7.16 -53.63 -34.88
N ASN B 647 7.25 -54.44 -35.93
CA ASN B 647 7.96 -54.04 -37.14
C ASN B 647 6.98 -53.30 -38.04
N VAL B 648 7.35 -52.09 -38.43
CA VAL B 648 6.49 -51.28 -39.29
C VAL B 648 7.21 -51.08 -40.62
N PRO B 649 6.69 -51.64 -41.71
CA PRO B 649 7.37 -51.50 -43.01
C PRO B 649 7.41 -50.07 -43.48
N PRO B 650 8.23 -49.77 -44.49
CA PRO B 650 8.24 -48.42 -45.06
C PRO B 650 6.87 -48.00 -45.54
N GLY B 651 6.53 -46.75 -45.26
CA GLY B 651 5.27 -46.16 -45.70
C GLY B 651 4.02 -46.77 -45.12
N GLN B 652 4.12 -47.45 -43.98
CA GLN B 652 2.96 -48.10 -43.39
C GLN B 652 2.83 -47.67 -41.93
N ARG B 653 1.73 -48.09 -41.32
CA ARG B 653 1.50 -47.89 -39.91
C ARG B 653 0.89 -49.15 -39.32
N ARG B 654 1.02 -49.27 -38.00
CA ARG B 654 0.48 -50.39 -37.25
C ARG B 654 -0.13 -49.84 -35.98
N GLU B 655 -1.13 -50.54 -35.46
CA GLU B 655 -1.91 -50.12 -34.30
C GLU B 655 -1.71 -51.13 -33.18
N VAL B 656 -1.54 -50.64 -31.96
CA VAL B 656 -1.48 -51.45 -30.76
C VAL B 656 -2.46 -50.89 -29.76
N ARG B 657 -3.28 -51.74 -29.17
CA ARG B 657 -4.28 -51.29 -28.21
C ARG B 657 -3.94 -51.85 -26.85
N TYR B 658 -4.13 -51.03 -25.83
CA TYR B 658 -3.96 -51.41 -24.44
C TYR B 658 -5.26 -51.18 -23.71
N SER B 659 -5.76 -52.20 -23.03
CA SER B 659 -6.81 -52.02 -22.04
C SER B 659 -6.18 -51.43 -20.78
N LEU B 660 -6.71 -50.29 -20.32
CA LEU B 660 -6.20 -49.62 -19.14
C LEU B 660 -7.05 -49.93 -17.90
N ARG B 661 -7.87 -50.96 -17.96
CA ARG B 661 -8.73 -51.27 -16.83
C ARG B 661 -7.90 -51.57 -15.58
N SER B 662 -6.79 -52.30 -15.74
CA SER B 662 -6.00 -52.73 -14.59
C SER B 662 -5.32 -51.56 -13.89
N SER B 663 -5.13 -50.44 -14.57
CA SER B 663 -4.43 -49.29 -14.00
C SER B 663 -5.36 -48.10 -13.81
N GLY B 664 -6.67 -48.35 -13.78
CA GLY B 664 -7.62 -47.27 -13.54
C GLY B 664 -7.53 -46.17 -14.58
N ASN B 665 -7.24 -46.53 -15.83
CA ASN B 665 -7.12 -45.64 -16.98
C ASN B 665 -5.85 -44.78 -16.95
N TRP B 666 -4.95 -45.03 -16.02
CA TRP B 666 -3.62 -44.42 -16.07
C TRP B 666 -2.72 -45.16 -17.05
N TYR B 667 -1.85 -44.41 -17.72
CA TYR B 667 -0.89 -44.97 -18.66
C TYR B 667 0.43 -44.22 -18.60
N ASP B 668 1.52 -44.92 -18.91
CA ASP B 668 2.83 -44.29 -19.02
C ASP B 668 3.67 -45.22 -19.90
N PHE B 669 3.84 -44.85 -21.16
CA PHE B 669 4.56 -45.70 -22.12
C PHE B 669 5.61 -44.88 -22.84
N SER B 670 6.71 -45.54 -23.21
CA SER B 670 7.72 -44.94 -24.05
C SER B 670 7.92 -45.80 -25.30
N VAL B 671 7.98 -45.13 -26.44
CA VAL B 671 8.26 -45.75 -27.74
C VAL B 671 9.67 -45.39 -28.20
N SER B 672 10.45 -46.41 -28.56
CA SER B 672 11.80 -46.24 -29.06
C SER B 672 11.96 -47.07 -30.34
N ALA B 673 13.01 -46.76 -31.09
CA ALA B 673 13.26 -47.41 -32.37
C ALA B 673 14.59 -48.14 -32.31
N GLN B 674 14.58 -49.40 -32.71
CA GLN B 674 15.83 -50.15 -32.80
C GLN B 674 16.81 -49.41 -33.70
N GLY B 675 18.04 -49.25 -33.22
CA GLY B 675 19.07 -48.57 -33.96
C GLY B 675 19.17 -47.08 -33.77
N SER B 676 18.33 -46.48 -32.91
CA SER B 676 18.42 -45.06 -32.58
C SER B 676 18.56 -44.94 -31.08
N ASP B 677 19.59 -44.24 -30.65
CA ASP B 677 19.77 -43.93 -29.23
C ASP B 677 19.02 -42.67 -28.82
N SER B 678 18.45 -41.93 -29.77
CA SER B 678 17.83 -40.64 -29.48
C SER B 678 16.32 -40.63 -29.61
N PHE B 679 15.75 -41.34 -30.59
CA PHE B 679 14.32 -41.22 -30.82
C PHE B 679 13.52 -41.67 -29.61
N LEU B 680 12.54 -40.85 -29.22
CA LEU B 680 11.68 -41.21 -28.10
C LEU B 680 10.35 -40.50 -28.26
N ARG B 681 9.27 -41.25 -28.00
CA ARG B 681 7.95 -40.66 -27.75
C ARG B 681 7.41 -41.25 -26.45
N ARG B 682 7.25 -40.43 -25.42
CA ARG B 682 6.69 -40.89 -24.18
C ARG B 682 5.33 -40.21 -23.99
N PHE B 683 4.39 -40.96 -23.44
CA PHE B 683 3.04 -40.46 -23.20
C PHE B 683 2.52 -41.01 -21.88
N SER B 684 2.08 -40.10 -21.00
CA SER B 684 1.53 -40.48 -19.72
C SER B 684 0.34 -39.58 -19.41
N GLY B 685 -0.54 -40.10 -18.57
CA GLY B 685 -1.68 -39.36 -18.08
C GLY B 685 -2.78 -40.33 -17.67
N ARG B 686 -3.97 -39.76 -17.52
CA ARG B 686 -5.16 -40.59 -17.24
C ARG B 686 -6.18 -40.34 -18.34
N MET B 687 -6.72 -41.40 -18.88
CA MET B 687 -7.79 -41.31 -19.87
C MET B 687 -9.12 -41.15 -19.15
N GLU B 688 -9.77 -39.99 -19.31
CA GLU B 688 -11.05 -39.74 -18.69
C GLU B 688 -12.16 -40.39 -19.51
N ASP B 689 -13.19 -40.87 -18.82
CA ASP B 689 -14.30 -41.52 -19.50
C ASP B 689 -15.65 -41.09 -18.92
N GLY B 690 -15.69 -39.99 -18.17
CA GLY B 690 -16.93 -39.49 -17.60
C GLY B 690 -17.31 -40.09 -16.26
N ARG B 691 -16.68 -41.17 -15.85
CA ARG B 691 -16.96 -41.81 -14.58
C ARG B 691 -15.84 -41.51 -13.59
N SER B 692 -16.14 -41.69 -12.32
CA SER B 692 -15.12 -41.41 -11.34
C SER B 692 -13.98 -42.41 -11.50
N GLY B 693 -12.83 -42.07 -10.95
CA GLY B 693 -11.65 -42.90 -11.07
C GLY B 693 -10.84 -42.86 -9.79
N PHE B 694 -9.51 -42.87 -9.92
CA PHE B 694 -8.62 -42.81 -8.77
C PHE B 694 -7.44 -41.92 -9.12
N SER B 695 -6.79 -41.43 -8.07
CA SER B 695 -5.52 -40.74 -8.24
C SER B 695 -4.47 -41.69 -8.80
N ASP B 696 -3.38 -41.11 -9.31
CA ASP B 696 -2.30 -41.88 -9.91
C ASP B 696 -1.84 -42.97 -8.96
N PRO B 697 -2.03 -44.25 -9.28
CA PRO B 697 -1.54 -45.31 -8.39
C PRO B 697 -0.04 -45.30 -8.18
N GLY B 698 0.72 -44.66 -9.06
CA GLY B 698 2.13 -44.48 -8.86
C GLY B 698 2.54 -43.27 -8.06
N MET B 699 1.61 -42.47 -7.56
CA MET B 699 1.98 -41.34 -6.74
C MET B 699 2.90 -41.81 -5.63
N GLY B 700 4.00 -41.10 -5.43
CA GLY B 700 5.00 -41.48 -4.47
C GLY B 700 6.28 -41.95 -5.11
N LEU B 701 6.22 -42.45 -6.36
CA LEU B 701 7.40 -43.00 -7.00
C LEU B 701 8.33 -41.94 -7.60
N GLY B 702 7.90 -40.68 -7.68
CA GLY B 702 8.78 -39.70 -8.32
C GLY B 702 9.11 -40.13 -9.74
N THR B 703 10.38 -40.02 -10.14
CA THR B 703 10.78 -40.34 -11.49
C THR B 703 11.16 -41.80 -11.68
N LEU B 704 10.91 -42.67 -10.69
CA LEU B 704 11.20 -44.10 -10.87
C LEU B 704 10.44 -44.65 -12.06
N THR B 705 11.16 -45.29 -12.98
CA THR B 705 10.56 -45.93 -14.15
C THR B 705 11.25 -47.23 -14.45
N PHE B 706 10.50 -48.18 -15.01
CA PHE B 706 11.08 -49.48 -15.35
C PHE B 706 12.08 -49.37 -16.48
CA CA C . -3.04 10.50 8.38
CA CA D . -4.32 6.27 9.74
CA CA E . -2.87 -12.99 1.99
CA CA F . -4.31 -9.98 5.25
#